data_4G3B
# 
_entry.id   4G3B 
# 
_audit_conform.dict_name       mmcif_pdbx.dic 
_audit_conform.dict_version    5.403 
_audit_conform.dict_location   http://mmcif.pdb.org/dictionaries/ascii/mmcif_pdbx.dic 
# 
loop_
_database_2.database_id 
_database_2.database_code 
_database_2.pdbx_database_accession 
_database_2.pdbx_DOI 
PDB   4G3B         pdb_00004g3b 10.2210/pdb4g3b/pdb 
RCSB  RCSB073684   ?            ?                   
WWPDB D_1000073684 ?            ?                   
# 
loop_
_pdbx_audit_revision_history.ordinal 
_pdbx_audit_revision_history.data_content_type 
_pdbx_audit_revision_history.major_revision 
_pdbx_audit_revision_history.minor_revision 
_pdbx_audit_revision_history.revision_date 
_pdbx_audit_revision_history.part_number 
1 'Structure model' 1 0 2012-10-31 ? 
2 'Structure model' 1 1 2012-11-21 ? 
3 'Structure model' 1 2 2017-11-15 ? 
4 'Structure model' 1 3 2025-03-26 ? 
# 
_pdbx_audit_revision_details.ordinal             1 
_pdbx_audit_revision_details.revision_ordinal    1 
_pdbx_audit_revision_details.data_content_type   'Structure model' 
_pdbx_audit_revision_details.provider            repository 
_pdbx_audit_revision_details.type                'Initial release' 
_pdbx_audit_revision_details.description         ? 
_pdbx_audit_revision_details.details             ? 
# 
loop_
_pdbx_audit_revision_group.ordinal 
_pdbx_audit_revision_group.revision_ordinal 
_pdbx_audit_revision_group.data_content_type 
_pdbx_audit_revision_group.group 
1 2 'Structure model' 'Database references'    
2 3 'Structure model' 'Refinement description' 
3 4 'Structure model' 'Data collection'        
4 4 'Structure model' 'Database references'    
5 4 'Structure model' 'Derived calculations'   
6 4 'Structure model' 'Structure summary'      
# 
loop_
_pdbx_audit_revision_category.ordinal 
_pdbx_audit_revision_category.revision_ordinal 
_pdbx_audit_revision_category.data_content_type 
_pdbx_audit_revision_category.category 
1 3 'Structure model' software                  
2 4 'Structure model' chem_comp_atom            
3 4 'Structure model' chem_comp_bond            
4 4 'Structure model' database_2                
5 4 'Structure model' pdbx_entry_details        
6 4 'Structure model' pdbx_modification_feature 
7 4 'Structure model' struct_conn               
8 4 'Structure model' struct_site               
# 
loop_
_pdbx_audit_revision_item.ordinal 
_pdbx_audit_revision_item.revision_ordinal 
_pdbx_audit_revision_item.data_content_type 
_pdbx_audit_revision_item.item 
1 4 'Structure model' '_database_2.pdbx_DOI'                
2 4 'Structure model' '_database_2.pdbx_database_accession' 
3 4 'Structure model' '_struct_conn.pdbx_leaving_atom_flag' 
4 4 'Structure model' '_struct_site.pdbx_auth_asym_id'      
5 4 'Structure model' '_struct_site.pdbx_auth_comp_id'      
6 4 'Structure model' '_struct_site.pdbx_auth_seq_id'       
# 
_pdbx_database_status.entry_id                        4G3B 
_pdbx_database_status.status_code                     REL 
_pdbx_database_status.deposit_site                    RCSB 
_pdbx_database_status.process_site                    RCSB 
_pdbx_database_status.recvd_initial_deposition_date   2012-07-13 
_pdbx_database_status.status_code_sf                  REL 
_pdbx_database_status.status_code_mr                  ? 
_pdbx_database_status.SG_entry                        ? 
_pdbx_database_status.status_code_cs                  ? 
_pdbx_database_status.methods_development_category    ? 
_pdbx_database_status.pdb_format_compatible           Y 
_pdbx_database_status.status_code_nmr_data            ? 
# 
loop_
_pdbx_database_related.db_name 
_pdbx_database_related.db_id 
_pdbx_database_related.details 
_pdbx_database_related.content_type 
PDB 3TWE . unspecified 
PDB 3TWF . unspecified 
PDB 3TWG . unspecified 
PDB 4G4L . unspecified 
PDB 4G4M . unspecified 
# 
loop_
_audit_author.name 
_audit_author.pdbx_ordinal 
'Buer, B.C.'    1 
'Meagher, J.L.' 2 
'Stuckey, J.A.' 3 
'Marsh, E.N.G.' 4 
# 
_citation.id                        primary 
_citation.title                     
;Comparison of the structures and stabilities of coiled-coil proteins containing hexafluoroleucine and t-butylalanine provides insight into the stabilizing effects of highly fluorinated amino acid side-chains.
;
_citation.journal_abbrev            'Protein Sci.' 
_citation.journal_volume            21 
_citation.page_first                1705 
_citation.page_last                 1715 
_citation.year                      2012 
_citation.journal_id_ASTM           PRCIEI 
_citation.country                   US 
_citation.journal_id_ISSN           0961-8368 
_citation.journal_id_CSD            0795 
_citation.book_publisher            ? 
_citation.pdbx_database_id_PubMed   22930450 
_citation.pdbx_database_id_DOI      10.1002/pro.2150 
# 
loop_
_citation_author.citation_id 
_citation_author.name 
_citation_author.ordinal 
_citation_author.identifier_ORCID 
primary 'Buer, B.C.'    1 ? 
primary 'Meagher, J.L.' 2 ? 
primary 'Stuckey, J.A.' 3 ? 
primary 'Marsh, E.N.'   4 ? 
# 
loop_
_entity.id 
_entity.type 
_entity.src_method 
_entity.pdbx_description 
_entity.formula_weight 
_entity.pdbx_number_of_molecules 
_entity.pdbx_ec 
_entity.pdbx_mutation 
_entity.pdbx_fragment 
_entity.details 
1 polymer     syn alpha4F3d      3533.529 2  ? ? ? ? 
2 non-polymer syn 'ACETYL GROUP' 44.053   1  ? ? ? ? 
3 water       nat water          18.015   49 ? ? ? ? 
# 
_entity_poly.entity_id                      1 
_entity_poly.type                           'polypeptide(L)' 
_entity_poly.nstd_linkage                   no 
_entity_poly.nstd_monomer                   yes 
_entity_poly.pdbx_seq_one_letter_code       'GNADE(6FL)YKELED(6FL)QERLRK(6FL)RKKLRS' 
_entity_poly.pdbx_seq_one_letter_code_can   GNADEXYKELEDXQERLRKXRKKLRS 
_entity_poly.pdbx_strand_id                 A,B 
_entity_poly.pdbx_target_identifier         ? 
# 
loop_
_pdbx_entity_nonpoly.entity_id 
_pdbx_entity_nonpoly.name 
_pdbx_entity_nonpoly.comp_id 
2 'ACETYL GROUP' ACE 
3 water          HOH 
# 
loop_
_entity_poly_seq.entity_id 
_entity_poly_seq.num 
_entity_poly_seq.mon_id 
_entity_poly_seq.hetero 
1 1  GLY n 
1 2  ASN n 
1 3  ALA n 
1 4  ASP n 
1 5  GLU n 
1 6  6FL n 
1 7  TYR n 
1 8  LYS n 
1 9  GLU n 
1 10 LEU n 
1 11 GLU n 
1 12 ASP n 
1 13 6FL n 
1 14 GLN n 
1 15 GLU n 
1 16 ARG n 
1 17 LEU n 
1 18 ARG n 
1 19 LYS n 
1 20 6FL n 
1 21 ARG n 
1 22 LYS n 
1 23 LYS n 
1 24 LEU n 
1 25 ARG n 
1 26 SER n 
# 
_pdbx_entity_src_syn.entity_id              1 
_pdbx_entity_src_syn.pdbx_src_id            1 
_pdbx_entity_src_syn.pdbx_alt_source_flag   sample 
_pdbx_entity_src_syn.pdbx_beg_seq_num       ? 
_pdbx_entity_src_syn.pdbx_end_seq_num       ? 
_pdbx_entity_src_syn.organism_scientific    ? 
_pdbx_entity_src_syn.organism_common_name   ? 
_pdbx_entity_src_syn.ncbi_taxonomy_id       ? 
_pdbx_entity_src_syn.details                synthesized 
# 
loop_
_chem_comp.id 
_chem_comp.type 
_chem_comp.mon_nstd_flag 
_chem_comp.name 
_chem_comp.pdbx_synonyms 
_chem_comp.formula 
_chem_comp.formula_weight 
6FL 'L-peptide linking' . "5,5,5,5',5',5'-hexafluoro-L-leucine" ? 'C6 H7 F6 N O2'  239.116 
ACE non-polymer         . 'ACETYL GROUP'                        ? 'C2 H4 O'        44.053  
ALA 'L-peptide linking' y ALANINE                               ? 'C3 H7 N O2'     89.093  
ARG 'L-peptide linking' y ARGININE                              ? 'C6 H15 N4 O2 1' 175.209 
ASN 'L-peptide linking' y ASPARAGINE                            ? 'C4 H8 N2 O3'    132.118 
ASP 'L-peptide linking' y 'ASPARTIC ACID'                       ? 'C4 H7 N O4'     133.103 
GLN 'L-peptide linking' y GLUTAMINE                             ? 'C5 H10 N2 O3'   146.144 
GLU 'L-peptide linking' y 'GLUTAMIC ACID'                       ? 'C5 H9 N O4'     147.129 
GLY 'peptide linking'   y GLYCINE                               ? 'C2 H5 N O2'     75.067  
HOH non-polymer         . WATER                                 ? 'H2 O'           18.015  
LEU 'L-peptide linking' y LEUCINE                               ? 'C6 H13 N O2'    131.173 
LYS 'L-peptide linking' y LYSINE                                ? 'C6 H15 N2 O2 1' 147.195 
SER 'L-peptide linking' y SERINE                                ? 'C3 H7 N O3'     105.093 
TYR 'L-peptide linking' y TYROSINE                              ? 'C9 H11 N O3'    181.189 
# 
loop_
_pdbx_poly_seq_scheme.asym_id 
_pdbx_poly_seq_scheme.entity_id 
_pdbx_poly_seq_scheme.seq_id 
_pdbx_poly_seq_scheme.mon_id 
_pdbx_poly_seq_scheme.ndb_seq_num 
_pdbx_poly_seq_scheme.pdb_seq_num 
_pdbx_poly_seq_scheme.auth_seq_num 
_pdbx_poly_seq_scheme.pdb_mon_id 
_pdbx_poly_seq_scheme.auth_mon_id 
_pdbx_poly_seq_scheme.pdb_strand_id 
_pdbx_poly_seq_scheme.pdb_ins_code 
_pdbx_poly_seq_scheme.hetero 
A 1 1  GLY 1  1  1  GLY GLY A . n 
A 1 2  ASN 2  2  2  ASN ASN A . n 
A 1 3  ALA 3  3  3  ALA ALA A . n 
A 1 4  ASP 4  4  4  ASP ASP A . n 
A 1 5  GLU 5  5  5  GLU GLU A . n 
A 1 6  6FL 6  6  6  6FL 6FL A . n 
A 1 7  TYR 7  7  7  TYR TYR A . n 
A 1 8  LYS 8  8  8  LYS LYS A . n 
A 1 9  GLU 9  9  9  GLU GLU A . n 
A 1 10 LEU 10 10 10 LEU LEU A . n 
A 1 11 GLU 11 11 11 GLU GLU A . n 
A 1 12 ASP 12 12 12 ASP ASP A . n 
A 1 13 6FL 13 13 13 6FL 6FL A . n 
A 1 14 GLN 14 14 14 GLN GLN A . n 
A 1 15 GLU 15 15 15 GLU GLU A . n 
A 1 16 ARG 16 16 16 ARG ARG A . n 
A 1 17 LEU 17 17 17 LEU LEU A . n 
A 1 18 ARG 18 18 18 ARG ARG A . n 
A 1 19 LYS 19 19 19 LYS LYS A . n 
A 1 20 6FL 20 20 20 6FL 6FL A . n 
A 1 21 ARG 21 21 21 ARG ARG A . n 
A 1 22 LYS 22 22 22 LYS LYS A . n 
A 1 23 LYS 23 23 23 LYS LYS A . n 
A 1 24 LEU 24 24 24 LEU LEU A . n 
A 1 25 ARG 25 25 25 ARG ARG A . n 
A 1 26 SER 26 26 26 SER SER A . n 
B 1 1  GLY 1  1  1  GLY GLY B . n 
B 1 2  ASN 2  2  2  ASN ASN B . n 
B 1 3  ALA 3  3  3  ALA ALA B . n 
B 1 4  ASP 4  4  4  ASP ASP B . n 
B 1 5  GLU 5  5  5  GLU GLU B . n 
B 1 6  6FL 6  6  6  6FL 6FL B . n 
B 1 7  TYR 7  7  7  TYR TYR B . n 
B 1 8  LYS 8  8  8  LYS LYS B . n 
B 1 9  GLU 9  9  9  GLU GLU B . n 
B 1 10 LEU 10 10 10 LEU LEU B . n 
B 1 11 GLU 11 11 11 GLU GLU B . n 
B 1 12 ASP 12 12 12 ASP ASP B . n 
B 1 13 6FL 13 13 13 6FL 6FL B . n 
B 1 14 GLN 14 14 14 GLN GLN B . n 
B 1 15 GLU 15 15 15 GLU GLU B . n 
B 1 16 ARG 16 16 16 ARG ARG B . n 
B 1 17 LEU 17 17 17 LEU LEU B . n 
B 1 18 ARG 18 18 18 ARG ARG B . n 
B 1 19 LYS 19 19 19 LYS LYS B . n 
B 1 20 6FL 20 20 20 6FL 6FL B . n 
B 1 21 ARG 21 21 21 ARG ARG B . n 
B 1 22 LYS 22 22 22 LYS LYS B . n 
B 1 23 LYS 23 23 23 LYS LYS B . n 
B 1 24 LEU 24 24 24 LEU LEU B . n 
B 1 25 ARG 25 25 25 ARG ARG B . n 
B 1 26 SER 26 26 26 SER SER B . n 
# 
loop_
_pdbx_nonpoly_scheme.asym_id 
_pdbx_nonpoly_scheme.entity_id 
_pdbx_nonpoly_scheme.mon_id 
_pdbx_nonpoly_scheme.ndb_seq_num 
_pdbx_nonpoly_scheme.pdb_seq_num 
_pdbx_nonpoly_scheme.auth_seq_num 
_pdbx_nonpoly_scheme.pdb_mon_id 
_pdbx_nonpoly_scheme.auth_mon_id 
_pdbx_nonpoly_scheme.pdb_strand_id 
_pdbx_nonpoly_scheme.pdb_ins_code 
C 2 ACE 1  101 1  ACE ACE B . 
D 3 HOH 1  101 7  HOH HOH A . 
D 3 HOH 2  102 9  HOH HOH A . 
D 3 HOH 3  103 13 HOH HOH A . 
D 3 HOH 4  104 16 HOH HOH A . 
D 3 HOH 5  105 18 HOH HOH A . 
D 3 HOH 6  106 19 HOH HOH A . 
D 3 HOH 7  107 20 HOH HOH A . 
D 3 HOH 8  108 23 HOH HOH A . 
D 3 HOH 9  109 24 HOH HOH A . 
D 3 HOH 10 110 25 HOH HOH A . 
D 3 HOH 11 111 26 HOH HOH A . 
D 3 HOH 12 112 27 HOH HOH A . 
D 3 HOH 13 113 28 HOH HOH A . 
D 3 HOH 14 114 31 HOH HOH A . 
D 3 HOH 15 115 34 HOH HOH A . 
D 3 HOH 16 116 35 HOH HOH A . 
D 3 HOH 17 117 36 HOH HOH A . 
D 3 HOH 18 118 38 HOH HOH A . 
D 3 HOH 19 119 41 HOH HOH A . 
D 3 HOH 20 120 42 HOH HOH A . 
D 3 HOH 21 121 43 HOH HOH A . 
D 3 HOH 22 122 45 HOH HOH A . 
E 3 HOH 1  201 1  HOH HOH B . 
E 3 HOH 2  202 2  HOH HOH B . 
E 3 HOH 3  203 3  HOH HOH B . 
E 3 HOH 4  204 4  HOH HOH B . 
E 3 HOH 5  205 5  HOH HOH B . 
E 3 HOH 6  206 6  HOH HOH B . 
E 3 HOH 7  207 8  HOH HOH B . 
E 3 HOH 8  208 10 HOH HOH B . 
E 3 HOH 9  209 11 HOH HOH B . 
E 3 HOH 10 210 12 HOH HOH B . 
E 3 HOH 11 211 14 HOH HOH B . 
E 3 HOH 12 212 15 HOH HOH B . 
E 3 HOH 13 213 17 HOH HOH B . 
E 3 HOH 14 214 21 HOH HOH B . 
E 3 HOH 15 215 22 HOH HOH B . 
E 3 HOH 16 216 29 HOH HOH B . 
E 3 HOH 17 217 30 HOH HOH B . 
E 3 HOH 18 218 32 HOH HOH B . 
E 3 HOH 19 219 33 HOH HOH B . 
E 3 HOH 20 220 37 HOH HOH B . 
E 3 HOH 21 221 39 HOH HOH B . 
E 3 HOH 22 222 40 HOH HOH B . 
E 3 HOH 23 223 44 HOH HOH B . 
E 3 HOH 24 224 46 HOH HOH B . 
E 3 HOH 25 225 47 HOH HOH B . 
E 3 HOH 26 226 48 HOH HOH B . 
E 3 HOH 27 227 49 HOH HOH B . 
# 
loop_
_pdbx_unobs_or_zero_occ_atoms.id 
_pdbx_unobs_or_zero_occ_atoms.PDB_model_num 
_pdbx_unobs_or_zero_occ_atoms.polymer_flag 
_pdbx_unobs_or_zero_occ_atoms.occupancy_flag 
_pdbx_unobs_or_zero_occ_atoms.auth_asym_id 
_pdbx_unobs_or_zero_occ_atoms.auth_comp_id 
_pdbx_unobs_or_zero_occ_atoms.auth_seq_id 
_pdbx_unobs_or_zero_occ_atoms.PDB_ins_code 
_pdbx_unobs_or_zero_occ_atoms.auth_atom_id 
_pdbx_unobs_or_zero_occ_atoms.label_alt_id 
_pdbx_unobs_or_zero_occ_atoms.label_asym_id 
_pdbx_unobs_or_zero_occ_atoms.label_comp_id 
_pdbx_unobs_or_zero_occ_atoms.label_seq_id 
_pdbx_unobs_or_zero_occ_atoms.label_atom_id 
1 1 Y 1 A LYS 23 ? CE ? A LYS 23 CE 
2 1 Y 1 A LYS 23 ? NZ ? A LYS 23 NZ 
# 
loop_
_software.pdbx_ordinal 
_software.name 
_software.version 
_software.date 
_software.type 
_software.contact_author 
_software.contact_author_email 
_software.classification 
_software.location 
_software.language 
_software.citation_id 
1 DENZO       .              ?                package 'Zbyszek Otwinowski' hkl@hkl-xray.com                 'data reduction'  
http://www.hkl-xray.com/                    ?   ? 
2 SCALEPACK   .              ?                package 'Zbyszek Otwinowski' hkl@hkl-xray.com                 'data scaling'    
http://www.hkl-xray.com/                    ?   ? 
3 PHASER      .              ?                program 'Randy J. Read'      cimr-phaser@lists.cam.ac.uk      phasing           
http://www-structmed.cimr.cam.ac.uk/phaser/ ?   ? 
4 BUSTER-TNT  'BUSTER 2.8.0' ?                program 'Gerard Bricogne'    buster-develop@GlobalPhasing.com refinement        
http://www.globalphasing.com/buster/        ?   ? 
5 PDB_EXTRACT 3.11           'April 22, 2011' package PDB                  deposit@deposit.rcsb.org         'data extraction' 
http://sw-tools.pdb.org/apps/PDB_EXTRACT/   C++ ? 
6 MD2         .              ?                ?       ?                    ?                                'data collection' ? ? 
? 
7 HKL-2000    .              ?                ?       ?                    ?                                'data reduction'  ? ? 
? 
8 HKL-2000    .              ?                ?       ?                    ?                                'data scaling'    ? ? 
? 
9 BUSTER      1.6.0          ?                ?       ?                    ?                                refinement        ? ? 
? 
# 
_cell.length_a           30.819 
_cell.length_b           39.251 
_cell.length_c           41.233 
_cell.angle_alpha        90.000 
_cell.angle_beta         90.000 
_cell.angle_gamma        90.000 
_cell.entry_id           4G3B 
_cell.pdbx_unique_axis   ? 
_cell.Z_PDB              8 
_cell.length_a_esd       ? 
_cell.length_b_esd       ? 
_cell.length_c_esd       ? 
_cell.angle_alpha_esd    ? 
_cell.angle_beta_esd     ? 
_cell.angle_gamma_esd    ? 
# 
_symmetry.space_group_name_H-M             'P 21 21 2' 
_symmetry.entry_id                         4G3B 
_symmetry.pdbx_full_space_group_name_H-M   ? 
_symmetry.Int_Tables_number                18 
_symmetry.cell_setting                     ? 
_symmetry.space_group_name_Hall            ? 
# 
_exptl.crystals_number   1 
_exptl.entry_id          4G3B 
_exptl.method            'X-RAY DIFFRACTION' 
# 
_exptl_crystal.id                    1 
_exptl_crystal.density_Matthews      1.76 
_exptl_crystal.density_meas          ? 
_exptl_crystal.density_percent_sol   30.29 
_exptl_crystal.description           ? 
_exptl_crystal.F_000                 ? 
_exptl_crystal.preparation           ? 
# 
_exptl_crystal_grow.crystal_id      1 
_exptl_crystal_grow.method          'VAPOR DIFFUSION, HANGING DROP' 
_exptl_crystal_grow.pH              7.8 
_exptl_crystal_grow.temp            293.15 
_exptl_crystal_grow.pdbx_details    '55% PEG400, 0.1M Tris pH 7.8, vapor diffusion, hanging drop, temperature 293.15K' 
_exptl_crystal_grow.temp_details    ? 
_exptl_crystal_grow.pdbx_pH_range   ? 
# 
_diffrn.id                     1 
_diffrn.ambient_temp           100 
_diffrn.ambient_temp_details   ? 
_diffrn.crystal_id             1 
# 
_diffrn_detector.diffrn_id              1 
_diffrn_detector.detector               CCD 
_diffrn_detector.type                   'MARMOSAIC 225 mm CCD' 
_diffrn_detector.pdbx_collection_date   2012-02-02 
_diffrn_detector.details                ? 
# 
_diffrn_radiation.diffrn_id                        1 
_diffrn_radiation.pdbx_diffrn_protocol             'SINGLE WAVELENGTH' 
_diffrn_radiation.monochromator                    'Diamond [111]' 
_diffrn_radiation.wavelength_id                    1 
_diffrn_radiation.pdbx_monochromatic_or_laue_m_l   M 
_diffrn_radiation.pdbx_scattering_type             x-ray 
# 
_diffrn_radiation_wavelength.id           1 
_diffrn_radiation_wavelength.wavelength   0.97872 
_diffrn_radiation_wavelength.wt           1.0 
# 
_diffrn_source.diffrn_id                   1 
_diffrn_source.source                      SYNCHROTRON 
_diffrn_source.type                        'APS BEAMLINE 21-ID-F' 
_diffrn_source.pdbx_wavelength_list        0.97872 
_diffrn_source.pdbx_wavelength             ? 
_diffrn_source.pdbx_synchrotron_site       APS 
_diffrn_source.pdbx_synchrotron_beamline   21-ID-F 
# 
_reflns.entry_id                     4G3B 
_reflns.observed_criterion_sigma_F   ? 
_reflns.observed_criterion_sigma_I   ? 
_reflns.d_resolution_high            1.19 
_reflns.d_resolution_low             50.0 
_reflns.number_all                   ? 
_reflns.number_obs                   16392 
_reflns.percent_possible_obs         ? 
_reflns.pdbx_Rmerge_I_obs            ? 
_reflns.pdbx_Rsym_value              ? 
_reflns.pdbx_netI_over_sigmaI        ? 
_reflns.B_iso_Wilson_estimate        ? 
_reflns.pdbx_redundancy              ? 
_reflns.R_free_details               ? 
_reflns.limit_h_max                  ? 
_reflns.limit_h_min                  ? 
_reflns.limit_k_max                  ? 
_reflns.limit_k_min                  ? 
_reflns.limit_l_max                  ? 
_reflns.limit_l_min                  ? 
_reflns.observed_criterion_F_max     ? 
_reflns.observed_criterion_F_min     ? 
_reflns.pdbx_chi_squared             ? 
_reflns.pdbx_scaling_rejects         ? 
_reflns.pdbx_ordinal                 1 
_reflns.pdbx_diffrn_id               1 
# 
_refine.entry_id                                 4G3B 
_refine.ls_d_res_high                            1.1900 
_refine.ls_d_res_low                             11.1600 
_refine.pdbx_ls_sigma_F                          0.000 
_refine.pdbx_data_cutoff_high_absF               ? 
_refine.pdbx_data_cutoff_low_absF                ? 
_refine.ls_percent_reflns_obs                    ? 
_refine.ls_number_reflns_obs                     16392 
_refine.ls_number_reflns_all                     ? 
_refine.pdbx_ls_cross_valid_method               THROUGHOUT 
_refine.pdbx_R_Free_selection_details            RANDOM 
_refine.details                                  ? 
_refine.ls_R_factor_all                          ? 
_refine.ls_R_factor_obs                          0.1782 
_refine.ls_R_factor_R_work                       0.1777 
_refine.ls_wR_factor_R_work                      ? 
_refine.ls_R_factor_R_free                       0.1872 
_refine.ls_wR_factor_R_free                      ? 
_refine.ls_percent_reflns_R_free                 5.0700 
_refine.ls_number_reflns_R_free                  831 
_refine.ls_R_factor_R_free_error                 ? 
_refine.B_iso_mean                               15.5709 
_refine.solvent_model_param_bsol                 ? 
_refine.solvent_model_param_ksol                 ? 
_refine.pdbx_isotropic_thermal_model             ? 
_refine.aniso_B[1][1]                            -1.5063 
_refine.aniso_B[2][2]                            1.0122 
_refine.aniso_B[3][3]                            0.4940 
_refine.aniso_B[1][2]                            0.0000 
_refine.aniso_B[1][3]                            0.0000 
_refine.aniso_B[2][3]                            0.0000 
_refine.correlation_coeff_Fo_to_Fc               0.9500 
_refine.correlation_coeff_Fo_to_Fc_free          0.9355 
_refine.overall_SU_R_Cruickshank_DPI             ? 
_refine.overall_SU_R_free                        ? 
_refine.pdbx_overall_ESU_R                       ? 
_refine.pdbx_overall_ESU_R_Free                  ? 
_refine.overall_SU_ML                            ? 
_refine.overall_SU_B                             ? 
_refine.solvent_model_details                    ? 
_refine.pdbx_solvent_vdw_probe_radii             ? 
_refine.pdbx_solvent_ion_probe_radii             ? 
_refine.pdbx_solvent_shrinkage_radii             ? 
_refine.ls_number_parameters                     ? 
_refine.ls_number_restraints                     ? 
_refine.pdbx_starting_model                      ? 
_refine.pdbx_method_to_determine_struct          'MOLECULAR REPLACEMENT' 
_refine.pdbx_stereochemistry_target_values       ? 
_refine.pdbx_stereochem_target_val_spec_case     ? 
_refine.overall_FOM_work_R_set                   ? 
_refine.B_iso_max                                75.770 
_refine.B_iso_min                                5.530 
_refine.pdbx_overall_phase_error                 ? 
_refine.occupancy_max                            1.000 
_refine.occupancy_min                            0.500 
_refine.pdbx_ls_sigma_I                          ? 
_refine.ls_redundancy_reflns_obs                 ? 
_refine.ls_R_factor_R_free_error_details         ? 
_refine.pdbx_data_cutoff_high_rms_absF           ? 
_refine.overall_FOM_free_R_set                   ? 
_refine.pdbx_diffrn_id                           1 
_refine.pdbx_refine_id                           'X-RAY DIFFRACTION' 
_refine.pdbx_TLS_residual_ADP_flag               ? 
_refine.pdbx_overall_SU_R_free_Cruickshank_DPI   ? 
_refine.pdbx_overall_SU_R_Blow_DPI               ? 
_refine.pdbx_overall_SU_R_free_Blow_DPI          ? 
# 
_refine_analyze.entry_id                        4G3B 
_refine_analyze.Luzzati_coordinate_error_obs    0.127 
_refine_analyze.Luzzati_sigma_a_obs             ? 
_refine_analyze.Luzzati_d_res_low_obs           ? 
_refine_analyze.Luzzati_coordinate_error_free   ? 
_refine_analyze.Luzzati_sigma_a_free            ? 
_refine_analyze.Luzzati_d_res_low_free          ? 
_refine_analyze.number_disordered_residues      ? 
_refine_analyze.occupancy_sum_non_hydrogen      ? 
_refine_analyze.occupancy_sum_hydrogen          ? 
_refine_analyze.pdbx_Luzzati_d_res_high_obs     ? 
_refine_analyze.pdbx_refine_id                  'X-RAY DIFFRACTION' 
# 
_refine_hist.pdbx_refine_id                   'X-RAY DIFFRACTION' 
_refine_hist.cycle_id                         LAST 
_refine_hist.pdbx_number_atoms_protein        482 
_refine_hist.pdbx_number_atoms_nucleic_acid   0 
_refine_hist.pdbx_number_atoms_ligand         3 
_refine_hist.number_atoms_solvent             49 
_refine_hist.number_atoms_total               534 
_refine_hist.d_res_high                       1.1900 
_refine_hist.d_res_low                        11.1600 
# 
loop_
_refine_ls_restr.type 
_refine_ls_restr.number 
_refine_ls_restr.dev_ideal 
_refine_ls_restr.dev_ideal_target 
_refine_ls_restr.weight 
_refine_ls_restr.pdbx_restraint_function 
_refine_ls_restr.pdbx_refine_id 
t_dihedral_angle_d        193 ?      ? 2.000  SINUSOIDAL   'X-RAY DIFFRACTION' 
t_trig_c_planes           18  ?      ? 2.000  HARMONIC     'X-RAY DIFFRACTION' 
t_gen_planes              68  ?      ? 5.000  HARMONIC     'X-RAY DIFFRACTION' 
t_it                      520 ?      ? 20.000 HARMONIC     'X-RAY DIFFRACTION' 
t_nbd                     12  ?      ? 5.000  SEMIHARMONIC 'X-RAY DIFFRACTION' 
t_improper_torsion        ?   ?      ? ?      ?            'X-RAY DIFFRACTION' 
t_pseud_angle             ?   ?      ? ?      ?            'X-RAY DIFFRACTION' 
t_chiral_improper_torsion 46  ?      ? 5.000  SEMIHARMONIC 'X-RAY DIFFRACTION' 
t_sum_occupancies         ?   ?      ? ?      ?            'X-RAY DIFFRACTION' 
t_utility_distance        ?   ?      ? ?      ?            'X-RAY DIFFRACTION' 
t_utility_angle           ?   ?      ? ?      ?            'X-RAY DIFFRACTION' 
t_utility_torsion         ?   ?      ? ?      ?            'X-RAY DIFFRACTION' 
t_ideal_dist_contact      575 ?      ? 4.000  SEMIHARMONIC 'X-RAY DIFFRACTION' 
t_bond_d                  520 0.009  ? 2.000  HARMONIC     'X-RAY DIFFRACTION' 
t_angle_deg               717 1.080  ? 2.000  HARMONIC     'X-RAY DIFFRACTION' 
t_omega_torsion           ?   2.270  ? ?      ?            'X-RAY DIFFRACTION' 
t_other_torsion           ?   12.400 ? ?      ?            'X-RAY DIFFRACTION' 
# 
_refine_ls_shell.d_res_high                       1.1900 
_refine_ls_shell.d_res_low                        1.2700 
_refine_ls_shell.pdbx_total_number_of_bins_used   8 
_refine_ls_shell.percent_reflns_obs               ? 
_refine_ls_shell.number_reflns_R_work             2696 
_refine_ls_shell.R_factor_all                     0.1388 
_refine_ls_shell.R_factor_R_work                  0.1376 
_refine_ls_shell.R_factor_R_free                  0.1587 
_refine_ls_shell.percent_reflns_R_free            5.6400 
_refine_ls_shell.number_reflns_R_free             161 
_refine_ls_shell.R_factor_R_free_error            ? 
_refine_ls_shell.number_reflns_all                2857 
_refine_ls_shell.number_reflns_obs                ? 
_refine_ls_shell.redundancy_reflns_obs            ? 
_refine_ls_shell.pdbx_refine_id                   'X-RAY DIFFRACTION' 
# 
_struct.entry_id                  4G3B 
_struct.title                     'Crystal structure of the de novo designed fluorinated peptide alpha4F3d' 
_struct.pdbx_model_details        ? 
_struct.pdbx_CASP_flag            ? 
_struct.pdbx_model_type_details   ? 
# 
_struct_keywords.entry_id        4G3B 
_struct_keywords.text            'alpha helix, de novo designed, fluorinated protein, coiled-coil, DE NOVO PROTEIN' 
_struct_keywords.pdbx_keywords   'DE NOVO PROTEIN' 
# 
loop_
_struct_asym.id 
_struct_asym.pdbx_blank_PDB_chainid_flag 
_struct_asym.pdbx_modified 
_struct_asym.entity_id 
_struct_asym.details 
A N N 1 ? 
B N N 1 ? 
C N N 2 ? 
D N N 3 ? 
E N N 3 ? 
# 
_struct_ref.id                         1 
_struct_ref.db_name                    PDB 
_struct_ref.db_code                    4G3B 
_struct_ref.pdbx_db_accession          4G3B 
_struct_ref.entity_id                  1 
_struct_ref.pdbx_align_begin           ? 
_struct_ref.pdbx_seq_one_letter_code   ? 
_struct_ref.pdbx_db_isoform            ? 
# 
loop_
_struct_ref_seq.align_id 
_struct_ref_seq.ref_id 
_struct_ref_seq.pdbx_PDB_id_code 
_struct_ref_seq.pdbx_strand_id 
_struct_ref_seq.seq_align_beg 
_struct_ref_seq.pdbx_seq_align_beg_ins_code 
_struct_ref_seq.seq_align_end 
_struct_ref_seq.pdbx_seq_align_end_ins_code 
_struct_ref_seq.pdbx_db_accession 
_struct_ref_seq.db_align_beg 
_struct_ref_seq.pdbx_db_align_beg_ins_code 
_struct_ref_seq.db_align_end 
_struct_ref_seq.pdbx_db_align_end_ins_code 
_struct_ref_seq.pdbx_auth_seq_align_beg 
_struct_ref_seq.pdbx_auth_seq_align_end 
1 1 4G3B A 1 ? 26 ? 4G3B 1 ? 26 ? 1 26 
2 1 4G3B B 1 ? 26 ? 4G3B 1 ? 26 ? 1 26 
# 
loop_
_pdbx_struct_assembly.id 
_pdbx_struct_assembly.details 
_pdbx_struct_assembly.method_details 
_pdbx_struct_assembly.oligomeric_details 
_pdbx_struct_assembly.oligomeric_count 
1 author_defined_assembly   ?    tetrameric 4 
2 software_defined_assembly PISA dimeric    2 
# 
loop_
_pdbx_struct_assembly_prop.biol_id 
_pdbx_struct_assembly_prop.type 
_pdbx_struct_assembly_prop.value 
_pdbx_struct_assembly_prop.details 
2 'ABSA (A^2)' 1420 ? 
2 MORE         -8   ? 
2 'SSA (A^2)'  4740 ? 
# 
loop_
_pdbx_struct_assembly_gen.assembly_id 
_pdbx_struct_assembly_gen.oper_expression 
_pdbx_struct_assembly_gen.asym_id_list 
1 1,2 A,B,C,D,E 
2 1   A,B,C,D,E 
# 
loop_
_pdbx_struct_oper_list.id 
_pdbx_struct_oper_list.type 
_pdbx_struct_oper_list.name 
_pdbx_struct_oper_list.symmetry_operation 
_pdbx_struct_oper_list.matrix[1][1] 
_pdbx_struct_oper_list.matrix[1][2] 
_pdbx_struct_oper_list.matrix[1][3] 
_pdbx_struct_oper_list.vector[1] 
_pdbx_struct_oper_list.matrix[2][1] 
_pdbx_struct_oper_list.matrix[2][2] 
_pdbx_struct_oper_list.matrix[2][3] 
_pdbx_struct_oper_list.vector[2] 
_pdbx_struct_oper_list.matrix[3][1] 
_pdbx_struct_oper_list.matrix[3][2] 
_pdbx_struct_oper_list.matrix[3][3] 
_pdbx_struct_oper_list.vector[3] 
1 'identity operation'         1_555 x,y,z     1.0000000000  0.0000000000  0.0000000000  0.0000000000  0.0000000000  1.0000000000 0.0000000000 0.0000000000  0.0000000000  0.0000000000 1.0000000000  0.0000000000 
2 'crystal symmetry operation' 2_455 -x-1,-y,z -0.8024595447 -0.5835287410 -0.1247112168 -5.4096986291 -0.5835287410 0.7237268741 0.3683932956 -3.7765627508 -0.1247112168 0.3683932956 -0.9212673294 9.1018162258 
# 
_struct_biol.id        1 
_struct_biol.details   
'The biological assembly is a tetramer generated from the dimer in the asymmetric unit by the operationsi: -x-1, -y, z' 
# 
loop_
_struct_conf.conf_type_id 
_struct_conf.id 
_struct_conf.pdbx_PDB_helix_id 
_struct_conf.beg_label_comp_id 
_struct_conf.beg_label_asym_id 
_struct_conf.beg_label_seq_id 
_struct_conf.pdbx_beg_PDB_ins_code 
_struct_conf.end_label_comp_id 
_struct_conf.end_label_asym_id 
_struct_conf.end_label_seq_id 
_struct_conf.pdbx_end_PDB_ins_code 
_struct_conf.beg_auth_comp_id 
_struct_conf.beg_auth_asym_id 
_struct_conf.beg_auth_seq_id 
_struct_conf.end_auth_comp_id 
_struct_conf.end_auth_asym_id 
_struct_conf.end_auth_seq_id 
_struct_conf.pdbx_PDB_helix_class 
_struct_conf.details 
_struct_conf.pdbx_PDB_helix_length 
HELX_P HELX_P1 1 ASN A 2 ? SER A 26 ? ASN A 2 SER A 26 1 ? 25 
HELX_P HELX_P2 2 ASN B 2 ? SER B 26 ? ASN B 2 SER B 26 1 ? 25 
# 
_struct_conf_type.id          HELX_P 
_struct_conf_type.criteria    ? 
_struct_conf_type.reference   ? 
# 
loop_
_struct_conn.id 
_struct_conn.conn_type_id 
_struct_conn.pdbx_leaving_atom_flag 
_struct_conn.pdbx_PDB_id 
_struct_conn.ptnr1_label_asym_id 
_struct_conn.ptnr1_label_comp_id 
_struct_conn.ptnr1_label_seq_id 
_struct_conn.ptnr1_label_atom_id 
_struct_conn.pdbx_ptnr1_label_alt_id 
_struct_conn.pdbx_ptnr1_PDB_ins_code 
_struct_conn.pdbx_ptnr1_standard_comp_id 
_struct_conn.ptnr1_symmetry 
_struct_conn.ptnr2_label_asym_id 
_struct_conn.ptnr2_label_comp_id 
_struct_conn.ptnr2_label_seq_id 
_struct_conn.ptnr2_label_atom_id 
_struct_conn.pdbx_ptnr2_label_alt_id 
_struct_conn.pdbx_ptnr2_PDB_ins_code 
_struct_conn.ptnr1_auth_asym_id 
_struct_conn.ptnr1_auth_comp_id 
_struct_conn.ptnr1_auth_seq_id 
_struct_conn.ptnr2_auth_asym_id 
_struct_conn.ptnr2_auth_comp_id 
_struct_conn.ptnr2_auth_seq_id 
_struct_conn.ptnr2_symmetry 
_struct_conn.pdbx_ptnr3_label_atom_id 
_struct_conn.pdbx_ptnr3_label_seq_id 
_struct_conn.pdbx_ptnr3_label_comp_id 
_struct_conn.pdbx_ptnr3_label_asym_id 
_struct_conn.pdbx_ptnr3_label_alt_id 
_struct_conn.pdbx_ptnr3_PDB_ins_code 
_struct_conn.details 
_struct_conn.pdbx_dist_value 
_struct_conn.pdbx_value_order 
_struct_conn.pdbx_role 
covale1  covale both ? A GLU 5  C ? ? ? 1_555 A 6FL 6  N ? ? A GLU 5  A 6FL 6  1_555 ? ? ? ? ? ? ? 1.339 ? ? 
covale2  covale both ? A 6FL 6  C ? ? ? 1_555 A TYR 7  N ? ? A 6FL 6  A TYR 7  1_555 ? ? ? ? ? ? ? 1.319 ? ? 
covale3  covale both ? A ASP 12 C ? ? ? 1_555 A 6FL 13 N ? ? A ASP 12 A 6FL 13 1_555 ? ? ? ? ? ? ? 1.338 ? ? 
covale4  covale both ? A 6FL 13 C ? ? ? 1_555 A GLN 14 N ? ? A 6FL 13 A GLN 14 1_555 ? ? ? ? ? ? ? 1.337 ? ? 
covale5  covale both ? A LYS 19 C A ? ? 1_555 A 6FL 20 N ? ? A LYS 19 A 6FL 20 1_555 ? ? ? ? ? ? ? 1.331 ? ? 
covale6  covale both ? A LYS 19 C B ? ? 1_555 A 6FL 20 N ? ? A LYS 19 A 6FL 20 1_555 ? ? ? ? ? ? ? 1.336 ? ? 
covale7  covale both ? A 6FL 20 C ? ? ? 1_555 A ARG 21 N ? ? A 6FL 20 A ARG 21 1_555 ? ? ? ? ? ? ? 1.337 ? ? 
covale8  covale both ? B GLU 5  C ? ? ? 1_555 B 6FL 6  N A ? B GLU 5  B 6FL 6  1_555 ? ? ? ? ? ? ? 1.319 ? ? 
covale9  covale both ? B GLU 5  C ? ? ? 1_555 B 6FL 6  N B ? B GLU 5  B 6FL 6  1_555 ? ? ? ? ? ? ? 1.348 ? ? 
covale10 covale both ? B 6FL 6  C A ? ? 1_555 B TYR 7  N ? ? B 6FL 6  B TYR 7  1_555 ? ? ? ? ? ? ? 1.353 ? ? 
covale11 covale both ? B 6FL 6  C B ? ? 1_555 B TYR 7  N ? ? B 6FL 6  B TYR 7  1_555 ? ? ? ? ? ? ? 1.317 ? ? 
covale12 covale both ? B ASP 12 C ? ? ? 1_555 B 6FL 13 N ? ? B ASP 12 B 6FL 13 1_555 ? ? ? ? ? ? ? 1.336 ? ? 
covale13 covale both ? B 6FL 13 C ? ? ? 1_555 B GLN 14 N ? ? B 6FL 13 B GLN 14 1_555 ? ? ? ? ? ? ? 1.331 ? ? 
covale14 covale both ? B LYS 19 C ? ? ? 1_555 B 6FL 20 N ? ? B LYS 19 B 6FL 20 1_555 ? ? ? ? ? ? ? 1.344 ? ? 
covale15 covale both ? B 6FL 20 C ? ? ? 1_555 B ARG 21 N ? ? B 6FL 20 B ARG 21 1_555 ? ? ? ? ? ? ? 1.344 ? ? 
# 
_struct_conn_type.id          covale 
_struct_conn_type.criteria    ? 
_struct_conn_type.reference   ? 
# 
loop_
_pdbx_modification_feature.ordinal 
_pdbx_modification_feature.label_comp_id 
_pdbx_modification_feature.label_asym_id 
_pdbx_modification_feature.label_seq_id 
_pdbx_modification_feature.label_alt_id 
_pdbx_modification_feature.modified_residue_label_comp_id 
_pdbx_modification_feature.modified_residue_label_asym_id 
_pdbx_modification_feature.modified_residue_label_seq_id 
_pdbx_modification_feature.modified_residue_label_alt_id 
_pdbx_modification_feature.auth_comp_id 
_pdbx_modification_feature.auth_asym_id 
_pdbx_modification_feature.auth_seq_id 
_pdbx_modification_feature.PDB_ins_code 
_pdbx_modification_feature.symmetry 
_pdbx_modification_feature.modified_residue_auth_comp_id 
_pdbx_modification_feature.modified_residue_auth_asym_id 
_pdbx_modification_feature.modified_residue_auth_seq_id 
_pdbx_modification_feature.modified_residue_PDB_ins_code 
_pdbx_modification_feature.modified_residue_symmetry 
_pdbx_modification_feature.comp_id_linking_atom 
_pdbx_modification_feature.modified_residue_id_linking_atom 
_pdbx_modification_feature.modified_residue_id 
_pdbx_modification_feature.ref_pcm_id 
_pdbx_modification_feature.ref_comp_id 
_pdbx_modification_feature.type 
_pdbx_modification_feature.category 
1 6FL A 6  ? . . . . 6FL A 6  ? 1_555 . . . . . . . LEU 1 6FL Fluorination 'Named protein modification' 
2 6FL A 13 ? . . . . 6FL A 13 ? 1_555 . . . . . . . LEU 1 6FL Fluorination 'Named protein modification' 
3 6FL A 20 ? . . . . 6FL A 20 ? 1_555 . . . . . . . LEU 1 6FL Fluorination 'Named protein modification' 
4 6FL B 6  A . . . . 6FL B 6  ? 1_555 . . . . . . . LEU 1 6FL Fluorination 'Named protein modification' 
5 6FL B 6  B . . . . 6FL B 6  ? 1_555 . . . . . . . LEU 1 6FL Fluorination 'Named protein modification' 
6 6FL B 13 ? . . . . 6FL B 13 ? 1_555 . . . . . . . LEU 1 6FL Fluorination 'Named protein modification' 
7 6FL B 20 ? . . . . 6FL B 20 ? 1_555 . . . . . . . LEU 1 6FL Fluorination 'Named protein modification' 
# 
_struct_site.id                   AC1 
_struct_site.pdbx_evidence_code   Software 
_struct_site.pdbx_auth_asym_id    B 
_struct_site.pdbx_auth_comp_id    ACE 
_struct_site.pdbx_auth_seq_id     101 
_struct_site.pdbx_auth_ins_code   ? 
_struct_site.pdbx_num_residues    7 
_struct_site.details              'BINDING SITE FOR RESIDUE ACE B 101' 
# 
loop_
_struct_site_gen.id 
_struct_site_gen.site_id 
_struct_site_gen.pdbx_num_res 
_struct_site_gen.label_comp_id 
_struct_site_gen.label_asym_id 
_struct_site_gen.label_seq_id 
_struct_site_gen.pdbx_auth_ins_code 
_struct_site_gen.auth_comp_id 
_struct_site_gen.auth_asym_id 
_struct_site_gen.auth_seq_id 
_struct_site_gen.label_atom_id 
_struct_site_gen.label_alt_id 
_struct_site_gen.symmetry 
_struct_site_gen.details 
1 AC1 7 ASN A 2  ? ASN A 2   . ? 2_456 ? 
2 AC1 7 TYR A 7  ? TYR A 7   . ? 4_446 ? 
3 AC1 7 GLY B 1  ? GLY B 1   . ? 1_555 ? 
4 AC1 7 ASN B 2  ? ASN B 2   . ? 1_555 ? 
5 AC1 7 LYS B 22 ? LYS B 22  . ? 4_446 ? 
6 AC1 7 ARG B 25 ? ARG B 25  . ? 4_446 ? 
7 AC1 7 HOH E .  ? HOH B 223 . ? 1_555 ? 
# 
_pdbx_entry_details.entry_id                   4G3B 
_pdbx_entry_details.compound_details           ? 
_pdbx_entry_details.source_details             ? 
_pdbx_entry_details.nonpolymer_details         ? 
_pdbx_entry_details.sequence_details           ? 
_pdbx_entry_details.has_ligand_of_interest     ? 
_pdbx_entry_details.has_protein_modification   Y 
# 
_pdbx_validate_close_contact.id               1 
_pdbx_validate_close_contact.PDB_model_num    1 
_pdbx_validate_close_contact.auth_atom_id_1   N 
_pdbx_validate_close_contact.auth_asym_id_1   B 
_pdbx_validate_close_contact.auth_comp_id_1   GLY 
_pdbx_validate_close_contact.auth_seq_id_1    1 
_pdbx_validate_close_contact.PDB_ins_code_1   ? 
_pdbx_validate_close_contact.label_alt_id_1   ? 
_pdbx_validate_close_contact.auth_atom_id_2   C 
_pdbx_validate_close_contact.auth_asym_id_2   B 
_pdbx_validate_close_contact.auth_comp_id_2   ACE 
_pdbx_validate_close_contact.auth_seq_id_2    101 
_pdbx_validate_close_contact.PDB_ins_code_2   ? 
_pdbx_validate_close_contact.label_alt_id_2   ? 
_pdbx_validate_close_contact.dist             1.33 
# 
loop_
_pdbx_refine_tls.pdbx_refine_id 
_pdbx_refine_tls.id 
_pdbx_refine_tls.details 
_pdbx_refine_tls.method 
_pdbx_refine_tls.origin_x 
_pdbx_refine_tls.origin_y 
_pdbx_refine_tls.origin_z 
_pdbx_refine_tls.T[1][1] 
_pdbx_refine_tls.T[2][2] 
_pdbx_refine_tls.T[3][3] 
_pdbx_refine_tls.T[1][2] 
_pdbx_refine_tls.T[1][3] 
_pdbx_refine_tls.T[2][3] 
_pdbx_refine_tls.L[1][1] 
_pdbx_refine_tls.L[2][2] 
_pdbx_refine_tls.L[3][3] 
_pdbx_refine_tls.L[1][2] 
_pdbx_refine_tls.L[1][3] 
_pdbx_refine_tls.L[2][3] 
_pdbx_refine_tls.S[1][1] 
_pdbx_refine_tls.S[2][2] 
_pdbx_refine_tls.S[3][3] 
_pdbx_refine_tls.S[1][2] 
_pdbx_refine_tls.S[1][3] 
_pdbx_refine_tls.S[2][3] 
_pdbx_refine_tls.S[2][1] 
_pdbx_refine_tls.S[3][1] 
_pdbx_refine_tls.S[3][2] 
'X-RAY DIFFRACTION' 1 ? refined -3.7168 -1.7374 -2.8845 -0.0258 -0.0124 -0.0249 -0.0108 0.0015 0.0100 1.6028 3.9396 1.3411 0.7834  0.0441 -0.0673 -0.0199 0.0356 -0.0157 0.0307  -0.0605 0.0087  -0.1272 0.0708 -0.0358 
'X-RAY DIFFRACTION' 2 ? refined 3.3281  2.1552  2.8707  -0.0264 -0.0003 -0.0250 -0.0035 0.0047 0.0051 1.3837 3.7909 1.5243 -0.3899 0.0549 1.2189  -0.0017 0.0345 -0.0329 -0.0191 -0.0099 -0.0890 -0.0365 0.0383 0.0426 
# 
loop_
_pdbx_refine_tls_group.pdbx_refine_id 
_pdbx_refine_tls_group.id 
_pdbx_refine_tls_group.refine_tls_id 
_pdbx_refine_tls_group.beg_auth_asym_id 
_pdbx_refine_tls_group.beg_auth_seq_id 
_pdbx_refine_tls_group.end_auth_asym_id 
_pdbx_refine_tls_group.end_auth_seq_id 
_pdbx_refine_tls_group.selection_details 
_pdbx_refine_tls_group.beg_label_asym_id 
_pdbx_refine_tls_group.beg_label_seq_id 
_pdbx_refine_tls_group.end_label_asym_id 
_pdbx_refine_tls_group.end_label_seq_id 
_pdbx_refine_tls_group.selection 
'X-RAY DIFFRACTION' 1 1 A 1 A 26 '{ A|1 - A|26 }' ? ? ? ? ? 
'X-RAY DIFFRACTION' 2 2 B 1 B 26 '{ B|1 - B|26 }' ? ? ? ? ? 
# 
_phasing.method   MR 
# 
loop_
_chem_comp_atom.comp_id 
_chem_comp_atom.atom_id 
_chem_comp_atom.type_symbol 
_chem_comp_atom.pdbx_aromatic_flag 
_chem_comp_atom.pdbx_stereo_config 
_chem_comp_atom.pdbx_ordinal 
6FL C    C N N 1   
6FL N    N N N 2   
6FL O    O N N 3   
6FL CA   C N S 4   
6FL CB   C N N 5   
6FL CG   C N N 6   
6FL FAC  F N N 7   
6FL FAD  F N N 8   
6FL FAE  F N N 9   
6FL FAF  F N N 10  
6FL FAG  F N N 11  
6FL FAH  F N N 12  
6FL CD1  C N N 13  
6FL CD2  C N N 14  
6FL OXT  O N N 15  
6FL H    H N N 16  
6FL H2   H N N 17  
6FL HA   H N N 18  
6FL HB   H N N 19  
6FL HBA  H N N 20  
6FL HG   H N N 21  
6FL HXT  H N N 22  
ACE C    C N N 23  
ACE O    O N N 24  
ACE CH3  C N N 25  
ACE H    H N N 26  
ACE H1   H N N 27  
ACE H2   H N N 28  
ACE H3   H N N 29  
ALA N    N N N 30  
ALA CA   C N S 31  
ALA C    C N N 32  
ALA O    O N N 33  
ALA CB   C N N 34  
ALA OXT  O N N 35  
ALA H    H N N 36  
ALA H2   H N N 37  
ALA HA   H N N 38  
ALA HB1  H N N 39  
ALA HB2  H N N 40  
ALA HB3  H N N 41  
ALA HXT  H N N 42  
ARG N    N N N 43  
ARG CA   C N S 44  
ARG C    C N N 45  
ARG O    O N N 46  
ARG CB   C N N 47  
ARG CG   C N N 48  
ARG CD   C N N 49  
ARG NE   N N N 50  
ARG CZ   C N N 51  
ARG NH1  N N N 52  
ARG NH2  N N N 53  
ARG OXT  O N N 54  
ARG H    H N N 55  
ARG H2   H N N 56  
ARG HA   H N N 57  
ARG HB2  H N N 58  
ARG HB3  H N N 59  
ARG HG2  H N N 60  
ARG HG3  H N N 61  
ARG HD2  H N N 62  
ARG HD3  H N N 63  
ARG HE   H N N 64  
ARG HH11 H N N 65  
ARG HH12 H N N 66  
ARG HH21 H N N 67  
ARG HH22 H N N 68  
ARG HXT  H N N 69  
ASN N    N N N 70  
ASN CA   C N S 71  
ASN C    C N N 72  
ASN O    O N N 73  
ASN CB   C N N 74  
ASN CG   C N N 75  
ASN OD1  O N N 76  
ASN ND2  N N N 77  
ASN OXT  O N N 78  
ASN H    H N N 79  
ASN H2   H N N 80  
ASN HA   H N N 81  
ASN HB2  H N N 82  
ASN HB3  H N N 83  
ASN HD21 H N N 84  
ASN HD22 H N N 85  
ASN HXT  H N N 86  
ASP N    N N N 87  
ASP CA   C N S 88  
ASP C    C N N 89  
ASP O    O N N 90  
ASP CB   C N N 91  
ASP CG   C N N 92  
ASP OD1  O N N 93  
ASP OD2  O N N 94  
ASP OXT  O N N 95  
ASP H    H N N 96  
ASP H2   H N N 97  
ASP HA   H N N 98  
ASP HB2  H N N 99  
ASP HB3  H N N 100 
ASP HD2  H N N 101 
ASP HXT  H N N 102 
GLN N    N N N 103 
GLN CA   C N S 104 
GLN C    C N N 105 
GLN O    O N N 106 
GLN CB   C N N 107 
GLN CG   C N N 108 
GLN CD   C N N 109 
GLN OE1  O N N 110 
GLN NE2  N N N 111 
GLN OXT  O N N 112 
GLN H    H N N 113 
GLN H2   H N N 114 
GLN HA   H N N 115 
GLN HB2  H N N 116 
GLN HB3  H N N 117 
GLN HG2  H N N 118 
GLN HG3  H N N 119 
GLN HE21 H N N 120 
GLN HE22 H N N 121 
GLN HXT  H N N 122 
GLU N    N N N 123 
GLU CA   C N S 124 
GLU C    C N N 125 
GLU O    O N N 126 
GLU CB   C N N 127 
GLU CG   C N N 128 
GLU CD   C N N 129 
GLU OE1  O N N 130 
GLU OE2  O N N 131 
GLU OXT  O N N 132 
GLU H    H N N 133 
GLU H2   H N N 134 
GLU HA   H N N 135 
GLU HB2  H N N 136 
GLU HB3  H N N 137 
GLU HG2  H N N 138 
GLU HG3  H N N 139 
GLU HE2  H N N 140 
GLU HXT  H N N 141 
GLY N    N N N 142 
GLY CA   C N N 143 
GLY C    C N N 144 
GLY O    O N N 145 
GLY OXT  O N N 146 
GLY H    H N N 147 
GLY H2   H N N 148 
GLY HA2  H N N 149 
GLY HA3  H N N 150 
GLY HXT  H N N 151 
HOH O    O N N 152 
HOH H1   H N N 153 
HOH H2   H N N 154 
LEU N    N N N 155 
LEU CA   C N S 156 
LEU C    C N N 157 
LEU O    O N N 158 
LEU CB   C N N 159 
LEU CG   C N N 160 
LEU CD1  C N N 161 
LEU CD2  C N N 162 
LEU OXT  O N N 163 
LEU H    H N N 164 
LEU H2   H N N 165 
LEU HA   H N N 166 
LEU HB2  H N N 167 
LEU HB3  H N N 168 
LEU HG   H N N 169 
LEU HD11 H N N 170 
LEU HD12 H N N 171 
LEU HD13 H N N 172 
LEU HD21 H N N 173 
LEU HD22 H N N 174 
LEU HD23 H N N 175 
LEU HXT  H N N 176 
LYS N    N N N 177 
LYS CA   C N S 178 
LYS C    C N N 179 
LYS O    O N N 180 
LYS CB   C N N 181 
LYS CG   C N N 182 
LYS CD   C N N 183 
LYS CE   C N N 184 
LYS NZ   N N N 185 
LYS OXT  O N N 186 
LYS H    H N N 187 
LYS H2   H N N 188 
LYS HA   H N N 189 
LYS HB2  H N N 190 
LYS HB3  H N N 191 
LYS HG2  H N N 192 
LYS HG3  H N N 193 
LYS HD2  H N N 194 
LYS HD3  H N N 195 
LYS HE2  H N N 196 
LYS HE3  H N N 197 
LYS HZ1  H N N 198 
LYS HZ2  H N N 199 
LYS HZ3  H N N 200 
LYS HXT  H N N 201 
SER N    N N N 202 
SER CA   C N S 203 
SER C    C N N 204 
SER O    O N N 205 
SER CB   C N N 206 
SER OG   O N N 207 
SER OXT  O N N 208 
SER H    H N N 209 
SER H2   H N N 210 
SER HA   H N N 211 
SER HB2  H N N 212 
SER HB3  H N N 213 
SER HG   H N N 214 
SER HXT  H N N 215 
TYR N    N N N 216 
TYR CA   C N S 217 
TYR C    C N N 218 
TYR O    O N N 219 
TYR CB   C N N 220 
TYR CG   C Y N 221 
TYR CD1  C Y N 222 
TYR CD2  C Y N 223 
TYR CE1  C Y N 224 
TYR CE2  C Y N 225 
TYR CZ   C Y N 226 
TYR OH   O N N 227 
TYR OXT  O N N 228 
TYR H    H N N 229 
TYR H2   H N N 230 
TYR HA   H N N 231 
TYR HB2  H N N 232 
TYR HB3  H N N 233 
TYR HD1  H N N 234 
TYR HD2  H N N 235 
TYR HE1  H N N 236 
TYR HE2  H N N 237 
TYR HH   H N N 238 
TYR HXT  H N N 239 
# 
loop_
_chem_comp_bond.comp_id 
_chem_comp_bond.atom_id_1 
_chem_comp_bond.atom_id_2 
_chem_comp_bond.value_order 
_chem_comp_bond.pdbx_aromatic_flag 
_chem_comp_bond.pdbx_stereo_config 
_chem_comp_bond.pdbx_ordinal 
6FL C   O    doub N N 1   
6FL C   CA   sing N N 2   
6FL C   OXT  sing N N 3   
6FL N   CA   sing N N 4   
6FL N   H    sing N N 5   
6FL N   H2   sing N N 6   
6FL CA  CB   sing N N 7   
6FL CA  HA   sing N N 8   
6FL CB  CG   sing N N 9   
6FL CB  HB   sing N N 10  
6FL CB  HBA  sing N N 11  
6FL CG  CD1  sing N N 12  
6FL CG  CD2  sing N N 13  
6FL CG  HG   sing N N 14  
6FL FAC CD1  sing N N 15  
6FL FAD CD1  sing N N 16  
6FL FAE CD1  sing N N 17  
6FL FAF CD2  sing N N 18  
6FL FAG CD2  sing N N 19  
6FL FAH CD2  sing N N 20  
6FL OXT HXT  sing N N 21  
ACE C   O    doub N N 22  
ACE C   CH3  sing N N 23  
ACE C   H    sing N N 24  
ACE CH3 H1   sing N N 25  
ACE CH3 H2   sing N N 26  
ACE CH3 H3   sing N N 27  
ALA N   CA   sing N N 28  
ALA N   H    sing N N 29  
ALA N   H2   sing N N 30  
ALA CA  C    sing N N 31  
ALA CA  CB   sing N N 32  
ALA CA  HA   sing N N 33  
ALA C   O    doub N N 34  
ALA C   OXT  sing N N 35  
ALA CB  HB1  sing N N 36  
ALA CB  HB2  sing N N 37  
ALA CB  HB3  sing N N 38  
ALA OXT HXT  sing N N 39  
ARG N   CA   sing N N 40  
ARG N   H    sing N N 41  
ARG N   H2   sing N N 42  
ARG CA  C    sing N N 43  
ARG CA  CB   sing N N 44  
ARG CA  HA   sing N N 45  
ARG C   O    doub N N 46  
ARG C   OXT  sing N N 47  
ARG CB  CG   sing N N 48  
ARG CB  HB2  sing N N 49  
ARG CB  HB3  sing N N 50  
ARG CG  CD   sing N N 51  
ARG CG  HG2  sing N N 52  
ARG CG  HG3  sing N N 53  
ARG CD  NE   sing N N 54  
ARG CD  HD2  sing N N 55  
ARG CD  HD3  sing N N 56  
ARG NE  CZ   sing N N 57  
ARG NE  HE   sing N N 58  
ARG CZ  NH1  sing N N 59  
ARG CZ  NH2  doub N N 60  
ARG NH1 HH11 sing N N 61  
ARG NH1 HH12 sing N N 62  
ARG NH2 HH21 sing N N 63  
ARG NH2 HH22 sing N N 64  
ARG OXT HXT  sing N N 65  
ASN N   CA   sing N N 66  
ASN N   H    sing N N 67  
ASN N   H2   sing N N 68  
ASN CA  C    sing N N 69  
ASN CA  CB   sing N N 70  
ASN CA  HA   sing N N 71  
ASN C   O    doub N N 72  
ASN C   OXT  sing N N 73  
ASN CB  CG   sing N N 74  
ASN CB  HB2  sing N N 75  
ASN CB  HB3  sing N N 76  
ASN CG  OD1  doub N N 77  
ASN CG  ND2  sing N N 78  
ASN ND2 HD21 sing N N 79  
ASN ND2 HD22 sing N N 80  
ASN OXT HXT  sing N N 81  
ASP N   CA   sing N N 82  
ASP N   H    sing N N 83  
ASP N   H2   sing N N 84  
ASP CA  C    sing N N 85  
ASP CA  CB   sing N N 86  
ASP CA  HA   sing N N 87  
ASP C   O    doub N N 88  
ASP C   OXT  sing N N 89  
ASP CB  CG   sing N N 90  
ASP CB  HB2  sing N N 91  
ASP CB  HB3  sing N N 92  
ASP CG  OD1  doub N N 93  
ASP CG  OD2  sing N N 94  
ASP OD2 HD2  sing N N 95  
ASP OXT HXT  sing N N 96  
GLN N   CA   sing N N 97  
GLN N   H    sing N N 98  
GLN N   H2   sing N N 99  
GLN CA  C    sing N N 100 
GLN CA  CB   sing N N 101 
GLN CA  HA   sing N N 102 
GLN C   O    doub N N 103 
GLN C   OXT  sing N N 104 
GLN CB  CG   sing N N 105 
GLN CB  HB2  sing N N 106 
GLN CB  HB3  sing N N 107 
GLN CG  CD   sing N N 108 
GLN CG  HG2  sing N N 109 
GLN CG  HG3  sing N N 110 
GLN CD  OE1  doub N N 111 
GLN CD  NE2  sing N N 112 
GLN NE2 HE21 sing N N 113 
GLN NE2 HE22 sing N N 114 
GLN OXT HXT  sing N N 115 
GLU N   CA   sing N N 116 
GLU N   H    sing N N 117 
GLU N   H2   sing N N 118 
GLU CA  C    sing N N 119 
GLU CA  CB   sing N N 120 
GLU CA  HA   sing N N 121 
GLU C   O    doub N N 122 
GLU C   OXT  sing N N 123 
GLU CB  CG   sing N N 124 
GLU CB  HB2  sing N N 125 
GLU CB  HB3  sing N N 126 
GLU CG  CD   sing N N 127 
GLU CG  HG2  sing N N 128 
GLU CG  HG3  sing N N 129 
GLU CD  OE1  doub N N 130 
GLU CD  OE2  sing N N 131 
GLU OE2 HE2  sing N N 132 
GLU OXT HXT  sing N N 133 
GLY N   CA   sing N N 134 
GLY N   H    sing N N 135 
GLY N   H2   sing N N 136 
GLY CA  C    sing N N 137 
GLY CA  HA2  sing N N 138 
GLY CA  HA3  sing N N 139 
GLY C   O    doub N N 140 
GLY C   OXT  sing N N 141 
GLY OXT HXT  sing N N 142 
HOH O   H1   sing N N 143 
HOH O   H2   sing N N 144 
LEU N   CA   sing N N 145 
LEU N   H    sing N N 146 
LEU N   H2   sing N N 147 
LEU CA  C    sing N N 148 
LEU CA  CB   sing N N 149 
LEU CA  HA   sing N N 150 
LEU C   O    doub N N 151 
LEU C   OXT  sing N N 152 
LEU CB  CG   sing N N 153 
LEU CB  HB2  sing N N 154 
LEU CB  HB3  sing N N 155 
LEU CG  CD1  sing N N 156 
LEU CG  CD2  sing N N 157 
LEU CG  HG   sing N N 158 
LEU CD1 HD11 sing N N 159 
LEU CD1 HD12 sing N N 160 
LEU CD1 HD13 sing N N 161 
LEU CD2 HD21 sing N N 162 
LEU CD2 HD22 sing N N 163 
LEU CD2 HD23 sing N N 164 
LEU OXT HXT  sing N N 165 
LYS N   CA   sing N N 166 
LYS N   H    sing N N 167 
LYS N   H2   sing N N 168 
LYS CA  C    sing N N 169 
LYS CA  CB   sing N N 170 
LYS CA  HA   sing N N 171 
LYS C   O    doub N N 172 
LYS C   OXT  sing N N 173 
LYS CB  CG   sing N N 174 
LYS CB  HB2  sing N N 175 
LYS CB  HB3  sing N N 176 
LYS CG  CD   sing N N 177 
LYS CG  HG2  sing N N 178 
LYS CG  HG3  sing N N 179 
LYS CD  CE   sing N N 180 
LYS CD  HD2  sing N N 181 
LYS CD  HD3  sing N N 182 
LYS CE  NZ   sing N N 183 
LYS CE  HE2  sing N N 184 
LYS CE  HE3  sing N N 185 
LYS NZ  HZ1  sing N N 186 
LYS NZ  HZ2  sing N N 187 
LYS NZ  HZ3  sing N N 188 
LYS OXT HXT  sing N N 189 
SER N   CA   sing N N 190 
SER N   H    sing N N 191 
SER N   H2   sing N N 192 
SER CA  C    sing N N 193 
SER CA  CB   sing N N 194 
SER CA  HA   sing N N 195 
SER C   O    doub N N 196 
SER C   OXT  sing N N 197 
SER CB  OG   sing N N 198 
SER CB  HB2  sing N N 199 
SER CB  HB3  sing N N 200 
SER OG  HG   sing N N 201 
SER OXT HXT  sing N N 202 
TYR N   CA   sing N N 203 
TYR N   H    sing N N 204 
TYR N   H2   sing N N 205 
TYR CA  C    sing N N 206 
TYR CA  CB   sing N N 207 
TYR CA  HA   sing N N 208 
TYR C   O    doub N N 209 
TYR C   OXT  sing N N 210 
TYR CB  CG   sing N N 211 
TYR CB  HB2  sing N N 212 
TYR CB  HB3  sing N N 213 
TYR CG  CD1  doub Y N 214 
TYR CG  CD2  sing Y N 215 
TYR CD1 CE1  sing Y N 216 
TYR CD1 HD1  sing N N 217 
TYR CD2 CE2  doub Y N 218 
TYR CD2 HD2  sing N N 219 
TYR CE1 CZ   doub Y N 220 
TYR CE1 HE1  sing N N 221 
TYR CE2 CZ   sing Y N 222 
TYR CE2 HE2  sing N N 223 
TYR CZ  OH   sing N N 224 
TYR OH  HH   sing N N 225 
TYR OXT HXT  sing N N 226 
# 
_atom_sites.entry_id                    4G3B 
_atom_sites.fract_transf_matrix[1][1]   -0.00838135 
_atom_sites.fract_transf_matrix[1][2]   0.00381237 
_atom_sites.fract_transf_matrix[1][3]   -0.03111417 
_atom_sites.fract_transf_matrix[2][1]   -0.02327363 
_atom_sites.fract_transf_matrix[2][2]   -0.00898339 
_atom_sites.fract_transf_matrix[2][3]   0.00516859 
_atom_sites.fract_transf_matrix[3][1]   -0.00762185 
_atom_sites.fract_transf_matrix[3][2]   0.02251473 
_atom_sites.fract_transf_matrix[3][3]   0.00481183 
_atom_sites.fract_transf_vector[1]      -0.373881 
_atom_sites.fract_transf_vector[2]      -0.103437 
_atom_sites.fract_transf_vector[3]      0.387295 
# 
loop_
_atom_type.symbol 
C 
F 
N 
O 
# 
loop_
_atom_site.group_PDB 
_atom_site.id 
_atom_site.type_symbol 
_atom_site.label_atom_id 
_atom_site.label_alt_id 
_atom_site.label_comp_id 
_atom_site.label_asym_id 
_atom_site.label_entity_id 
_atom_site.label_seq_id 
_atom_site.pdbx_PDB_ins_code 
_atom_site.Cartn_x 
_atom_site.Cartn_y 
_atom_site.Cartn_z 
_atom_site.occupancy 
_atom_site.B_iso_or_equiv 
_atom_site.pdbx_formal_charge 
_atom_site.auth_seq_id 
_atom_site.auth_comp_id 
_atom_site.auth_asym_id 
_atom_site.auth_atom_id 
_atom_site.pdbx_PDB_model_num 
ATOM   1   N N   . GLY A 1 1  ? -4.427  -18.305 0.402   1.00 29.21 ? 1   GLY A N   1 
ATOM   2   C CA  . GLY A 1 1  ? -3.338  -19.152 0.868   1.00 29.16 ? 1   GLY A CA  1 
ATOM   3   C C   . GLY A 1 1  ? -2.251  -19.444 -0.151  1.00 29.56 ? 1   GLY A C   1 
ATOM   4   O O   . GLY A 1 1  ? -1.164  -19.890 0.229   1.00 32.22 ? 1   GLY A O   1 
ATOM   5   N N   . ASN A 1 2  ? -2.531  -19.226 -1.454  1.00 19.47 ? 2   ASN A N   1 
ATOM   6   C CA  . ASN A 1 2  ? -1.554  -19.465 -2.519  1.00 17.16 ? 2   ASN A CA  1 
ATOM   7   C C   . ASN A 1 2  ? -0.788  -18.184 -2.844  1.00 16.41 ? 2   ASN A C   1 
ATOM   8   O O   . ASN A 1 2  ? -1.348  -17.092 -2.722  1.00 15.76 ? 2   ASN A O   1 
ATOM   9   C CB  . ASN A 1 2  ? -2.224  -20.033 -3.758  1.00 16.81 ? 2   ASN A CB  1 
ATOM   10  C CG  . ASN A 1 2  ? -2.869  -21.353 -3.520  1.00 17.88 ? 2   ASN A CG  1 
ATOM   11  O OD1 . ASN A 1 2  ? -2.466  -22.106 -2.633  1.00 17.24 ? 2   ASN A OD1 1 
ATOM   12  N ND2 . ASN A 1 2  ? -3.801  -21.718 -4.383  1.00 19.72 ? 2   ASN A ND2 1 
ATOM   13  N N   . ALA A 1 3  ? 0.488   -18.315 -3.291  1.00 17.19 ? 3   ALA A N   1 
ATOM   14  C CA  . ALA A 1 3  ? 1.338   -17.158 -3.609  1.00 17.77 ? 3   ALA A CA  1 
ATOM   15  C C   . ALA A 1 3  ? 0.701   -16.174 -4.584  1.00 17.96 ? 3   ALA A C   1 
ATOM   16  O O   . ALA A 1 3  ? 0.739   -14.977 -4.312  1.00 16.30 ? 3   ALA A O   1 
ATOM   17  C CB  . ALA A 1 3  ? 2.692   -17.616 -4.127  1.00 20.82 ? 3   ALA A CB  1 
ATOM   18  N N   . ASP A 1 4  ? 0.076   -16.670 -5.681  1.00 16.50 ? 4   ASP A N   1 
ATOM   19  C CA  . ASP A 1 4  ? -0.570  -15.795 -6.671  1.00 16.77 ? 4   ASP A CA  1 
ATOM   20  C C   . ASP A 1 4  ? -1.775  -15.060 -6.095  1.00 16.69 ? 4   ASP A C   1 
ATOM   21  O O   . ASP A 1 4  ? -1.929  -13.862 -6.340  1.00 16.36 ? 4   ASP A O   1 
ATOM   22  C CB  . ASP A 1 4  ? -0.938  -16.550 -7.962  1.00 20.52 ? 4   ASP A CB  1 
ATOM   23  C CG  . ASP A 1 4  ? -2.037  -17.594 -7.823  1.00 25.88 ? 4   ASP A CG  1 
ATOM   24  O OD1 . ASP A 1 4  ? -2.090  -18.273 -6.772  1.00 23.39 ? 4   ASP A OD1 1 
ATOM   25  O OD2 . ASP A 1 4  ? -2.820  -17.764 -8.784  1.00 35.85 ? 4   ASP A OD2 1 
ATOM   26  N N   . GLU A 1 5  ? -2.598  -15.745 -5.286  1.00 14.04 ? 5   GLU A N   1 
ATOM   27  C CA  . GLU A 1 5  ? -3.747  -15.125 -4.615  1.00 13.74 ? 5   GLU A CA  1 
ATOM   28  C C   . GLU A 1 5  ? -3.268  -14.015 -3.707  1.00 14.09 ? 5   GLU A C   1 
ATOM   29  O O   . GLU A 1 5  ? -3.809  -12.895 -3.713  1.00 13.55 ? 5   GLU A O   1 
ATOM   30  C CB  . GLU A 1 5  ? -4.476  -16.161 -3.762  1.00 14.93 ? 5   GLU A CB  1 
ATOM   31  C CG  . GLU A 1 5  ? -5.114  -17.266 -4.575  1.00 17.56 ? 5   GLU A CG  1 
ATOM   32  C CD  . GLU A 1 5  ? -5.634  -18.435 -3.764  1.00 20.49 ? 5   GLU A CD  1 
ATOM   33  O OE1 . GLU A 1 5  ? -5.177  -18.632 -2.614  1.00 19.10 ? 5   GLU A OE1 1 
ATOM   34  O OE2 . GLU A 1 5  ? -6.434  -19.219 -4.322  1.00 21.18 ? 5   GLU A OE2 1 
HETATM 35  C C   . 6FL A 1 6  ? -1.085  -12.134 -2.743  1.00 14.30 ? 6   6FL A C   1 
HETATM 36  N N   . 6FL A 1 6  ? -2.237  -14.314 -2.907  1.00 13.17 ? 6   6FL A N   1 
HETATM 37  O O   . 6FL A 1 6  ? -1.248  -10.991 -2.331  1.00 13.57 ? 6   6FL A O   1 
HETATM 38  C CA  . 6FL A 1 6  ? -1.707  -13.297 -2.003  1.00 13.66 ? 6   6FL A CA  1 
HETATM 39  C CB  . 6FL A 1 6  ? -0.678  -13.889 -1.061  1.00 18.66 ? 6   6FL A CB  1 
HETATM 40  C CG  . 6FL A 1 6  ? -1.300  -15.039 -0.264  1.00 26.94 ? 6   6FL A CG  1 
HETATM 41  F FAC . 6FL A 1 6  ? 0.659   -16.220 -0.390  1.00 31.98 ? 6   6FL A FAC 1 
HETATM 42  F FAD . 6FL A 1 6  ? 0.481   -14.818 1.226   1.00 35.26 ? 6   6FL A FAD 1 
HETATM 43  F FAE . 6FL A 1 6  ? -0.598  -16.703 1.296   1.00 33.08 ? 6   6FL A FAE 1 
HETATM 44  F FAF . 6FL A 1 6  ? -2.319  -13.368 1.044   1.00 31.79 ? 6   6FL A FAF 1 
HETATM 45  F FAG . 6FL A 1 6  ? -3.601  -14.549 -0.220  1.00 32.00 ? 6   6FL A FAG 1 
HETATM 46  F FAH . 6FL A 1 6  ? -2.776  -15.425 1.563   1.00 33.09 ? 6   6FL A FAH 1 
HETATM 47  C CD1 . 6FL A 1 6  ? -0.170  -15.723 0.513   1.00 31.67 ? 6   6FL A CD1 1 
HETATM 48  C CD2 . 6FL A 1 6  ? -2.522  -14.589 0.564   1.00 31.44 ? 6   6FL A CD2 1 
ATOM   49  N N   . TYR A 1 7  ? -0.378  -12.384 -3.828  1.00 13.08 ? 7   TYR A N   1 
ATOM   50  C CA  . TYR A 1 7  ? 0.227   -11.325 -4.615  1.00 13.63 ? 7   TYR A CA  1 
ATOM   51  C C   . TYR A 1 7  ? -0.850  -10.334 -5.113  1.00 14.85 ? 7   TYR A C   1 
ATOM   52  O O   . TYR A 1 7  ? -0.656  -9.116  -4.993  1.00 14.03 ? 7   TYR A O   1 
ATOM   53  C CB  . TYR A 1 7  ? 0.981   -11.947 -5.788  1.00 16.04 ? 7   TYR A CB  1 
ATOM   54  C CG  . TYR A 1 7  ? 1.809   -10.974 -6.601  1.00 17.54 ? 7   TYR A CG  1 
ATOM   55  C CD1 . TYR A 1 7  ? 3.107   -10.638 -6.217  1.00 18.09 ? 7   TYR A CD1 1 
ATOM   56  C CD2 . TYR A 1 7  ? 1.346   -10.488 -7.821  1.00 20.64 ? 7   TYR A CD2 1 
ATOM   57  C CE1 . TYR A 1 7  ? 3.895   -9.786  -6.994  1.00 18.98 ? 7   TYR A CE1 1 
ATOM   58  C CE2 . TYR A 1 7  ? 2.120   -9.627  -8.599  1.00 22.66 ? 7   TYR A CE2 1 
ATOM   59  C CZ  . TYR A 1 7  ? 3.406   -9.302  -8.195  1.00 23.43 ? 7   TYR A CZ  1 
ATOM   60  O OH  . TYR A 1 7  ? 4.194   -8.505  -8.990  1.00 24.26 ? 7   TYR A OH  1 
ATOM   61  N N   . LYS A 1 8  ? -1.994  -10.848 -5.606  1.00 12.05 ? 8   LYS A N   1 
ATOM   62  C CA  . LYS A 1 8  ? -3.080  -10.003 -6.096  1.00 12.18 ? 8   LYS A CA  1 
ATOM   63  C C   . LYS A 1 8  ? -3.798  -9.254  -4.975  1.00 11.16 ? 8   LYS A C   1 
ATOM   64  O O   . LYS A 1 8  ? -4.147  -8.077  -5.145  1.00 10.67 ? 8   LYS A O   1 
ATOM   65  C CB  . LYS A 1 8  ? -4.087  -10.828 -6.888  1.00 16.62 ? 8   LYS A CB  1 
ATOM   66  C CG  . LYS A 1 8  ? -3.503  -11.450 -8.148  1.00 22.28 ? 8   LYS A CG  1 
ATOM   67  C CD  . LYS A 1 8  ? -4.569  -11.880 -9.131  1.00 36.09 ? 8   LYS A CD  1 
ATOM   68  C CE  . LYS A 1 8  ? -3.958  -12.524 -10.350 1.00 51.42 ? 8   LYS A CE  1 
ATOM   69  N NZ  . LYS A 1 8  ? -4.998  -12.995 -11.302 1.00 63.02 ? 8   LYS A NZ  1 
ATOM   70  N N   . GLU A 1 9  ? -4.055  -9.916  -3.845  1.00 9.67  ? 9   GLU A N   1 
ATOM   71  C CA  . GLU A 1 9  ? -4.707  -9.251  -2.715  1.00 9.41  ? 9   GLU A CA  1 
ATOM   72  C C   . GLU A 1 9  ? -3.800  -8.177  -2.144  1.00 8.31  ? 9   GLU A C   1 
ATOM   73  O O   . GLU A 1 9  ? -4.285  -7.073  -1.811  1.00 8.53  ? 9   GLU A O   1 
ATOM   74  C CB  . GLU A 1 9  ? -5.065  -10.275 -1.631  1.00 11.10 ? 9   GLU A CB  1 
ATOM   75  C CG  . GLU A 1 9  ? -6.153  -11.243 -2.068  1.00 16.96 ? 9   GLU A CG  1 
ATOM   76  C CD  . GLU A 1 9  ? -7.460  -10.551 -2.384  1.00 25.75 ? 9   GLU A CD  1 
ATOM   77  O OE1 . GLU A 1 9  ? -7.896  -9.690  -1.582  1.00 20.19 ? 9   GLU A OE1 1 
ATOM   78  O OE2 . GLU A 1 9  ? -7.980  -10.778 -3.500  1.00 33.06 ? 9   GLU A OE2 1 
ATOM   79  N N   . LEU A 1 10 ? -2.486  -8.459  -2.038  1.00 8.54  ? 10  LEU A N   1 
ATOM   80  C CA  . LEU A 1 10 ? -1.567  -7.445  -1.542  1.00 8.90  ? 10  LEU A CA  1 
ATOM   81  C C   . LEU A 1 10 ? -1.518  -6.272  -2.499  1.00 8.93  ? 10  LEU A C   1 
ATOM   82  O O   . LEU A 1 10 ? -1.477  -5.127  -2.058  1.00 8.41  ? 10  LEU A O   1 
ATOM   83  C CB  . LEU A 1 10 ? -0.167  -8.012  -1.334  1.00 10.22 ? 10  LEU A CB  1 
ATOM   84  C CG  . LEU A 1 10 ? 0.032   -9.098  -0.240  1.00 15.61 ? 10  LEU A CG  1 
ATOM   85  C CD1 . LEU A 1 10 ? 1.511   -9.348  0.008   1.00 18.63 ? 10  LEU A CD1 1 
ATOM   86  C CD2 . LEU A 1 10 ? -0.617  -8.734  1.095   1.00 16.67 ? 10  LEU A CD2 1 
ATOM   87  N N   . GLU A 1 11 ? -1.551  -6.554  -3.823  1.00 8.39  ? 11  GLU A N   1 
ATOM   88  C CA  . GLU A 1 11 ? -1.525  -5.448  -4.801  1.00 8.47  ? 11  GLU A CA  1 
ATOM   89  C C   . GLU A 1 11 ? -2.772  -4.597  -4.660  1.00 6.90  ? 11  GLU A C   1 
ATOM   90  O O   . GLU A 1 11 ? -2.689  -3.387  -4.756  1.00 7.47  ? 11  GLU A O   1 
ATOM   91  C CB  . GLU A 1 11 ? -1.371  -5.919  -6.244  1.00 10.47 ? 11  GLU A CB  1 
ATOM   92  C CG  . GLU A 1 11 ? -1.043  -4.708  -7.129  1.00 13.65 ? 11  GLU A CG  1 
ATOM   93  C CD  . GLU A 1 11 ? -0.638  -4.884  -8.577  1.00 23.24 ? 11  GLU A CD  1 
ATOM   94  O OE1 . GLU A 1 11 ? -0.176  -3.895  -9.197  1.00 19.84 ? 11  GLU A OE1 1 
ATOM   95  O OE2 . GLU A 1 11 ? -0.806  -6.005  -9.102  1.00 24.76 ? 11  GLU A OE2 1 
ATOM   96  N N   . ASP A 1 12 ? -3.941  -5.210  -4.464  1.00 6.91  ? 12  ASP A N   1 
ATOM   97  C CA  . ASP A 1 12 ? -5.158  -4.456  -4.305  1.00 6.75  ? 12  ASP A CA  1 
ATOM   98  C C   . ASP A 1 12 ? -5.070  -3.551  -3.086  1.00 6.50  ? 12  ASP A C   1 
ATOM   99  O O   . ASP A 1 12 ? -5.470  -2.386  -3.142  1.00 7.10  ? 12  ASP A O   1 
ATOM   100 C CB  . ASP A 1 12 ? -6.355  -5.397  -4.201  1.00 8.86  ? 12  ASP A CB  1 
ATOM   101 C CG  . ASP A 1 12 ? -7.645  -4.625  -4.287  1.00 10.23 ? 12  ASP A CG  1 
ATOM   102 O OD1 . ASP A 1 12 ? -7.903  -4.016  -5.351  1.00 14.19 ? 12  ASP A OD1 1 
ATOM   103 O OD2 . ASP A 1 12 ? -8.341  -4.521  -3.276  1.00 12.48 ? 12  ASP A OD2 1 
HETATM 104 C C   . 6FL A 1 13 ? -3.415  -2.059  -1.069  1.00 5.97  ? 13  6FL A C   1 
HETATM 105 N N   . 6FL A 1 13 ? -4.536  -4.063  -1.971  1.00 6.34  ? 13  6FL A N   1 
HETATM 106 O O   . 6FL A 1 13 ? -3.652  -0.918  -0.678  1.00 6.38  ? 13  6FL A O   1 
HETATM 107 C CA  . 6FL A 1 13 ? -4.386  -3.217  -0.792  1.00 6.43  ? 13  6FL A CA  1 
HETATM 108 C CB  . 6FL A 1 13 ? -3.863  -3.989  0.411   1.00 7.45  ? 13  6FL A CB  1 
HETATM 109 C CG  . 6FL A 1 13 ? -4.662  -5.236  0.841   1.00 9.06  ? 13  6FL A CG  1 
HETATM 110 F FAC . 6FL A 1 13 ? -2.745  -6.318  1.605   1.00 11.21 ? 13  6FL A FAC 1 
HETATM 111 F FAD . 6FL A 1 13 ? -3.732  -5.053  3.031   1.00 11.22 ? 13  6FL A FAD 1 
HETATM 112 F FAE . 6FL A 1 13 ? -4.589  -6.927  2.492   1.00 10.90 ? 13  6FL A FAE 1 
HETATM 113 F FAF . 6FL A 1 13 ? -6.243  -4.308  2.349   1.00 14.64 ? 13  6FL A FAF 1 
HETATM 114 F FAG . 6FL A 1 13 ? -6.764  -4.352  0.293   1.00 9.46  ? 13  6FL A FAG 1 
HETATM 115 F FAH . 6FL A 1 13 ? -6.742  -6.172  1.372   1.00 13.14 ? 13  6FL A FAH 1 
HETATM 116 C CD1 . 6FL A 1 13 ? -3.932  -5.893  2.008   1.00 8.86  ? 13  6FL A CD1 1 
HETATM 117 C CD2 . 6FL A 1 13 ? -6.121  -5.006  1.199   1.00 9.71  ? 13  6FL A CD2 1 
ATOM   118 N N   . GLN A 1 14 ? -2.316  -2.364  -1.767  1.00 5.70  ? 14  GLN A N   1 
ATOM   119 C CA  . GLN A 1 14 ? -1.297  -1.370  -2.077  1.00 6.18  ? 14  GLN A CA  1 
ATOM   120 C C   . GLN A 1 14 ? -1.934  -0.247  -2.915  1.00 6.21  ? 14  GLN A C   1 
ATOM   121 O O   . GLN A 1 14 ? -1.685  0.941   -2.678  1.00 6.50  ? 14  GLN A O   1 
ATOM   122 C CB  . GLN A 1 14 ? -0.173  -2.057  -2.843  1.00 6.85  ? 14  GLN A CB  1 
ATOM   123 C CG  . GLN A 1 14 ? 1.013   -1.154  -3.107  1.00 7.37  ? 14  GLN A CG  1 
ATOM   124 C CD  . GLN A 1 14 ? 2.006   -1.798  -4.005  1.00 9.00  ? 14  GLN A CD  1 
ATOM   125 O OE1 . GLN A 1 14 ? 2.323   -2.983  -3.872  1.00 11.15 ? 14  GLN A OE1 1 
ATOM   126 N NE2 . GLN A 1 14 ? 2.542   -1.038  -4.936  1.00 10.14 ? 14  GLN A NE2 1 
ATOM   127 N N   . GLU A 1 15 ? -2.729  -0.632  -3.908  1.00 6.23  ? 15  GLU A N   1 
ATOM   128 C CA  . GLU A 1 15 ? -3.374  0.331   -4.800  1.00 6.42  ? 15  GLU A CA  1 
ATOM   129 C C   . GLU A 1 15 ? -4.436  1.148   -4.099  1.00 5.77  ? 15  GLU A C   1 
ATOM   130 O O   . GLU A 1 15 ? -4.647  2.313   -4.412  1.00 6.47  ? 15  GLU A O   1 
ATOM   131 C CB  . GLU A 1 15 ? -3.892  -0.369  -6.050  1.00 8.20  ? 15  GLU A CB  1 
ATOM   132 C CG  . GLU A 1 15 ? -2.728  -0.901  -6.889  1.00 10.30 ? 15  GLU A CG  1 
ATOM   133 C CD  . GLU A 1 15 ? -1.763  0.186   -7.341  1.00 11.91 ? 15  GLU A CD  1 
ATOM   134 O OE1 . GLU A 1 15 ? -2.237  1.129   -8.016  1.00 13.25 ? 15  GLU A OE1 1 
ATOM   135 O OE2 . GLU A 1 15 ? -0.561  0.130   -6.973  1.00 12.68 ? 15  GLU A OE2 1 
ATOM   136 N N   . ARG A 1 16 ? -5.139  0.533   -3.138  1.00 5.82  ? 16  ARG A N   1 
ATOM   137 C CA  . ARG A 1 16 ? -6.110  1.283   -2.350  1.00 6.13  ? 16  ARG A CA  1 
ATOM   138 C C   . ARG A 1 16 ? -5.390  2.348   -1.520  1.00 5.53  ? 16  ARG A C   1 
ATOM   139 O O   . ARG A 1 16 ? -5.891  3.469   -1.388  1.00 6.45  ? 16  ARG A O   1 
ATOM   140 C CB  . ARG A 1 16 ? -6.962  0.353   -1.508  1.00 6.63  ? 16  ARG A CB  1 
ATOM   141 C CG  . ARG A 1 16 ? -7.964  -0.408  -2.382  1.00 6.78  ? 16  ARG A CG  1 
ATOM   142 C CD  . ARG A 1 16 ? -8.735  -1.455  -1.602  1.00 7.15  ? 16  ARG A CD  1 
ATOM   143 N NE  . ARG A 1 16 ? -9.667  -2.133  -2.497  1.00 7.46  ? 16  ARG A NE  1 
ATOM   144 C CZ  . ARG A 1 16 ? -10.873 -1.664  -2.792  1.00 7.49  ? 16  ARG A CZ  1 
ATOM   145 N NH1 . ARG A 1 16 ? -11.342 -0.571  -2.191  1.00 8.90  ? 16  ARG A NH1 1 
ATOM   146 N NH2 . ARG A 1 16 ? -11.615 -2.267  -3.696  1.00 9.36  ? 16  ARG A NH2 1 
ATOM   147 N N   . LEU A 1 17 ? -4.225  2.012   -0.948  1.00 5.86  ? 17  LEU A N   1 
ATOM   148 C CA  . LEU A 1 17 ? -3.444  3.006   -0.193  1.00 6.10  ? 17  LEU A CA  1 
ATOM   149 C C   . LEU A 1 17 ? -2.977  4.119   -1.120  1.00 6.65  ? 17  LEU A C   1 
ATOM   150 O O   . LEU A 1 17 ? -3.017  5.291   -0.738  1.00 6.98  ? 17  LEU A O   1 
ATOM   151 C CB  . LEU A 1 17 ? -2.289  2.332   0.536   1.00 5.92  ? 17  LEU A CB  1 
ATOM   152 C CG  . LEU A 1 17 ? -2.706  1.481   1.709   1.00 6.23  ? 17  LEU A CG  1 
ATOM   153 C CD1 . LEU A 1 17 ? -1.653  0.478   2.038   1.00 7.83  ? 17  LEU A CD1 1 
ATOM   154 C CD2 . LEU A 1 17 ? -3.077  2.335   2.922   1.00 8.06  ? 17  LEU A CD2 1 
ATOM   155 N N   . ARG A 1 18 ? -2.518  3.772   -2.323  1.00 6.06  ? 18  ARG A N   1 
ATOM   156 C CA  . ARG A 1 18 ? -2.116  4.742   -3.330  1.00 6.50  ? 18  ARG A CA  1 
ATOM   157 C C   . ARG A 1 18 ? -3.251  5.741   -3.589  1.00 7.52  ? 18  ARG A C   1 
ATOM   158 O O   . ARG A 1 18 ? -3.018  6.954   -3.643  1.00 8.04  ? 18  ARG A O   1 
ATOM   159 C CB  . ARG A 1 18 ? -1.710  4.003   -4.614  1.00 7.62  ? 18  ARG A CB  1 
ATOM   160 C CG  . ARG A 1 18 ? -1.331  4.896   -5.787  1.00 8.14  ? 18  ARG A CG  1 
ATOM   161 C CD  . ARG A 1 18 ? -1.020  4.028   -6.985  1.00 10.36 ? 18  ARG A CD  1 
ATOM   162 N NE  . ARG A 1 18 ? -0.712  4.809   -8.175  1.00 8.59  ? 18  ARG A NE  1 
ATOM   163 C CZ  . ARG A 1 18 ? -0.805  4.368   -9.415  1.00 9.71  ? 18  ARG A CZ  1 
ATOM   164 N NH1 . ARG A 1 18 ? -1.279  3.147   -9.665  1.00 9.74  ? 18  ARG A NH1 1 
ATOM   165 N NH2 . ARG A 1 18 ? -0.461  5.149   -10.419 1.00 9.40  ? 18  ARG A NH2 1 
ATOM   166 N N   A LYS A 1 19 ? -4.484  5.240   -3.743  0.50 7.05  ? 19  LYS A N   1 
ATOM   167 N N   B LYS A 1 19 ? -4.470  5.251   -3.763  0.50 6.49  ? 19  LYS A N   1 
ATOM   168 C CA  A LYS A 1 19 ? -5.660  6.056   -4.012  0.50 8.11  ? 19  LYS A CA  1 
ATOM   169 C CA  B LYS A 1 19 ? -5.600  6.110   -4.034  0.50 7.21  ? 19  LYS A CA  1 
ATOM   170 C C   A LYS A 1 19 ? -6.037  6.899   -2.820  0.50 9.15  ? 19  LYS A C   1 
ATOM   171 C C   B LYS A 1 19 ? -5.947  6.943   -2.813  0.50 8.21  ? 19  LYS A C   1 
ATOM   172 O O   A LYS A 1 19 ? -6.504  8.023   -2.999  0.50 9.69  ? 19  LYS A O   1 
ATOM   173 O O   B LYS A 1 19 ? -6.256  8.125   -2.966  0.50 8.52  ? 19  LYS A O   1 
ATOM   174 C CB  A LYS A 1 19 ? -6.843  5.168   -4.414  0.50 10.12 ? 19  LYS A CB  1 
ATOM   175 C CB  B LYS A 1 19 ? -6.793  5.256   -4.471  0.50 9.02  ? 19  LYS A CB  1 
ATOM   176 C CG  A LYS A 1 19 ? -6.711  4.626   -5.822  0.50 12.71 ? 19  LYS A CG  1 
ATOM   177 C CG  B LYS A 1 19 ? -8.043  6.054   -4.773  0.50 9.82  ? 19  LYS A CG  1 
ATOM   178 C CD  A LYS A 1 19 ? -7.836  3.690   -6.216  0.50 20.41 ? 19  LYS A CD  1 
ATOM   179 C CD  B LYS A 1 19 ? -9.147  5.190   -5.355  0.50 15.34 ? 19  LYS A CD  1 
ATOM   180 C CE  A LYS A 1 19 ? -7.603  3.146   -7.605  0.50 21.65 ? 19  LYS A CE  1 
ATOM   181 C CE  B LYS A 1 19 ? -10.361 6.026   -5.672  0.50 23.40 ? 19  LYS A CE  1 
ATOM   182 N NZ  A LYS A 1 19 ? -8.734  2.306   -8.069  0.50 24.20 ? 19  LYS A NZ  1 
ATOM   183 N NZ  B LYS A 1 19 ? -11.477 5.199   -6.198  0.50 34.36 ? 19  LYS A NZ  1 
HETATM 184 C C   . 6FL A 1 20 ? -5.288  8.261   -0.175  1.00 8.60  ? 20  6FL A C   1 
HETATM 185 N N   . 6FL A 1 20 ? -5.878  6.367   -1.610  1.00 7.58  ? 20  6FL A N   1 
HETATM 186 O O   . 6FL A 1 20 ? -5.717  9.283   0.334   1.00 9.31  ? 20  6FL A O   1 
HETATM 187 C CA  . 6FL A 1 20 ? -6.238  7.113   -0.422  1.00 7.65  ? 20  6FL A CA  1 
HETATM 188 C CB  . 6FL A 1 20 ? -6.313  6.262   0.814   1.00 8.08  ? 20  6FL A CB  1 
HETATM 189 C CG  . 6FL A 1 20 ? -7.389  5.151   0.722   1.00 10.35 ? 20  6FL A CG  1 
HETATM 190 F FAC . 6FL A 1 20 ? -6.165  4.105   2.452   1.00 11.13 ? 20  6FL A FAC 1 
HETATM 191 F FAD . 6FL A 1 20 ? -7.987  5.112   3.030   1.00 12.56 ? 20  6FL A FAD 1 
HETATM 192 F FAE . 6FL A 1 20 ? -8.079  3.235   1.969   1.00 12.20 ? 20  6FL A FAE 1 
HETATM 193 F FAF . 6FL A 1 20 ? -9.069  6.745   0.983   1.00 12.65 ? 20  6FL A FAF 1 
HETATM 194 F FAG . 6FL A 1 20 ? -8.866  5.928   -0.932  1.00 12.08 ? 20  6FL A FAG 1 
HETATM 195 F FAH . 6FL A 1 20 ? -9.751  4.698   0.560   1.00 13.59 ? 20  6FL A FAH 1 
HETATM 196 C CD1 . 6FL A 1 20 ? -7.422  4.406   2.068   1.00 11.19 ? 20  6FL A CD1 1 
HETATM 197 C CD2 . 6FL A 1 20 ? -8.788  5.639   0.332   1.00 11.40 ? 20  6FL A CD2 1 
ATOM   198 N N   . ARG A 1 21 ? -4.007  8.104   -0.526  1.00 7.24  ? 21  ARG A N   1 
ATOM   199 C CA  . ARG A 1 21 ? -3.071  9.219   -0.429  1.00 8.06  ? 21  ARG A CA  1 
ATOM   200 C C   . ARG A 1 21 ? -3.588  10.383  -1.253  1.00 9.46  ? 21  ARG A C   1 
ATOM   201 O O   . ARG A 1 21 ? -3.559  11.539  -0.796  1.00 10.25 ? 21  ARG A O   1 
ATOM   202 C CB  . ARG A 1 21 ? -1.705  8.766   -0.935  1.00 7.39  ? 21  ARG A CB  1 
ATOM   203 C CG  . ARG A 1 21 ? -0.933  7.976   0.110   1.00 7.38  ? 21  ARG A CG  1 
ATOM   204 C CD  . ARG A 1 21 ? 0.292   7.278   -0.446  1.00 7.38  ? 21  ARG A CD  1 
ATOM   205 N NE  . ARG A 1 21 ? 1.181   8.276   -1.042  1.00 7.90  ? 21  ARG A NE  1 
ATOM   206 C CZ  . ARG A 1 21 ? 1.813   8.134   -2.211  1.00 8.35  ? 21  ARG A CZ  1 
ATOM   207 N NH1 . ARG A 1 21 ? 2.451   9.163   -2.757  1.00 9.60  ? 21  ARG A NH1 1 
ATOM   208 N NH2 . ARG A 1 21 ? 1.832   6.958   -2.824  1.00 10.32 ? 21  ARG A NH2 1 
ATOM   209 N N   . LYS A 1 22 ? -4.059  10.093  -2.477  1.00 8.69  ? 22  LYS A N   1 
ATOM   210 C CA  . LYS A 1 22 ? -4.596  11.149  -3.332  1.00 10.41 ? 22  LYS A CA  1 
ATOM   211 C C   . LYS A 1 22 ? -5.895  11.725  -2.766  1.00 12.50 ? 22  LYS A C   1 
ATOM   212 O O   . LYS A 1 22 ? -6.080  12.946  -2.821  1.00 14.10 ? 22  LYS A O   1 
ATOM   213 C CB  . LYS A 1 22 ? -4.863  10.603  -4.739  1.00 11.74 ? 22  LYS A CB  1 
ATOM   214 C CG  . LYS A 1 22 ? -3.614  10.058  -5.400  1.00 13.22 ? 22  LYS A CG  1 
ATOM   215 C CD  . LYS A 1 22 ? -3.905  9.312   -6.687  1.00 16.10 ? 22  LYS A CD  1 
ATOM   216 C CE  . LYS A 1 22 ? -2.662  8.565   -7.141  1.00 15.60 ? 22  LYS A CE  1 
ATOM   217 N NZ  . LYS A 1 22 ? -2.820  7.962   -8.497  1.00 15.74 ? 22  LYS A NZ  1 
ATOM   218 N N   . LYS A 1 23 ? -6.800  10.871  -2.264  1.00 12.55 ? 23  LYS A N   1 
ATOM   219 C CA  . LYS A 1 23 ? -8.117  11.285  -1.751  1.00 14.66 ? 23  LYS A CA  1 
ATOM   220 C C   . LYS A 1 23 ? -8.002  12.131  -0.508  1.00 18.73 ? 23  LYS A C   1 
ATOM   221 O O   . LYS A 1 23 ? -8.769  13.081  -0.341  1.00 19.32 ? 23  LYS A O   1 
ATOM   222 C CB  . LYS A 1 23 ? -9.042  10.089  -1.524  1.00 16.36 ? 23  LYS A CB  1 
ATOM   223 C CG  . LYS A 1 23 ? -9.556  9.469   -2.815  1.00 28.15 ? 23  LYS A CG  1 
ATOM   224 C CD  . LYS A 1 23 ? -10.462 8.278   -2.541  1.00 41.56 ? 23  LYS A CD  1 
ATOM   225 N N   . LEU A 1 24 ? -7.036  11.814  0.352   1.00 16.78 ? 24  LEU A N   1 
ATOM   226 C CA  . LEU A 1 24 ? -6.750  12.539  1.578   1.00 17.73 ? 24  LEU A CA  1 
ATOM   227 C C   . LEU A 1 24 ? -6.438  13.998  1.225   1.00 20.34 ? 24  LEU A C   1 
ATOM   228 O O   . LEU A 1 24 ? -6.914  14.894  1.918   1.00 20.78 ? 24  LEU A O   1 
ATOM   229 C CB  . LEU A 1 24 ? -5.583  11.844  2.318   1.00 17.41 ? 24  LEU A CB  1 
ATOM   230 C CG  . LEU A 1 24 ? -4.948  12.531  3.530   1.00 22.91 ? 24  LEU A CG  1 
ATOM   231 C CD1 . LEU A 1 24 ? -5.971  12.807  4.615   1.00 24.65 ? 24  LEU A CD1 1 
ATOM   232 C CD2 . LEU A 1 24 ? -3.898  11.632  4.134   1.00 25.92 ? 24  LEU A CD2 1 
ATOM   233 N N   . ARG A 1 25 ? -5.688  14.235  0.130   1.00 17.46 ? 25  ARG A N   1 
ATOM   234 C CA  . ARG A 1 25 ? -5.334  15.589  -0.299  1.00 17.73 ? 25  ARG A CA  1 
ATOM   235 C C   . ARG A 1 25 ? -6.429  16.295  -1.080  1.00 21.45 ? 25  ARG A C   1 
ATOM   236 O O   . ARG A 1 25 ? -6.495  17.524  -1.029  1.00 22.84 ? 25  ARG A O   1 
ATOM   237 C CB  . ARG A 1 25 ? -4.046  15.597  -1.120  1.00 17.47 ? 25  ARG A CB  1 
ATOM   238 C CG  . ARG A 1 25 ? -2.892  14.871  -0.471  1.00 17.39 ? 25  ARG A CG  1 
ATOM   239 C CD  . ARG A 1 25 ? -1.619  15.232  -1.175  1.00 17.18 ? 25  ARG A CD  1 
ATOM   240 N NE  . ARG A 1 25 ? -1.198  16.568  -0.767  1.00 20.01 ? 25  ARG A NE  1 
ATOM   241 C CZ  . ARG A 1 25 ? -0.378  17.353  -1.457  1.00 24.42 ? 25  ARG A CZ  1 
ATOM   242 N NH1 . ARG A 1 25 ? 0.098   16.957  -2.630  1.00 23.55 ? 25  ARG A NH1 1 
ATOM   243 N NH2 . ARG A 1 25 ? -0.038  18.544  -0.984  1.00 23.86 ? 25  ARG A NH2 1 
ATOM   244 N N   . SER A 1 26 ? -7.258  15.560  -1.836  1.00 19.01 ? 26  SER A N   1 
ATOM   245 C CA  . SER A 1 26 ? -8.315  16.194  -2.631  1.00 24.51 ? 26  SER A CA  1 
ATOM   246 C C   . SER A 1 26 ? -9.598  16.456  -1.834  1.00 66.65 ? 26  SER A C   1 
ATOM   247 O O   . SER A 1 26 ? -9.798  15.888  -0.763  1.00 35.02 ? 26  SER A O   1 
ATOM   248 C CB  . SER A 1 26 ? -8.612  15.384  -3.887  1.00 27.75 ? 26  SER A CB  1 
ATOM   249 O OG  . SER A 1 26 ? -9.169  14.124  -3.563  1.00 30.53 ? 26  SER A OG  1 
ATOM   250 N N   . GLY B 1 1  ? 1.390   18.259  10.939  1.00 13.26 ? 1   GLY B N   1 
ATOM   251 C CA  . GLY B 1 1  ? 0.052   18.358  10.368  1.00 13.18 ? 1   GLY B CA  1 
ATOM   252 C C   . GLY B 1 1  ? -0.572  16.984  10.309  1.00 11.86 ? 1   GLY B C   1 
ATOM   253 O O   . GLY B 1 1  ? 0.062   16.044  9.820   1.00 11.19 ? 1   GLY B O   1 
ATOM   254 N N   . ASN B 1 2  ? -1.788  16.822  10.844  1.00 11.71 ? 2   ASN B N   1 
ATOM   255 C CA  . ASN B 1 2  ? -2.402  15.502  10.906  1.00 11.67 ? 2   ASN B CA  1 
ATOM   256 C C   . ASN B 1 2  ? -2.579  14.823  9.563   1.00 11.30 ? 2   ASN B C   1 
ATOM   257 O O   . ASN B 1 2  ? -2.324  13.621  9.450   1.00 10.64 ? 2   ASN B O   1 
ATOM   258 C CB  . ASN B 1 2  ? -3.709  15.538  11.673  1.00 13.92 ? 2   ASN B CB  1 
ATOM   259 C CG  . ASN B 1 2  ? -3.516  15.830  13.153  1.00 19.53 ? 2   ASN B CG  1 
ATOM   260 O OD1 . ASN B 1 2  ? -2.454  15.556  13.744  1.00 20.65 ? 2   ASN B OD1 1 
ATOM   261 N ND2 . ASN B 1 2  ? -4.543  16.374  13.791  1.00 18.19 ? 2   ASN B ND2 1 
ATOM   262 N N   . ALA B 1 3  ? -3.060  15.562  8.546   1.00 11.54 ? 3   ALA B N   1 
ATOM   263 C CA  . ALA B 1 3  ? -3.274  14.974  7.226   1.00 11.09 ? 3   ALA B CA  1 
ATOM   264 C C   . ALA B 1 3  ? -1.922  14.535  6.636   1.00 10.35 ? 3   ALA B C   1 
ATOM   265 O O   . ALA B 1 3  ? -1.799  13.429  6.113   1.00 9.82  ? 3   ALA B O   1 
ATOM   266 C CB  . ALA B 1 3  ? -3.981  15.963  6.302   1.00 13.07 ? 3   ALA B CB  1 
ATOM   267 N N   . ASP B 1 4  ? -0.914  15.391  6.761   1.00 9.94  ? 4   ASP B N   1 
ATOM   268 C CA  . ASP B 1 4  ? 0.410   15.080  6.252   1.00 10.00 ? 4   ASP B CA  1 
ATOM   269 C C   . ASP B 1 4  ? 0.990   13.859  6.952   1.00 8.40  ? 4   ASP B C   1 
ATOM   270 O O   . ASP B 1 4  ? 1.558   12.972  6.304   1.00 8.49  ? 4   ASP B O   1 
ATOM   271 C CB  . ASP B 1 4  ? 1.332   16.292  6.474   1.00 12.78 ? 4   ASP B CB  1 
ATOM   272 C CG  . ASP B 1 4  ? 2.763   16.140  5.987   1.00 22.74 ? 4   ASP B CG  1 
ATOM   273 O OD1 . ASP B 1 4  ? 2.965   15.561  4.910   1.00 24.92 ? 4   ASP B OD1 1 
ATOM   274 O OD2 . ASP B 1 4  ? 3.680   16.647  6.669   1.00 25.88 ? 4   ASP B OD2 1 
ATOM   275 N N   . GLU B 1 5  ? 0.852   13.800  8.275   1.00 8.22  ? 5   GLU B N   1 
ATOM   276 C CA  . GLU B 1 5  ? 1.401   12.664  9.012   1.00 8.01  ? 5   GLU B CA  1 
ATOM   277 C C   . GLU B 1 5  ? 0.670   11.380  8.675   1.00 8.28  ? 5   GLU B C   1 
ATOM   278 O O   . GLU B 1 5  ? 1.297   10.320  8.555   1.00 8.00  ? 5   GLU B O   1 
ATOM   279 C CB  . GLU B 1 5  ? 1.383   12.937  10.518  1.00 9.03  ? 5   GLU B CB  1 
ATOM   280 C CG  . GLU B 1 5  ? 2.324   14.094  10.875  1.00 10.44 ? 5   GLU B CG  1 
ATOM   281 C CD  . GLU B 1 5  ? 3.790   13.825  10.560  1.00 11.49 ? 5   GLU B CD  1 
ATOM   282 O OE1 . GLU B 1 5  ? 4.232   12.668  10.713  1.00 12.29 ? 5   GLU B OE1 1 
ATOM   283 O OE2 . GLU B 1 5  ? 4.457   14.748  10.041  1.00 13.93 ? 5   GLU B OE2 1 
HETATM 284 C C   A 6FL B 1 6  ? -0.943  9.812   6.736   0.50 8.33  ? 6   6FL B C   1 
HETATM 285 C C   B 6FL B 1 6  ? -0.970  9.784   6.648   0.50 6.71  ? 6   6FL B C   1 
HETATM 286 N N   A 6FL B 1 6  ? -0.631  11.474  8.483   0.50 7.45  ? 6   6FL B N   1 
HETATM 287 N N   B 6FL B 1 6  ? -0.656  11.438  8.441   0.50 6.96  ? 6   6FL B N   1 
HETATM 288 O O   A 6FL B 1 6  ? -0.709  8.613   6.568   0.50 8.26  ? 6   6FL B O   1 
HETATM 289 O O   B 6FL B 1 6  ? -0.876  8.598   6.346   0.50 5.95  ? 6   6FL B O   1 
HETATM 290 C CA  A 6FL B 1 6  ? -1.379  10.295  8.117   0.50 7.71  ? 6   6FL B CA  1 
HETATM 291 C CA  B 6FL B 1 6  ? -1.390  10.217  8.052   0.50 6.92  ? 6   6FL B CA  1 
HETATM 292 C CB  A 6FL B 1 6  ? -2.848  10.677  8.167   0.50 8.55  ? 6   6FL B CB  1 
HETATM 293 C CB  B 6FL B 1 6  ? -2.903  10.478  8.001   0.50 7.71  ? 6   6FL B CB  1 
HETATM 294 C CG  A 6FL B 1 6  ? -3.642  9.389   8.231   0.50 12.34 ? 6   6FL B CG  1 
HETATM 295 C CG  B 6FL B 1 6  ? -3.543  10.667  9.384   0.50 9.30  ? 6   6FL B CG  1 
HETATM 296 F FAC A 6FL B 1 6  ? -5.037  9.916   10.047  0.50 14.88 ? 6   6FL B FAC 1 
HETATM 297 F FAC B 6FL B 1 6  ? -5.110  11.977  8.291   0.50 12.88 ? 6   6FL B FAC 1 
HETATM 298 F FAD A 6FL B 1 6  ? -4.627  7.812   9.788   0.50 19.22 ? 6   6FL B FAD 1 
HETATM 299 F FAD B 6FL B 1 6  ? -5.760  9.991   8.870   0.50 13.48 ? 6   6FL B FAD 1 
HETATM 300 F FAE A 6FL B 1 6  ? -3.066  9.101   10.470  0.50 19.22 ? 6   6FL B FAE 1 
HETATM 301 F FAE B 6FL B 1 6  ? -5.507  11.546  10.333  0.50 13.37 ? 6   6FL B FAE 1 
HETATM 302 F FAF A 6FL B 1 6  ? -5.343  8.323   7.558   0.50 21.01 ? 6   6FL B FAF 1 
HETATM 303 F FAF B 6FL B 1 6  ? -4.164  9.548   11.341  0.50 12.92 ? 6   6FL B FAF 1 
HETATM 304 F FAG A 6FL B 1 6  ? -5.582  10.501  7.480   0.50 14.01 ? 6   6FL B FAG 1 
HETATM 305 F FAG B 6FL B 1 6  ? -3.630  8.347   9.656   0.50 14.19 ? 6   6FL B FAG 1 
HETATM 306 F FAH A 6FL B 1 6  ? -4.321  9.489   6.013   0.50 17.78 ? 6   6FL B FAH 1 
HETATM 307 F FAH B 6FL B 1 6  ? -2.134  9.393   10.767  0.50 12.47 ? 6   6FL B FAH 1 
HETATM 308 C CD1 A 6FL B 1 6  ? -4.118  9.044   9.663   0.50 14.09 ? 6   6FL B CD1 1 
HETATM 309 C CD1 B 6FL B 1 6  ? -5.016  11.045  9.218   0.50 12.00 ? 6   6FL B CD1 1 
HETATM 310 C CD2 A 6FL B 1 6  ? -4.781  9.464   7.266   0.50 14.91 ? 6   6FL B CD2 1 
HETATM 311 C CD2 B 6FL B 1 6  ? -3.371  9.460   10.307  0.50 12.93 ? 6   6FL B CD2 1 
ATOM   312 N N   . TYR B 1 7  ? -0.765  10.753  5.780   1.00 7.12  ? 7   TYR B N   1 
ATOM   313 C CA  . TYR B 1 7  ? -0.329  10.440  4.417   1.00 6.91  ? 7   TYR B CA  1 
ATOM   314 C C   . TYR B 1 7  ? 0.983   9.659   4.432   1.00 6.75  ? 7   TYR B C   1 
ATOM   315 O O   . TYR B 1 7  ? 1.140   8.674   3.706   1.00 6.66  ? 7   TYR B O   1 
ATOM   316 C CB  . TYR B 1 7  ? -0.158  11.760  3.662   1.00 8.09  ? 7   TYR B CB  1 
ATOM   317 C CG  . TYR B 1 7  ? 0.241   11.680  2.205   1.00 7.74  ? 7   TYR B CG  1 
ATOM   318 C CD1 . TYR B 1 7  ? -0.691  11.894  1.200   1.00 8.56  ? 7   TYR B CD1 1 
ATOM   319 C CD2 . TYR B 1 7  ? 1.566   11.445  1.833   1.00 8.11  ? 7   TYR B CD2 1 
ATOM   320 C CE1 . TYR B 1 7  ? -0.318  11.918  -0.135  1.00 8.52  ? 7   TYR B CE1 1 
ATOM   321 C CE2 . TYR B 1 7  ? 1.947   11.419  0.496   1.00 8.93  ? 7   TYR B CE2 1 
ATOM   322 C CZ  . TYR B 1 7  ? 1.000   11.671  -0.483  1.00 9.17  ? 7   TYR B CZ  1 
ATOM   323 O OH  . TYR B 1 7  ? 1.407   11.673  -1.787  1.00 11.16 ? 7   TYR B OH  1 
ATOM   324 N N   . LYS B 1 8  ? 1.942   10.108  5.260   1.00 6.28  ? 8   LYS B N   1 
ATOM   325 C CA  . LYS B 1 8  ? 3.230   9.436   5.366   1.00 6.22  ? 8   LYS B CA  1 
ATOM   326 C C   . LYS B 1 8  ? 3.062   8.000   5.809   1.00 5.71  ? 8   LYS B C   1 
ATOM   327 O O   . LYS B 1 8  ? 3.727   7.106   5.285   1.00 6.20  ? 8   LYS B O   1 
ATOM   328 C CB  . LYS B 1 8  ? 4.122   10.193  6.332   1.00 7.11  ? 8   LYS B CB  1 
ATOM   329 C CG  . LYS B 1 8  ? 4.555   11.566  5.863   1.00 8.64  ? 8   LYS B CG  1 
ATOM   330 C CD  . LYS B 1 8  ? 5.409   12.219  6.992   1.00 12.27 ? 8   LYS B CD  1 
ATOM   331 C CE  . LYS B 1 8  ? 5.791   13.658  6.803   1.00 12.42 ? 8   LYS B CE  1 
ATOM   332 N NZ  . LYS B 1 8  ? 6.390   14.160  8.057   1.00 12.35 ? 8   LYS B NZ  1 
ATOM   333 N N   . GLU B 1 9  ? 2.195   7.774   6.811   1.00 5.78  ? 9   GLU B N   1 
ATOM   334 C CA  . GLU B 1 9  ? 1.980   6.414   7.296   1.00 5.77  ? 9   GLU B CA  1 
ATOM   335 C C   . GLU B 1 9  ? 1.314   5.545   6.235   1.00 5.95  ? 9   GLU B C   1 
ATOM   336 O O   . GLU B 1 9  ? 1.708   4.374   6.079   1.00 6.62  ? 9   GLU B O   1 
ATOM   337 C CB  . GLU B 1 9  ? 1.152   6.417   8.578   1.00 7.16  ? 9   GLU B CB  1 
ATOM   338 C CG  . GLU B 1 9  ? 1.852   7.079   9.747   1.00 8.84  ? 9   GLU B CG  1 
ATOM   339 C CD  . GLU B 1 9  ? 3.186   6.463   10.104  1.00 9.27  ? 9   GLU B CD  1 
ATOM   340 O OE1 . GLU B 1 9  ? 3.286   5.223   10.248  1.00 10.78 ? 9   GLU B OE1 1 
ATOM   341 O OE2 . GLU B 1 9  ? 4.135   7.246   10.323  1.00 13.18 ? 9   GLU B OE2 1 
ATOM   342 N N   . LEU B 1 10 ? 0.367   6.096   5.471   1.00 5.91  ? 10  LEU B N   1 
ATOM   343 C CA  . LEU B 1 10 ? -0.233  5.322   4.384   1.00 5.65  ? 10  LEU B CA  1 
ATOM   344 C C   . LEU B 1 10 ? 0.816   4.935   3.369   1.00 5.63  ? 10  LEU B C   1 
ATOM   345 O O   . LEU B 1 10 ? 0.866   3.770   2.913   1.00 6.12  ? 10  LEU B O   1 
ATOM   346 C CB  . LEU B 1 10 ? -1.323  6.109   3.697   1.00 6.55  ? 10  LEU B CB  1 
ATOM   347 C CG  . LEU B 1 10 ? -2.530  6.510   4.529   1.00 7.83  ? 10  LEU B CG  1 
ATOM   348 C CD1 . LEU B 1 10 ? -3.608  7.069   3.641   1.00 11.54 ? 10  LEU B CD1 1 
ATOM   349 C CD2 . LEU B 1 10 ? -3.094  5.330   5.350   1.00 10.23 ? 10  LEU B CD2 1 
ATOM   350 N N   . GLU B 1 11 ? 1.699   5.876   3.004   1.00 5.61  ? 11  GLU B N   1 
ATOM   351 C CA  . GLU B 1 11 ? 2.747   5.579   2.044   1.00 5.73  ? 11  GLU B CA  1 
ATOM   352 C C   . GLU B 1 11 ? 3.736   4.548   2.567   1.00 5.77  ? 11  GLU B C   1 
ATOM   353 O O   . GLU B 1 11 ? 4.207   3.680   1.816   1.00 6.25  ? 11  GLU B O   1 
ATOM   354 C CB  . GLU B 1 11 ? 3.444   6.841   1.574   1.00 6.68  ? 11  GLU B CB  1 
ATOM   355 C CG  . GLU B 1 11 ? 4.206   6.578   0.280   1.00 8.45  ? 11  GLU B CG  1 
ATOM   356 C CD  . GLU B 1 11 ? 4.705   7.806   -0.456  1.00 9.08  ? 11  GLU B CD  1 
ATOM   357 O OE1 . GLU B 1 11 ? 4.541   8.933   0.064   1.00 9.61  ? 11  GLU B OE1 1 
ATOM   358 O OE2 . GLU B 1 11 ? 5.227   7.640   -1.588  1.00 10.90 ? 11  GLU B OE2 1 
ATOM   359 N N   . ASP B 1 12 ? 4.031   4.592   3.877   1.00 5.93  ? 12  ASP B N   1 
ATOM   360 C CA  . ASP B 1 12 ? 4.904   3.570   4.451   1.00 6.12  ? 12  ASP B CA  1 
ATOM   361 C C   . ASP B 1 12 ? 4.280   2.190   4.360   1.00 6.11  ? 12  ASP B C   1 
ATOM   362 O O   . ASP B 1 12 ? 4.978   1.213   4.100   1.00 6.20  ? 12  ASP B O   1 
ATOM   363 C CB  . ASP B 1 12 ? 5.218   3.864   5.903   1.00 7.32  ? 12  ASP B CB  1 
ATOM   364 C CG  . ASP B 1 12 ? 6.277   4.888   6.167   1.00 9.99  ? 12  ASP B CG  1 
ATOM   365 O OD1 . ASP B 1 12 ? 6.751   5.523   5.199   1.00 9.92  ? 12  ASP B OD1 1 
ATOM   366 O OD2 . ASP B 1 12 ? 6.650   5.050   7.353   1.00 11.01 ? 12  ASP B OD2 1 
HETATM 367 C C   . 6FL B 1 13 ? 2.317   0.318   3.040   1.00 5.67  ? 13  6FL B C   1 
HETATM 368 N N   . 6FL B 1 13 ? 2.968   2.100   4.594   1.00 5.76  ? 13  6FL B N   1 
HETATM 369 O O   . 6FL B 1 13 ? 2.535   -0.864  2.764   1.00 6.02  ? 13  6FL B O   1 
HETATM 370 C CA  . 6FL B 1 13 ? 2.327   0.789   4.495   1.00 6.02  ? 13  6FL B CA  1 
HETATM 371 C CB  . 6FL B 1 13 ? 0.889   0.777   4.998   1.00 6.76  ? 13  6FL B CB  1 
HETATM 372 C CG  . 6FL B 1 13 ? 0.649   1.387   6.391   1.00 7.85  ? 13  6FL B CG  1 
HETATM 373 F FAC . 6FL B 1 13 ? -1.464  2.229   5.849   1.00 8.61  ? 13  6FL B FAC 1 
HETATM 374 F FAD . 6FL B 1 13 ? -1.420  0.182   6.438   1.00 9.56  ? 13  6FL B FAD 1 
HETATM 375 F FAE . 6FL B 1 13 ? -1.200  1.708   7.884   1.00 9.30  ? 13  6FL B FAE 1 
HETATM 376 F FAF . 6FL B 1 13 ? 0.801   -0.415  7.945   1.00 10.98 ? 13  6FL B FAF 1 
HETATM 377 F FAG . 6FL B 1 13 ? 2.645   0.460   7.308   1.00 9.51  ? 13  6FL B FAG 1 
HETATM 378 F FAH . 6FL B 1 13 ? 1.343   1.501   8.639   1.00 11.18 ? 13  6FL B FAH 1 
HETATM 379 C CD1 . 6FL B 1 13 ? -0.856  1.378   6.658   1.00 7.52  ? 13  6FL B CD1 1 
HETATM 380 C CD2 . 6FL B 1 13 ? 1.384   0.706   7.545   1.00 8.64  ? 13  6FL B CD2 1 
ATOM   381 N N   . GLN B 1 14 ? 2.048   1.241   2.121   1.00 5.92  ? 14  GLN B N   1 
ATOM   382 C CA  . GLN B 1 14 ? 2.066   0.946   0.682   1.00 5.79  ? 14  GLN B CA  1 
ATOM   383 C C   . GLN B 1 14 ? 3.430   0.369   0.269   1.00 6.24  ? 14  GLN B C   1 
ATOM   384 O O   . GLN B 1 14 ? 3.509   -0.612  -0.488  1.00 6.62  ? 14  GLN B O   1 
ATOM   385 C CB  . GLN B 1 14 ? 1.732   2.223   -0.083  1.00 6.59  ? 14  GLN B CB  1 
ATOM   386 C CG  . GLN B 1 14 ? 1.637   2.063   -1.574  1.00 7.44  ? 14  GLN B CG  1 
ATOM   387 C CD  . GLN B 1 14 ? 1.541   3.383   -2.258  1.00 7.65  ? 14  GLN B CD  1 
ATOM   388 O OE1 . GLN B 1 14 ? 1.438   4.452   -1.629  1.00 10.76 ? 14  GLN B OE1 1 
ATOM   389 N NE2 . GLN B 1 14 ? 1.599   3.381   -3.569  1.00 8.74  ? 14  GLN B NE2 1 
ATOM   390 N N   A GLU B 1 15 ? 4.523   0.986   0.781   0.50 6.78  ? 15  GLU B N   1 
ATOM   391 N N   B GLU B 1 15 ? 4.492   0.975   0.767   0.50 5.81  ? 15  GLU B N   1 
ATOM   392 C CA  A GLU B 1 15 ? 5.901   0.563   0.498   0.50 7.87  ? 15  GLU B CA  1 
ATOM   393 C CA  B GLU B 1 15 ? 5.839   0.545   0.445   0.50 6.12  ? 15  GLU B CA  1 
ATOM   394 C C   A GLU B 1 15 ? 6.167   -0.829  1.023   0.50 8.00  ? 15  GLU B C   1 
ATOM   395 C C   B GLU B 1 15 ? 6.144   -0.841  1.014   0.50 6.73  ? 15  GLU B C   1 
ATOM   396 O O   A GLU B 1 15 ? 6.834   -1.618  0.354   0.50 8.04  ? 15  GLU B O   1 
ATOM   397 O O   B GLU B 1 15 ? 6.778   -1.651  0.339   0.50 7.12  ? 15  GLU B O   1 
ATOM   398 C CB  A GLU B 1 15 ? 6.916   1.528   1.133   0.50 9.20  ? 15  GLU B CB  1 
ATOM   399 C CB  B GLU B 1 15 ? 6.813   1.600   0.951   0.50 6.74  ? 15  GLU B CB  1 
ATOM   400 C CG  A GLU B 1 15 ? 7.165   2.803   0.349   0.50 16.30 ? 15  GLU B CG  1 
ATOM   401 C CG  B GLU B 1 15 ? 8.272   1.220   0.867   0.50 9.71  ? 15  GLU B CG  1 
ATOM   402 C CD  A GLU B 1 15 ? 8.148   3.800   0.938   0.50 37.28 ? 15  GLU B CD  1 
ATOM   403 C CD  B GLU B 1 15 ? 9.218   2.223   1.493   0.50 17.24 ? 15  GLU B CD  1 
ATOM   404 O OE1 A GLU B 1 15 ? 9.008   3.399   1.755   0.50 43.14 ? 15  GLU B OE1 1 
ATOM   405 O OE1 B GLU B 1 15 ? 8.747   3.146   2.199   0.50 15.32 ? 15  GLU B OE1 1 
ATOM   406 O OE2 A GLU B 1 15 ? 8.084   4.986   0.541   0.50 28.02 ? 15  GLU B OE2 1 
ATOM   407 O OE2 B GLU B 1 15 ? 10.444  2.073   1.291   0.50 20.81 ? 15  GLU B OE2 1 
ATOM   408 N N   . ARG B 1 16 ? 5.681   -1.129  2.235   1.00 6.77  ? 16  ARG B N   1 
ATOM   409 C CA  . ARG B 1 16 ? 5.869   -2.458  2.798   1.00 7.44  ? 16  ARG B CA  1 
ATOM   410 C C   . ARG B 1 16 ? 5.133   -3.505  1.996   1.00 6.97  ? 16  ARG B C   1 
ATOM   411 O O   . ARG B 1 16 ? 5.656   -4.604  1.771   1.00 8.06  ? 16  ARG B O   1 
ATOM   412 C CB  . ARG B 1 16 ? 5.492   -2.484  4.257   1.00 7.54  ? 16  ARG B CB  1 
ATOM   413 C CG  . ARG B 1 16 ? 6.568   -1.729  5.043   1.00 9.40  ? 16  ARG B CG  1 
ATOM   414 C CD  . ARG B 1 16 ? 6.223   -1.525  6.482   1.00 10.10 ? 16  ARG B CD  1 
ATOM   415 N NE  . ARG B 1 16 ? 6.139   -2.792  7.202   1.00 10.13 ? 16  ARG B NE  1 
ATOM   416 C CZ  . ARG B 1 16 ? 5.719   -2.881  8.450   1.00 11.16 ? 16  ARG B CZ  1 
ATOM   417 N NH1 . ARG B 1 16 ? 5.385   -1.791  9.122   1.00 11.34 ? 16  ARG B NH1 1 
ATOM   418 N NH2 . ARG B 1 16 ? 5.639   -4.061  9.045   1.00 14.36 ? 16  ARG B NH2 1 
ATOM   419 N N   . LEU B 1 17 ? 3.938   -3.162  1.503   1.00 6.78  ? 17  LEU B N   1 
ATOM   420 C CA  . LEU B 1 17 ? 3.220   -4.099  0.654   1.00 6.88  ? 17  LEU B CA  1 
ATOM   421 C C   . LEU B 1 17 ? 3.977   -4.346  -0.646  1.00 7.74  ? 17  LEU B C   1 
ATOM   422 O O   . LEU B 1 17 ? 4.071   -5.504  -1.094  1.00 8.00  ? 17  LEU B O   1 
ATOM   423 C CB  . LEU B 1 17 ? 1.820   -3.590  0.382   1.00 6.64  ? 17  LEU B CB  1 
ATOM   424 C CG  . LEU B 1 17 ? 0.878   -3.729  1.559   1.00 6.66  ? 17  LEU B CG  1 
ATOM   425 C CD1 . LEU B 1 17 ? -0.311  -2.796  1.443   1.00 8.14  ? 17  LEU B CD1 1 
ATOM   426 C CD2 . LEU B 1 17 ? 0.403   -5.158  1.682   1.00 9.03  ? 17  LEU B CD2 1 
ATOM   427 N N   . ARG B 1 18 ? 4.544   -3.301  -1.252  1.00 7.25  ? 18  ARG B N   1 
ATOM   428 C CA  . ARG B 1 18 ? 5.316   -3.468  -2.464  1.00 7.56  ? 18  ARG B CA  1 
ATOM   429 C C   . ARG B 1 18 ? 6.502   -4.396  -2.210  1.00 8.52  ? 18  ARG B C   1 
ATOM   430 O O   . ARG B 1 18 ? 6.752   -5.308  -3.002  1.00 9.17  ? 18  ARG B O   1 
ATOM   431 C CB  . ARG B 1 18 ? 5.790   -2.100  -2.942  1.00 8.77  ? 18  ARG B CB  1 
ATOM   432 C CG  . ARG B 1 18 ? 6.516   -2.138  -4.268  1.00 10.75 ? 18  ARG B CG  1 
ATOM   433 C CD  . ARG B 1 18 ? 7.092   -0.778  -4.668  1.00 12.85 ? 18  ARG B CD  1 
ATOM   434 N NE  . ARG B 1 18 ? 6.026   0.222   -4.835  1.00 13.13 ? 18  ARG B NE  1 
ATOM   435 C CZ  . ARG B 1 18 ? 5.734   1.193   -3.972  1.00 14.26 ? 18  ARG B CZ  1 
ATOM   436 N NH1 . ARG B 1 18 ? 4.702   1.998   -4.193  1.00 15.72 ? 18  ARG B NH1 1 
ATOM   437 N NH2 . ARG B 1 18 ? 6.446   1.347   -2.864  1.00 14.38 ? 18  ARG B NH2 1 
ATOM   438 N N   . LYS B 1 19 ? 7.222   -4.180  -1.105  1.00 8.24  ? 19  LYS B N   1 
ATOM   439 C CA  . LYS B 1 19 ? 8.354   -5.026  -0.754  1.00 9.58  ? 19  LYS B CA  1 
ATOM   440 C C   . LYS B 1 19 ? 7.935   -6.473  -0.505  1.00 10.44 ? 19  LYS B C   1 
ATOM   441 O O   . LYS B 1 19 ? 8.637   -7.398  -0.935  1.00 11.13 ? 19  LYS B O   1 
ATOM   442 C CB  . LYS B 1 19 ? 9.075   -4.450  0.470   1.00 11.08 ? 19  LYS B CB  1 
ATOM   443 C CG  . LYS B 1 19 ? 9.825   -3.181  0.157   1.00 13.77 ? 19  LYS B CG  1 
ATOM   444 C CD  . LYS B 1 19 ? 10.415  -2.496  1.390   1.00 18.40 ? 19  LYS B CD  1 
ATOM   445 C CE  . LYS B 1 19 ? 11.200  -1.253  1.007   1.00 20.61 ? 19  LYS B CE  1 
ATOM   446 N NZ  . LYS B 1 19 ? 11.714  -0.515  2.197   1.00 21.35 ? 19  LYS B NZ  1 
HETATM 447 C C   . 6FL B 1 20 ? 5.947   -8.727  -0.902  1.00 11.23 ? 20  6FL B C   1 
HETATM 448 N N   . 6FL B 1 20 ? 6.784   -6.685  0.155   1.00 9.61  ? 20  6FL B N   1 
HETATM 449 O O   . 6FL B 1 20 ? 6.172   -9.935  -1.032  1.00 13.10 ? 20  6FL B O   1 
HETATM 450 C CA  . 6FL B 1 20 ? 6.315   -8.039  0.400   1.00 10.09 ? 20  6FL B CA  1 
HETATM 451 C CB  . 6FL B 1 20 ? 5.118   -8.035  1.341   1.00 11.63 ? 20  6FL B CB  1 
HETATM 452 C CG  . 6FL B 1 20 ? 5.441   -7.518  2.753   1.00 14.61 ? 20  6FL B CG  1 
HETATM 453 F FAC . 6FL B 1 20 ? 4.317   -6.807  4.715   1.00 17.17 ? 20  6FL B FAC 1 
HETATM 454 F FAD . 6FL B 1 20 ? 3.158   -7.076  2.877   1.00 15.24 ? 20  6FL B FAD 1 
HETATM 455 F FAE . 6FL B 1 20 ? 3.838   -8.743  3.982   1.00 17.88 ? 20  6FL B FAE 1 
HETATM 456 F FAF . 6FL B 1 20 ? 6.541   -9.538  3.194   1.00 18.23 ? 20  6FL B FAF 1 
HETATM 457 F FAG . 6FL B 1 20 ? 7.765   -7.822  2.881   1.00 18.10 ? 20  6FL B FAG 1 
HETATM 458 F FAH . 6FL B 1 20 ? 6.665   -8.024  4.735   1.00 18.76 ? 20  6FL B FAH 1 
HETATM 459 C CD1 . 6FL B 1 20 ? 4.165   -7.537  3.621   1.00 15.45 ? 20  6FL B CD1 1 
HETATM 460 C CD2 . 6FL B 1 20 ? 6.621   -8.248  3.418   1.00 16.64 ? 20  6FL B CD2 1 
ATOM   461 N N   . ARG B 1 21 ? 5.385   -7.990  -1.876  1.00 10.11 ? 21  ARG B N   1 
ATOM   462 C CA  . ARG B 1 21 ? 5.070   -8.563  -3.167  1.00 10.75 ? 21  ARG B CA  1 
ATOM   463 C C   . ARG B 1 21 ? 6.350   -8.989  -3.867  1.00 12.39 ? 21  ARG B C   1 
ATOM   464 O O   . ARG B 1 21 ? 6.386   -10.055 -4.496  1.00 12.96 ? 21  ARG B O   1 
ATOM   465 C CB  . ARG B 1 21 ? 4.281   -7.564  -3.988  1.00 10.42 ? 21  ARG B CB  1 
ATOM   466 C CG  . ARG B 1 21 ? 2.844   -7.470  -3.485  1.00 10.79 ? 21  ARG B CG  1 
ATOM   467 C CD  . ARG B 1 21 ? 2.067   -6.340  -4.147  1.00 12.79 ? 21  ARG B CD  1 
ATOM   468 N NE  . ARG B 1 21 ? 1.996   -6.563  -5.587  1.00 14.82 ? 21  ARG B NE  1 
ATOM   469 C CZ  . ARG B 1 21 ? 2.422   -5.711  -6.514  1.00 13.71 ? 21  ARG B CZ  1 
ATOM   470 N NH1 . ARG B 1 21 ? 2.884   -4.519  -6.167  1.00 13.60 ? 21  ARG B NH1 1 
ATOM   471 N NH2 . ARG B 1 21 ? 2.361   -6.036  -7.798  1.00 17.21 ? 21  ARG B NH2 1 
ATOM   472 N N   . LYS B 1 22 ? 7.427   -8.182  -3.740  1.00 12.87 ? 22  LYS B N   1 
ATOM   473 C CA  . LYS B 1 22 ? 8.741   -8.537  -4.280  1.00 14.92 ? 22  LYS B CA  1 
ATOM   474 C C   . LYS B 1 22 ? 9.239   -9.828  -3.607  1.00 17.94 ? 22  LYS B C   1 
ATOM   475 O O   . LYS B 1 22 ? 9.780   -10.706 -4.309  1.00 19.28 ? 22  LYS B O   1 
ATOM   476 C CB  . LYS B 1 22 ? 9.746   -7.415  -4.022  1.00 17.20 ? 22  LYS B CB  1 
ATOM   477 C CG  . LYS B 1 22 ? 9.618   -6.223  -4.937  1.00 23.78 ? 22  LYS B CG  1 
ATOM   478 C CD  . LYS B 1 22 ? 10.854  -5.303  -4.885  1.00 34.16 ? 22  LYS B CD  1 
ATOM   479 C CE  . LYS B 1 22 ? 10.909  -4.373  -3.686  1.00 46.58 ? 22  LYS B CE  1 
ATOM   480 N NZ  . LYS B 1 22 ? 10.028  -3.186  -3.848  1.00 54.96 ? 22  LYS B NZ  1 
ATOM   481 N N   . LYS B 1 23 ? 9.042   -9.986  -2.281  1.00 17.39 ? 23  LYS B N   1 
ATOM   482 C CA  . LYS B 1 23 ? 9.461   -11.180 -1.530  1.00 19.45 ? 23  LYS B CA  1 
ATOM   483 C C   . LYS B 1 23 ? 8.663   -12.416 -1.958  1.00 22.52 ? 23  LYS B C   1 
ATOM   484 O O   . LYS B 1 23 ? 9.243   -13.513 -2.048  1.00 22.38 ? 23  LYS B O   1 
ATOM   485 C CB  . LYS B 1 23 ? 9.373   -10.950 -0.013  1.00 22.15 ? 23  LYS B CB  1 
ATOM   486 C CG  . LYS B 1 23 ? 10.381  -9.921  0.491   1.00 32.01 ? 23  LYS B CG  1 
ATOM   487 C CD  . LYS B 1 23 ? 10.581  -9.991  1.996   1.00 42.30 ? 23  LYS B CD  1 
ATOM   488 C CE  . LYS B 1 23 ? 11.544  -8.938  2.500   1.00 50.35 ? 23  LYS B CE  1 
ATOM   489 N NZ  . LYS B 1 23 ? 12.930  -9.148  1.999   1.00 58.49 ? 23  LYS B NZ  1 
ATOM   490 N N   . LEU B 1 24 ? 7.361   -12.241 -2.295  1.00 20.21 ? 24  LEU B N   1 
ATOM   491 C CA  . LEU B 1 24 ? 6.491   -13.329 -2.754  1.00 20.12 ? 24  LEU B CA  1 
ATOM   492 C C   . LEU B 1 24 ? 6.955   -13.869 -4.091  1.00 22.55 ? 24  LEU B C   1 
ATOM   493 O O   . LEU B 1 24 ? 6.915   -15.080 -4.317  1.00 22.55 ? 24  LEU B O   1 
ATOM   494 C CB  . LEU B 1 24 ? 5.018   -12.892 -2.857  1.00 19.64 ? 24  LEU B CB  1 
ATOM   495 C CG  . LEU B 1 24 ? 4.164   -12.929 -1.595  1.00 24.30 ? 24  LEU B CG  1 
ATOM   496 C CD1 . LEU B 1 24 ? 2.847   -12.255 -1.841  1.00 24.74 ? 24  LEU B CD1 1 
ATOM   497 C CD2 . LEU B 1 24 ? 3.895   -14.362 -1.138  1.00 28.24 ? 24  LEU B CD2 1 
ATOM   498 N N   . ARG B 1 25 ? 7.398   -12.969 -4.981  1.00 19.27 ? 25  ARG B N   1 
ATOM   499 C CA  . ARG B 1 25 ? 7.895   -13.311 -6.309  1.00 21.23 ? 25  ARG B CA  1 
ATOM   500 C C   . ARG B 1 25 ? 9.100   -14.230 -6.231  1.00 27.68 ? 25  ARG B C   1 
ATOM   501 O O   . ARG B 1 25 ? 9.193   -15.163 -7.026  1.00 27.98 ? 25  ARG B O   1 
ATOM   502 C CB  . ARG B 1 25 ? 8.266   -12.045 -7.078  1.00 20.50 ? 25  ARG B CB  1 
ATOM   503 C CG  . ARG B 1 25 ? 7.068   -11.265 -7.591  1.00 19.97 ? 25  ARG B CG  1 
ATOM   504 C CD  . ARG B 1 25 ? 7.444   -9.870  -8.033  1.00 20.54 ? 25  ARG B CD  1 
ATOM   505 N NE  . ARG B 1 25 ? 8.368   -9.882  -9.165  1.00 21.22 ? 25  ARG B NE  1 
ATOM   506 C CZ  . ARG B 1 25 ? 8.041   -9.536  -10.405 1.00 25.30 ? 25  ARG B CZ  1 
ATOM   507 N NH1 . ARG B 1 25 ? 6.814   -9.117  -10.682 1.00 21.77 ? 25  ARG B NH1 1 
ATOM   508 N NH2 . ARG B 1 25 ? 8.943   -9.594  -11.375 1.00 25.09 ? 25  ARG B NH2 1 
ATOM   509 N N   . SER B 1 26 ? 10.010  -13.981 -5.271  1.00 25.14 ? 26  SER B N   1 
ATOM   510 C CA  . SER B 1 26 ? 11.218  -14.795 -5.108  1.00 49.41 ? 26  SER B CA  1 
ATOM   511 C C   . SER B 1 26 ? 11.074  -15.871 -4.037  1.00 75.77 ? 26  SER B C   1 
ATOM   512 O O   . SER B 1 26 ? 11.799  -16.867 -4.067  1.00 38.22 ? 26  SER B O   1 
ATOM   513 C CB  . SER B 1 26 ? 12.426  -13.913 -4.823  1.00 53.13 ? 26  SER B CB  1 
ATOM   514 O OG  . SER B 1 26 ? 12.850  -13.252 -6.004  1.00 62.71 ? 26  SER B OG  1 
HETATM 515 C C   . ACE C 2 .  ? 1.618   18.255  12.250  1.00 13.67 ? 101 ACE B C   1 
HETATM 516 O O   . ACE C 2 .  ? 3.023   18.132  12.672  1.00 18.20 ? 101 ACE B O   1 
HETATM 517 C CH3 . ACE C 2 .  ? 0.599   18.385  13.126  1.00 13.89 ? 101 ACE B CH3 1 
HETATM 518 O O   . HOH D 3 .  ? -0.573  8.271   -4.590  1.00 13.27 ? 101 HOH A O   1 
HETATM 519 O O   . HOH D 3 .  ? 1.328   1.455   -5.682  1.00 14.32 ? 102 HOH A O   1 
HETATM 520 O O   . HOH D 3 .  ? -6.705  -19.081 -6.955  1.00 22.61 ? 103 HOH A O   1 
HETATM 521 O O   . HOH D 3 .  ? -4.510  5.796   -7.750  1.00 19.07 ? 104 HOH A O   1 
HETATM 522 O O   . HOH D 3 .  ? -10.616 -4.144  -5.564  1.00 18.38 ? 105 HOH A O   1 
HETATM 523 O O   . HOH D 3 .  ? -5.193  14.618  -4.819  1.00 20.53 ? 106 HOH A O   1 
HETATM 524 O O   . HOH D 3 .  ? -4.260  3.161   -7.100  1.00 20.58 ? 107 HOH A O   1 
HETATM 525 O O   . HOH D 3 .  ? 1.727   -20.993 -3.477  1.00 20.33 ? 108 HOH A O   1 
HETATM 526 O O   . HOH D 3 .  ? -1.723  1.592   -12.341 1.00 22.44 ? 109 HOH A O   1 
HETATM 527 O O   . HOH D 3 .  ? -1.033  -23.116 -0.090  1.00 23.26 ? 110 HOH A O   1 
HETATM 528 O O   . HOH D 3 .  ? -5.065  -6.935  -7.643  1.00 25.08 ? 111 HOH A O   1 
HETATM 529 O O   . HOH D 3 .  ? -12.709 6.356   -0.717  1.00 32.43 ? 112 HOH A O   1 
HETATM 530 O O   . HOH D 3 .  ? -4.036  -20.161 -6.904  1.00 23.27 ? 113 HOH A O   1 
HETATM 531 O O   . HOH D 3 .  ? -10.495 5.681   -9.076  1.00 31.71 ? 114 HOH A O   1 
HETATM 532 O O   . HOH D 3 .  ? -12.970 8.986   1.041   1.00 36.80 ? 115 HOH A O   1 
HETATM 533 O O   . HOH D 3 .  ? -8.865  -9.589  1.069   1.00 27.29 ? 116 HOH A O   1 
HETATM 534 O O   . HOH D 3 .  ? -10.841 13.044  1.785   1.00 36.50 ? 117 HOH A O   1 
HETATM 535 O O   . HOH D 3 .  ? -9.381  0.256   -5.986  1.00 39.57 ? 118 HOH A O   1 
HETATM 536 O O   . HOH D 3 .  ? -6.005  -14.805 -8.733  1.00 42.74 ? 119 HOH A O   1 
HETATM 537 O O   . HOH D 3 .  ? 1.549   -20.228 2.346   1.00 55.56 ? 120 HOH A O   1 
HETATM 538 O O   . HOH D 3 .  ? 3.652   -14.492 -7.969  1.00 55.82 ? 121 HOH A O   1 
HETATM 539 O O   . HOH D 3 .  ? -12.067 4.860   -2.859  1.00 39.79 ? 122 HOH A O   1 
HETATM 540 O O   . HOH E 3 .  ? 5.439   3.651   9.496   1.00 10.12 ? 201 HOH B O   1 
HETATM 541 O O   . HOH E 3 .  ? 5.077   10.006  2.479   1.00 10.79 ? 202 HOH B O   1 
HETATM 542 O O   . HOH E 3 .  ? 2.004   3.080   11.312  1.00 11.22 ? 203 HOH B O   1 
HETATM 543 O O   . HOH E 3 .  ? 5.743   1.033   8.529   1.00 12.99 ? 204 HOH B O   1 
HETATM 544 O O   . HOH E 3 .  ? 6.668   6.707   9.519   1.00 11.99 ? 205 HOH B O   1 
HETATM 545 O O   . HOH E 3 .  ? 7.716   1.614   4.553   1.00 10.86 ? 206 HOH B O   1 
HETATM 546 O O   . HOH E 3 .  ? 3.654   17.247  9.297   1.00 15.89 ? 207 HOH B O   1 
HETATM 547 O O   . HOH E 3 .  ? 4.862   5.431   -3.207  1.00 15.54 ? 208 HOH B O   1 
HETATM 548 O O   . HOH E 3 .  ? -1.472  18.314  7.386   1.00 16.32 ? 209 HOH B O   1 
HETATM 549 O O   . HOH E 3 .  ? 8.126   1.662   7.243   1.00 13.54 ? 210 HOH B O   1 
HETATM 550 O O   . HOH E 3 .  ? -0.634  12.667  -3.524  1.00 18.66 ? 211 HOH B O   1 
HETATM 551 O O   . HOH E 3 .  ? 4.623   9.860   9.882   1.00 19.08 ? 212 HOH B O   1 
HETATM 552 O O   . HOH E 3 .  ? -2.066  14.975  -4.624  1.00 15.84 ? 213 HOH B O   1 
HETATM 553 O O   . HOH E 3 .  ? 9.639   -0.241  3.944   1.00 19.53 ? 214 HOH B O   1 
HETATM 554 O O   . HOH E 3 .  ? 4.884   3.419   -1.424  1.00 15.98 ? 215 HOH B O   1 
HETATM 555 O O   . HOH E 3 .  ? -4.009  16.986  16.785  1.00 33.20 ? 216 HOH B O   1 
HETATM 556 O O   . HOH E 3 .  ? -0.060  15.540  2.442   1.00 34.35 ? 217 HOH B O   1 
HETATM 557 O O   . HOH E 3 .  ? 3.415   16.918  -0.140  1.00 39.91 ? 218 HOH B O   1 
HETATM 558 O O   . HOH E 3 .  ? 13.408  1.688   1.783   1.00 36.77 ? 219 HOH B O   1 
HETATM 559 O O   . HOH E 3 .  ? 9.100   -0.112  -2.079  1.00 34.95 ? 220 HOH B O   1 
HETATM 560 O O   . HOH E 3 .  ? -6.510  17.583  15.913  1.00 32.43 ? 221 HOH B O   1 
HETATM 561 O O   . HOH E 3 .  ? 0.061   2.955   13.273  1.00 29.40 ? 222 HOH B O   1 
HETATM 562 O O   . HOH E 3 .  ? 3.449   16.450  14.074  1.00 56.57 ? 223 HOH B O   1 
HETATM 563 O O   . HOH E 3 .  ? 4.712   12.992  2.538   1.00 32.04 ? 224 HOH B O   1 
HETATM 564 O O   . HOH E 3 .  ? 2.458   13.874  3.450   1.00 47.73 ? 225 HOH B O   1 
HETATM 565 O O   . HOH E 3 .  ? -8.093  15.385  15.603  1.00 47.69 ? 226 HOH B O   1 
HETATM 566 O O   . HOH E 3 .  ? 2.674   14.475  -1.221  1.00 36.33 ? 227 HOH B O   1 
# 
loop_
_atom_site_anisotrop.id 
_atom_site_anisotrop.type_symbol 
_atom_site_anisotrop.pdbx_label_atom_id 
_atom_site_anisotrop.pdbx_label_alt_id 
_atom_site_anisotrop.pdbx_label_comp_id 
_atom_site_anisotrop.pdbx_label_asym_id 
_atom_site_anisotrop.pdbx_label_seq_id 
_atom_site_anisotrop.pdbx_PDB_ins_code 
_atom_site_anisotrop.U[1][1] 
_atom_site_anisotrop.U[2][2] 
_atom_site_anisotrop.U[3][3] 
_atom_site_anisotrop.U[1][2] 
_atom_site_anisotrop.U[1][3] 
_atom_site_anisotrop.U[2][3] 
_atom_site_anisotrop.pdbx_auth_seq_id 
_atom_site_anisotrop.pdbx_auth_comp_id 
_atom_site_anisotrop.pdbx_auth_asym_id 
_atom_site_anisotrop.pdbx_auth_atom_id 
1   N N   . GLY A 1  ? 0.4089 0.2759 0.4249 -0.0269 -0.0124 0.0314  1  GLY A N   
2   C CA  . GLY A 1  ? 0.4108 0.2619 0.4352 -0.0191 -0.0169 0.0365  1  GLY A CA  
3   C C   . GLY A 1  ? 0.4125 0.2588 0.4518 -0.0093 -0.0136 0.0265  1  GLY A C   
4   O O   . GLY A 1  ? 0.4437 0.2827 0.4979 -0.0003 -0.0175 0.0305  1  GLY A O   
5   N N   . ASN A 2  ? 0.2852 0.1340 0.3206 -0.0111 -0.0060 0.0135  2  ASN A N   
6   C CA  . ASN A 2  ? 0.2551 0.0970 0.2998 -0.0032 0.0018  0.0019  2  ASN A CA  
7   C C   . ASN A 2  ? 0.2373 0.0997 0.2865 0.0023  0.0064  -0.0015 2  ASN A C   
8   O O   . ASN A 2  ? 0.2271 0.1063 0.2654 -0.0025 0.0045  0.0007  2  ASN A O   
9   C CB  . ASN A 2  ? 0.2605 0.0870 0.2913 -0.0100 0.0075  -0.0104 2  ASN A CB  
10  C CG  . ASN A 2  ? 0.2820 0.0860 0.3114 -0.0156 0.0036  -0.0084 2  ASN A CG  
11  O OD1 . ASN A 2  ? 0.2733 0.0669 0.3149 -0.0114 -0.0008 0.0006  2  ASN A OD1 
12  N ND2 . ASN A 2  ? 0.3140 0.1072 0.3282 -0.0256 0.0042  -0.0168 2  ASN A ND2 
13  N N   . ALA A 3  ? 0.2417 0.1022 0.3094 0.0123  0.0134  -0.0073 3  ALA A N   
14  C CA  . ALA A 3  ? 0.2399 0.1191 0.3163 0.0171  0.0194  -0.0105 3  ALA A CA  
15  C C   . ALA A 3  ? 0.2477 0.1342 0.3005 0.0099  0.0256  -0.0177 3  ALA A C   
16  O O   . ALA A 3  ? 0.2211 0.1259 0.2723 0.0091  0.0232  -0.0137 3  ALA A O   
17  C CB  . ALA A 3  ? 0.2715 0.1453 0.3744 0.0277  0.0299  -0.0178 3  ALA A CB  
18  N N   . ASP A 4  ? 0.2413 0.1114 0.2743 0.0040  0.0316  -0.0277 4  ASP A N   
19  C CA  . ASP A 4  ? 0.2521 0.1254 0.2595 -0.0037 0.0343  -0.0336 4  ASP A CA  
20  C C   . ASP A 4  ? 0.2495 0.1369 0.2476 -0.0110 0.0222  -0.0249 4  ASP A C   
21  O O   . ASP A 4  ? 0.2435 0.1443 0.2340 -0.0127 0.0218  -0.0239 4  ASP A O   
22  C CB  . ASP A 4  ? 0.3155 0.1642 0.3001 -0.0096 0.0408  -0.0463 4  ASP A CB  
23  C CG  . ASP A 4  ? 0.3911 0.2246 0.3675 -0.0171 0.0316  -0.0457 4  ASP A CG  
24  O OD1 . ASP A 4  ? 0.3535 0.1872 0.3479 -0.0144 0.0256  -0.0376 4  ASP A OD1 
25  O OD2 . ASP A 4  ? 0.5304 0.3502 0.4817 -0.0264 0.0295  -0.0531 4  ASP A OD2 
26  N N   . GLU A 5  ? 0.2160 0.1003 0.2172 -0.0149 0.0136  -0.0183 5  GLU A N   
27  C CA  . GLU A 5  ? 0.2087 0.1069 0.2066 -0.0214 0.0053  -0.0102 5  GLU A CA  
28  C C   . GLU A 5  ? 0.2038 0.1213 0.2102 -0.0164 0.0042  -0.0029 5  GLU A C   
29  O O   . GLU A 5  ? 0.1939 0.1254 0.1954 -0.0191 0.0024  -0.0012 5  GLU A O   
30  C CB  . GLU A 5  ? 0.2249 0.1149 0.2275 -0.0261 0.0000  -0.0039 5  GLU A CB  
31  C CG  . GLU A 5  ? 0.2673 0.1375 0.2623 -0.0331 -0.0009 -0.0108 5  GLU A CG  
32  C CD  . GLU A 5  ? 0.3064 0.1642 0.3078 -0.0375 -0.0045 -0.0044 5  GLU A CD  
33  O OE1 . GLU A 5  ? 0.2855 0.1444 0.2957 -0.0329 -0.0053 0.0052  5  GLU A OE1 
34  O OE2 . GLU A 5  ? 0.3215 0.1657 0.3177 -0.0460 -0.0071 -0.0090 5  GLU A OE2 
35  C C   . 6FL A 6  ? 0.1909 0.1345 0.2179 -0.0027 0.0065  0.0029  6  6FL A C   
36  N N   . 6FL A 6  ? 0.1879 0.1047 0.2079 -0.0092 0.0041  0.0016  6  6FL A N   
37  O O   . 6FL A 6  ? 0.1781 0.1350 0.2024 -0.0038 0.0042  0.0062  6  6FL A O   
38  C CA  . 6FL A 6  ? 0.1869 0.1190 0.2130 -0.0055 0.0011  0.0082  6  6FL A CA  
39  C CB  . 6FL A 6  ? 0.2469 0.1743 0.2880 0.0010  -0.0038 0.0147  6  6FL A CB  
40  C CG  . 6FL A 6  ? 0.3580 0.2706 0.3947 -0.0026 -0.0093 0.0218  6  6FL A CG  
41  F FAC . 6FL A 6  ? 0.4156 0.3145 0.4851 0.0117  -0.0101 0.0203  6  6FL A FAC 
42  F FAD . 6FL A 6  ? 0.4553 0.3718 0.5126 0.0079  -0.0220 0.0331  6  6FL A FAD 
43  F FAE . 6FL A 6  ? 0.4404 0.3290 0.4876 0.0019  -0.0223 0.0368  6  6FL A FAE 
44  F FAF . 6FL A 6  ? 0.4191 0.3513 0.4374 -0.0101 -0.0132 0.0305  6  6FL A FAF 
45  F FAG . 6FL A 6  ? 0.4270 0.3469 0.4418 -0.0175 -0.0077 0.0230  6  6FL A FAG 
46  F FAH . 6FL A 6  ? 0.4452 0.3504 0.4617 -0.0140 -0.0168 0.0375  6  6FL A FAH 
47  C CD1 . 6FL A 6  ? 0.4154 0.3195 0.4682 0.0050  -0.0162 0.0283  6  6FL A CD1 
48  C CD2 . 6FL A 6  ? 0.4185 0.3364 0.4397 -0.0111 -0.0120 0.0285  6  6FL A CD2 
49  N N   . TYR A 7  ? 0.1767 0.1138 0.2065 0.0004  0.0150  -0.0056 7  TYR A N   
50  C CA  . TYR A 7  ? 0.1815 0.1267 0.2098 0.0015  0.0225  -0.0105 7  TYR A CA  
51  C C   . TYR A 7  ? 0.2021 0.1521 0.2099 -0.0054 0.0200  -0.0105 7  TYR A C   
52  O O   . TYR A 7  ? 0.1875 0.1498 0.1959 -0.0051 0.0198  -0.0081 7  TYR A O   
53  C CB  . TYR A 7  ? 0.2161 0.1481 0.2453 0.0041  0.0354  -0.0207 7  TYR A CB  
54  C CG  . TYR A 7  ? 0.2332 0.1712 0.2622 0.0051  0.0468  -0.0256 7  TYR A CG  
55  C CD1 . TYR A 7  ? 0.2267 0.1765 0.2840 0.0119  0.0514  -0.0242 7  TYR A CD1 
56  C CD2 . TYR A 7  ? 0.2846 0.2140 0.2857 -0.0014 0.0528  -0.0316 7  TYR A CD2 
57  C CE1 . TYR A 7  ? 0.2356 0.1904 0.2952 0.0117  0.0642  -0.0287 7  TYR A CE1 
58  C CE2 . TYR A 7  ? 0.3106 0.2422 0.3081 -0.0017 0.0651  -0.0353 7  TYR A CE2 
59  C CZ  . TYR A 7  ? 0.3059 0.2505 0.3338 0.0047  0.0724  -0.0343 7  TYR A CZ  
60  O OH  . TYR A 7  ? 0.3162 0.2626 0.3428 0.0034  0.0867  -0.0381 7  TYR A OH  
61  N N   . LYS A 8  ? 0.1748 0.1155 0.1675 -0.0118 0.0164  -0.0127 8  LYS A N   
62  C CA  . LYS A 8  ? 0.1797 0.1249 0.1581 -0.0181 0.0111  -0.0119 8  LYS A CA  
63  C C   . LYS A 8  ? 0.1586 0.1196 0.1459 -0.0187 0.0043  -0.0038 8  LYS A C   
64  O O   . LYS A 8  ? 0.1504 0.1205 0.1346 -0.0195 0.0025  -0.0021 8  LYS A O   
65  C CB  . LYS A 8  ? 0.2454 0.1766 0.2096 -0.0255 0.0066  -0.0161 8  LYS A CB  
66  C CG  . LYS A 8  ? 0.3295 0.2406 0.2765 -0.0267 0.0143  -0.0263 8  LYS A CG  
67  C CD  . LYS A 8  ? 0.5168 0.4127 0.4419 -0.0363 0.0067  -0.0309 8  LYS A CD  
68  C CE  . LYS A 8  ? 0.7270 0.5981 0.6287 -0.0383 0.0162  -0.0424 8  LYS A CE  
69  N NZ  . LYS A 8  ? 0.8885 0.7413 0.7646 -0.0492 0.0060  -0.0474 8  LYS A NZ  
70  N N   . GLU A 9  ? 0.1363 0.0984 0.1328 -0.0184 0.0018  0.0012  9  GLU A N   
71  C CA  . GLU A 9  ? 0.1273 0.1014 0.1288 -0.0195 -0.0011 0.0077  9  GLU A CA  
72  C C   . GLU A 9  ? 0.1095 0.0924 0.1140 -0.0146 0.0003  0.0098  9  GLU A C   
73  O O   . GLU A 9  ? 0.1092 0.1017 0.1132 -0.0153 -0.0002 0.0115  9  GLU A O   
74  C CB  . GLU A 9  ? 0.1494 0.1179 0.1543 -0.0217 -0.0023 0.0130  9  GLU A CB  
75  C CG  . GLU A 9  ? 0.2262 0.1874 0.2309 -0.0286 -0.0042 0.0118  9  GLU A CG  
76  C CD  . GLU A 9  ? 0.3327 0.3048 0.3409 -0.0339 -0.0065 0.0116  9  GLU A CD  
77  O OE1 . GLU A 9  ? 0.2564 0.2406 0.2703 -0.0337 -0.0045 0.0154  9  GLU A OE1 
78  O OE2 . GLU A 9  ? 0.4277 0.3954 0.4330 -0.0380 -0.0110 0.0071  9  GLU A OE2 
79  N N   . LEU A 10 ? 0.1113 0.0913 0.1219 -0.0095 0.0019  0.0091  10 LEU A N   
80  C CA  . LEU A 10 ? 0.1110 0.0997 0.1273 -0.0059 0.0015  0.0108  10 LEU A CA  
81  C C   . LEU A 10 ? 0.1110 0.1052 0.1233 -0.0065 0.0053  0.0071  10 LEU A C   
82  O O   . LEU A 10 ? 0.1017 0.1036 0.1142 -0.0065 0.0040  0.0089  10 LEU A O   
83  C CB  . LEU A 10 ? 0.1236 0.1100 0.1545 -0.0005 0.0011  0.0112  10 LEU A CB  
84  C CG  . LEU A 10 ? 0.1930 0.1718 0.2285 0.0010  -0.0060 0.0175  10 LEU A CG  
85  C CD1 . LEU A 10 ? 0.2237 0.2038 0.2803 0.0074  -0.0095 0.0189  10 LEU A CD1 
86  C CD2 . LEU A 10 ? 0.2105 0.1897 0.2333 -0.0030 -0.0122 0.0242  10 LEU A CD2 
87  N N   . GLU A 11 ? 0.1086 0.0959 0.1142 -0.0078 0.0101  0.0018  11 GLU A N   
88  C CA  . GLU A 11 ? 0.1123 0.1008 0.1087 -0.0096 0.0132  -0.0005 11 GLU A CA  
89  C C   . GLU A 11 ? 0.0925 0.0864 0.0832 -0.0126 0.0068  0.0029  11 GLU A C   
90  O O   . GLU A 11 ? 0.0985 0.0970 0.0881 -0.0123 0.0068  0.0043  11 GLU A O   
91  C CB  . GLU A 11 ? 0.1466 0.1222 0.1291 -0.0120 0.0194  -0.0066 11 GLU A CB  
92  C CG  . GLU A 11 ? 0.1911 0.1656 0.1620 -0.0141 0.0237  -0.0073 11 GLU A CG  
93  C CD  . GLU A 11 ? 0.3245 0.2834 0.2750 -0.0177 0.0331  -0.0134 11 GLU A CD  
94  O OE1 . GLU A 11 ? 0.2850 0.2421 0.2266 -0.0196 0.0387  -0.0129 11 GLU A OE1 
95  O OE2 . GLU A 11 ? 0.3514 0.2974 0.2921 -0.0193 0.0355  -0.0188 11 GLU A OE2 
96  N N   . ASP A 12 ? 0.0932 0.0860 0.0833 -0.0156 0.0018  0.0041  12 ASP A N   
97  C CA  . ASP A 12 ? 0.0879 0.0879 0.0807 -0.0176 -0.0033 0.0071  12 ASP A CA  
98  C C   . ASP A 12 ? 0.0788 0.0881 0.0798 -0.0148 -0.0017 0.0100  12 ASP A C   
99  O O   . ASP A 12 ? 0.0841 0.0982 0.0872 -0.0141 -0.0029 0.0111  12 ASP A O   
100 C CB  . ASP A 12 ? 0.1134 0.1126 0.1106 -0.0219 -0.0076 0.0078  12 ASP A CB  
101 C CG  . ASP A 12 ? 0.1249 0.1326 0.1310 -0.0239 -0.0131 0.0103  12 ASP A CG  
102 O OD1 . ASP A 12 ? 0.1782 0.1832 0.1780 -0.0252 -0.0193 0.0101  12 ASP A OD1 
103 O OD2 . ASP A 12 ? 0.1461 0.1625 0.1656 -0.0239 -0.0108 0.0128  12 ASP A OD2 
104 C C   . 6FL A 13 ? 0.0686 0.0847 0.0736 -0.0096 0.0018  0.0119  13 6FL A C   
105 N N   . 6FL A 13 ? 0.0759 0.0852 0.0797 -0.0133 0.0003  0.0114  13 6FL A N   
106 O O   . 6FL A 13 ? 0.0728 0.0918 0.0780 -0.0091 0.0022  0.0119  13 6FL A O   
107 C CA  . 6FL A 13 ? 0.0751 0.0891 0.0801 -0.0119 0.0014  0.0132  13 6FL A CA  
108 C CB  . 6FL A 13 ? 0.0904 0.1001 0.0927 -0.0120 0.0006  0.0159  13 6FL A CB  
109 C CG  . 6FL A 13 ? 0.1130 0.1175 0.1138 -0.0152 0.0012  0.0185  13 6FL A CG  
110 F FAC . 6FL A 13 ? 0.1438 0.1379 0.1443 -0.0114 -0.0057 0.0225  13 6FL A FAC 
111 F FAD . 6FL A 13 ? 0.1481 0.1447 0.1338 -0.0157 -0.0020 0.0240  13 6FL A FAD 
112 F FAE . 6FL A 13 ? 0.1447 0.1345 0.1352 -0.0189 -0.0007 0.0262  13 6FL A FAE 
113 F FAF . 6FL A 13 ? 0.1835 0.1926 0.1802 -0.0195 0.0093  0.0200  13 6FL A FAF 
114 F FAG . 6FL A 13 ? 0.1109 0.1267 0.1219 -0.0186 0.0048  0.0167  13 6FL A FAG 
115 F FAH . 6FL A 13 ? 0.1636 0.1681 0.1678 -0.0229 0.0062  0.0213  13 6FL A FAH 
116 C CD1 . 6FL A 13 ? 0.1153 0.1120 0.1096 -0.0152 -0.0018 0.0228  13 6FL A CD1 
117 C CD2 . 6FL A 13 ? 0.1189 0.1279 0.1220 -0.0190 0.0054  0.0191  13 6FL A CD2 
118 N N   . GLN A 14 ? 0.0655 0.0792 0.0720 -0.0083 0.0029  0.0103  14 GLN A N   
119 C CA  . GLN A 14 ? 0.0698 0.0856 0.0795 -0.0073 0.0047  0.0093  14 GLN A CA  
120 C C   . GLN A 14 ? 0.0724 0.0875 0.0759 -0.0087 0.0054  0.0093  14 GLN A C   
121 O O   . GLN A 14 ? 0.0750 0.0919 0.0801 -0.0086 0.0053  0.0098  14 GLN A O   
122 C CB  . GLN A 14 ? 0.0771 0.0906 0.0927 -0.0060 0.0093  0.0070  14 GLN A CB  
123 C CG  . GLN A 14 ? 0.0796 0.0968 0.1039 -0.0059 0.0131  0.0062  14 GLN A CG  
124 C CD  . GLN A 14 ? 0.0983 0.1133 0.1304 -0.0048 0.0218  0.0028  14 GLN A CD  
125 O OE1 . GLN A 14 ? 0.1234 0.1365 0.1639 -0.0020 0.0225  0.0015  14 GLN A OE1 
126 N NE2 . GLN A 14 ? 0.1138 0.1274 0.1440 -0.0071 0.0300  0.0011  14 GLN A NE2 
127 N N   . GLU A 15 ? 0.0767 0.0873 0.0726 -0.0106 0.0044  0.0090  15 GLU A N   
128 C CA  . GLU A 15 ? 0.0824 0.0900 0.0714 -0.0120 0.0017  0.0106  15 GLU A CA  
129 C C   . GLU A 15 ? 0.0696 0.0827 0.0669 -0.0106 -0.0024 0.0128  15 GLU A C   
130 O O   . GLU A 15 ? 0.0789 0.0906 0.0764 -0.0099 -0.0043 0.0147  15 GLU A O   
131 C CB  . GLU A 15 ? 0.1124 0.1109 0.0882 -0.0156 -0.0011 0.0098  15 GLU A CB  
132 C CG  . GLU A 15 ? 0.1456 0.1353 0.1105 -0.0170 0.0070  0.0060  15 GLU A CG  
133 C CD  . GLU A 15 ? 0.1682 0.1553 0.1290 -0.0177 0.0133  0.0068  15 GLU A CD  
134 O OE1 . GLU A 15 ? 0.1912 0.1721 0.1401 -0.0202 0.0093  0.0102  15 GLU A OE1 
135 O OE2 . GLU A 15 ? 0.1726 0.1643 0.1447 -0.0158 0.0213  0.0048  15 GLU A OE2 
136 N N   . ARG A 16 ? 0.0657 0.0843 0.0710 -0.0100 -0.0023 0.0126  16 ARG A N   
137 C CA  . ARG A 16 ? 0.0645 0.0885 0.0802 -0.0084 -0.0019 0.0132  16 ARG A CA  
138 C C   . ARG A 16 ? 0.0576 0.0806 0.0720 -0.0065 0.0018  0.0119  16 ARG A C   
139 O O   . ARG A 16 ? 0.0673 0.0903 0.0876 -0.0045 0.0022  0.0117  16 ARG A O   
140 C CB  . ARG A 16 ? 0.0669 0.0954 0.0895 -0.0096 0.0006  0.0132  16 ARG A CB  
141 C CG  . ARG A 16 ? 0.0661 0.0964 0.0951 -0.0123 -0.0050 0.0145  16 ARG A CG  
142 C CD  . ARG A 16 ? 0.0669 0.1008 0.1040 -0.0152 -0.0016 0.0148  16 ARG A CD  
143 N NE  . ARG A 16 ? 0.0675 0.1029 0.1129 -0.0189 -0.0089 0.0158  16 ARG A NE  
144 C CZ  . ARG A 16 ? 0.0585 0.1024 0.1238 -0.0192 -0.0135 0.0174  16 ARG A CZ  
145 N NH1 . ARG A 16 ? 0.0690 0.1201 0.1492 -0.0151 -0.0086 0.0176  16 ARG A NH1 
146 N NH2 . ARG A 16 ? 0.0800 0.1240 0.1517 -0.0236 -0.0237 0.0185  16 ARG A NH2 
147 N N   . LEU A 17 ? 0.0642 0.0855 0.0728 -0.0071 0.0032  0.0107  17 LEU A N   
148 C CA  . LEU A 17 ? 0.0687 0.0878 0.0753 -0.0069 0.0041  0.0091  17 LEU A CA  
149 C C   . LEU A 17 ? 0.0761 0.0925 0.0839 -0.0069 0.0034  0.0096  17 LEU A C   
150 O O   . LEU A 17 ? 0.0811 0.0943 0.0898 -0.0063 0.0040  0.0085  17 LEU A O   
151 C CB  . LEU A 17 ? 0.0677 0.0859 0.0711 -0.0082 0.0021  0.0090  17 LEU A CB  
152 C CG  . LEU A 17 ? 0.0747 0.0907 0.0714 -0.0093 0.0020  0.0096  17 LEU A CG  
153 C CD1 . LEU A 17 ? 0.0954 0.1100 0.0920 -0.0097 -0.0030 0.0119  17 LEU A CD1 
154 C CD2 . LEU A 17 ? 0.1029 0.1135 0.0900 -0.0106 0.0045  0.0071  17 LEU A CD2 
155 N N   . ARG A 18 ? 0.0699 0.0851 0.0754 -0.0080 0.0033  0.0112  18 ARG A N   
156 C CA  . ARG A 18 ? 0.0783 0.0882 0.0804 -0.0095 0.0040  0.0130  18 ARG A CA  
157 C C   . ARG A 18 ? 0.0922 0.0983 0.0952 -0.0078 0.0003  0.0154  18 ARG A C   
158 O O   . ARG A 18 ? 0.1003 0.1010 0.1041 -0.0079 0.0003  0.0164  18 ARG A O   
159 C CB  . ARG A 18 ? 0.0967 0.1025 0.0902 -0.0118 0.0065  0.0137  18 ARG A CB  
160 C CG  . ARG A 18 ? 0.1099 0.1063 0.0932 -0.0150 0.0087  0.0164  18 ARG A CG  
161 C CD  . ARG A 18 ? 0.1453 0.1344 0.1140 -0.0182 0.0134  0.0156  18 ARG A CD  
162 N NE  . ARG A 18 ? 0.1330 0.1090 0.0845 -0.0229 0.0168  0.0187  18 ARG A NE  
163 C CZ  . ARG A 18 ? 0.1593 0.1222 0.0876 -0.0272 0.0190  0.0191  18 ARG A CZ  
164 N NH1 . ARG A 18 ? 0.1625 0.1239 0.0839 -0.0272 0.0170  0.0158  18 ARG A NH1 
165 N NH2 . ARG A 18 ? 0.1668 0.1150 0.0755 -0.0326 0.0230  0.0229  18 ARG A NH2 
166 N N   A LYS A 19 ? 0.0843 0.0931 0.0906 -0.0062 -0.0035 0.0165  19 LYS A N   
167 N N   B LYS A 19 ? 0.0774 0.0859 0.0835 -0.0063 -0.0036 0.0166  19 LYS A N   
168 C CA  A LYS A 19 ? 0.0953 0.1028 0.1100 -0.0036 -0.0088 0.0194  19 LYS A CA  
169 C CA  B LYS A 19 ? 0.0843 0.0913 0.0985 -0.0037 -0.0087 0.0195  19 LYS A CA  
170 C C   A LYS A 19 ? 0.1037 0.1133 0.1308 0.0001  -0.0045 0.0163  19 LYS A C   
171 C C   B LYS A 19 ? 0.0921 0.1013 0.1184 -0.0001 -0.0043 0.0162  19 LYS A C   
172 O O   A LYS A 19 ? 0.1096 0.1144 0.1442 0.0029  -0.0068 0.0181  19 LYS A O   
173 O O   B LYS A 19 ? 0.0959 0.0996 0.1283 0.0024  -0.0061 0.0177  19 LYS A O   
174 C CB  A LYS A 19 ? 0.1171 0.1295 0.1381 -0.0037 -0.0146 0.0211  19 LYS A CB  
175 C CB  B LYS A 19 ? 0.1036 0.1152 0.1239 -0.0037 -0.0147 0.0213  19 LYS A CB  
176 C CG  A LYS A 19 ? 0.1578 0.1624 0.1626 -0.0080 -0.0214 0.0242  19 LYS A CG  
177 C CG  B LYS A 19 ? 0.1082 0.1205 0.1445 -0.0005 -0.0225 0.0252  19 LYS A CG  
178 C CD  A LYS A 19 ? 0.2523 0.2606 0.2626 -0.0096 -0.0293 0.0252  19 LYS A CD  
179 C CD  B LYS A 19 ? 0.1736 0.1910 0.2182 -0.0021 -0.0316 0.0277  19 LYS A CD  
180 C CE  A LYS A 19 ? 0.2803 0.2759 0.2666 -0.0153 -0.0357 0.0268  19 LYS A CE  
181 C CE  B LYS A 19 ? 0.2673 0.2871 0.3348 0.0018  -0.0414 0.0324  19 LYS A CE  
182 N NZ  A LYS A 19 ? 0.3105 0.3075 0.3014 -0.0183 -0.0467 0.0279  19 LYS A NZ  
183 N NZ  B LYS A 19 ? 0.3993 0.4259 0.4802 -0.0007 -0.0527 0.0351  19 LYS A NZ  
184 C C   . 6FL A 20 ? 0.0994 0.1025 0.1249 0.0013  0.0083  0.0052  20 6FL A C   
185 N N   . 6FL A 20 ? 0.0824 0.0964 0.1093 -0.0001 0.0016  0.0118  20 6FL A N   
186 O O   . 6FL A 20 ? 0.1084 0.1058 0.1394 0.0040  0.0118  0.0020  20 6FL A O   
187 C CA  . 6FL A 20 ? 0.0820 0.0944 0.1141 0.0022  0.0077  0.0072  20 6FL A CA  
188 C CB  . 6FL A 20 ? 0.0886 0.1035 0.1151 0.0004  0.0139  0.0036  20 6FL A CB  
189 C CG  . 6FL A 20 ? 0.1113 0.1347 0.1472 0.0003  0.0152  0.0055  20 6FL A CG  
190 F FAC . 6FL A 20 ? 0.1326 0.1488 0.1413 -0.0052 0.0195  0.0026  20 6FL A FAC 
191 F FAD . 6FL A 20 ? 0.1441 0.1621 0.1709 -0.0014 0.0324  -0.0021 20 6FL A FAD 
192 F FAE . 6FL A 20 ? 0.1347 0.1626 0.1661 -0.0043 0.0236  0.0049  20 6FL A FAE 
193 F FAF . 6FL A 20 ? 0.1302 0.1552 0.1955 0.0076  0.0223  0.0024  20 6FL A FAF 
194 F FAG . 6FL A 20 ? 0.1220 0.1511 0.1861 0.0052  0.0055  0.0111  20 6FL A FAG 
195 F FAH . 6FL A 20 ? 0.1361 0.1736 0.2067 0.0029  0.0188  0.0069  20 6FL A FAH 
196 C CD1 . 6FL A 20 ? 0.1259 0.1477 0.1516 -0.0025 0.0229  0.0025  20 6FL A CD1 
197 C CD2 . 6FL A 20 ? 0.1150 0.1442 0.1740 0.0042  0.0156  0.0065  20 6FL A CD2 
198 N N   . ARG A 21 ? 0.0857 0.0872 0.1022 -0.0025 0.0057  0.0065  21 ARG A N   
199 C CA  . ARG A 21 ? 0.0996 0.0933 0.1135 -0.0047 0.0053  0.0052  21 ARG A CA  
200 C C   . ARG A 21 ? 0.1180 0.1039 0.1374 -0.0024 0.0036  0.0085  21 ARG A C   
201 O O   . ARG A 21 ? 0.1304 0.1072 0.1519 -0.0017 0.0050  0.0057  21 ARG A O   
202 C CB  . ARG A 21 ? 0.0911 0.0875 0.1020 -0.0091 0.0038  0.0072  21 ARG A CB  
203 C CG  . ARG A 21 ? 0.0904 0.0912 0.0991 -0.0113 0.0026  0.0042  21 ARG A CG  
204 C CD  . ARG A 21 ? 0.0864 0.0933 0.1006 -0.0139 0.0018  0.0063  21 ARG A CD  
205 N NE  . ARG A 21 ? 0.0922 0.0959 0.1119 -0.0174 0.0032  0.0072  21 ARG A NE  
206 C CZ  . ARG A 21 ? 0.0962 0.1013 0.1196 -0.0195 0.0079  0.0100  21 ARG A CZ  
207 N NH1 . ARG A 21 ? 0.1127 0.1127 0.1392 -0.0236 0.0109  0.0117  21 ARG A NH1 
208 N NH2 . ARG A 21 ? 0.1199 0.1298 0.1424 -0.0181 0.0110  0.0109  21 ARG A NH2 
209 N N   . LYS A 22 ? 0.1078 0.0948 0.1277 -0.0017 -0.0005 0.0146  22 LYS A N   
210 C CA  . LYS A 22 ? 0.1316 0.1090 0.1549 0.0003  -0.0053 0.0200  22 LYS A CA  
211 C C   . LYS A 22 ? 0.1521 0.1297 0.1931 0.0071  -0.0054 0.0181  22 LYS A C   
212 O O   . LYS A 22 ? 0.1737 0.1407 0.2212 0.0098  -0.0065 0.0192  22 LYS A O   
213 C CB  . LYS A 22 ? 0.1520 0.1277 0.1665 -0.0017 -0.0119 0.0272  22 LYS A CB  
214 C CG  . LYS A 22 ? 0.1768 0.1506 0.1749 -0.0081 -0.0082 0.0280  22 LYS A CG  
215 C CD  . LYS A 22 ? 0.2196 0.1893 0.2028 -0.0109 -0.0128 0.0327  22 LYS A CD  
216 C CE  . LYS A 22 ? 0.2178 0.1872 0.1878 -0.0164 -0.0043 0.0306  22 LYS A CE  
217 N NZ  . LYS A 22 ? 0.2304 0.1895 0.1783 -0.0206 -0.0065 0.0340  22 LYS A NZ  
218 N N   . LYS A 23 ? 0.1456 0.1345 0.1966 0.0098  -0.0033 0.0156  23 LYS A N   
219 C CA  . LYS A 23 ? 0.1636 0.1559 0.2375 0.0164  -0.0006 0.0133  23 LYS A CA  
220 C C   . LYS A 23 ? 0.2171 0.2020 0.2924 0.0185  0.0102  0.0048  23 LYS A C   
221 O O   . LYS A 23 ? 0.2201 0.2002 0.3139 0.0246  0.0128  0.0031  23 LYS A O   
222 C CB  . LYS A 23 ? 0.1768 0.1832 0.2617 0.0170  0.0011  0.0127  23 LYS A CB  
223 C CG  . LYS A 23 ? 0.3229 0.3343 0.4122 0.0159  -0.0119 0.0206  23 LYS A CG  
224 C CD  . LYS A 23 ? 0.4839 0.5091 0.5862 0.0151  -0.0104 0.0195  23 LYS A CD  
225 N N   . LEU A 24 ? 0.1997 0.1821 0.2557 0.0135  0.0155  -0.0007 24 LEU A N   
226 C CA  . LEU A 24 ? 0.2181 0.1896 0.2662 0.0128  0.0240  -0.0097 24 LEU A CA  
227 C C   . LEU A 24 ? 0.2548 0.2117 0.3064 0.0142  0.0214  -0.0096 24 LEU A C   
228 O O   . LEU A 24 ? 0.2620 0.2082 0.3194 0.0179  0.0289  -0.0165 24 LEU A O   
229 C CB  . LEU A 24 ? 0.2219 0.1927 0.2468 0.0055  0.0237  -0.0127 24 LEU A CB  
230 C CG  . LEU A 24 ? 0.3021 0.2584 0.3101 0.0017  0.0280  -0.0215 24 LEU A CG  
231 C CD1 . LEU A 24 ? 0.3268 0.2760 0.3338 0.0047  0.0411  -0.0300 24 LEU A CD1 
232 C CD2 . LEU A 24 ? 0.3459 0.3041 0.3350 -0.0053 0.0230  -0.0217 24 LEU A CD2 
233 N N   . ARG A 25 ? 0.2204 0.1749 0.2681 0.0112  0.0123  -0.0018 25 ARG A N   
234 C CA  . ARG A 25 ? 0.2284 0.1672 0.2779 0.0112  0.0093  0.0003  25 ARG A CA  
235 C C   . ARG A 25 ? 0.2707 0.2047 0.3397 0.0187  0.0048  0.0064  25 ARG A C   
236 O O   . ARG A 25 ? 0.2911 0.2096 0.3669 0.0214  0.0052  0.0053  25 ARG A O   
237 C CB  . ARG A 25 ? 0.2301 0.1667 0.2670 0.0034  0.0039  0.0063  25 ARG A CB  
238 C CG  . ARG A 25 ? 0.2308 0.1742 0.2558 -0.0035 0.0057  0.0018  25 ARG A CG  
239 C CD  . ARG A 25 ? 0.2310 0.1703 0.2515 -0.0108 0.0032  0.0062  25 ARG A CD  
240 N NE  . ARG A 25 ? 0.2718 0.1952 0.2933 -0.0137 0.0035  0.0028  25 ARG A NE  
241 C CZ  . ARG A 25 ? 0.3307 0.2448 0.3522 -0.0195 0.0023  0.0076  25 ARG A CZ  
242 N NH1 . ARG A 25 ? 0.3193 0.2377 0.3379 -0.0232 0.0025  0.0159  25 ARG A NH1 
243 N NH2 . ARG A 25 ? 0.3285 0.2267 0.3515 -0.0225 0.0023  0.0037  25 ARG A NH2 
244 N N   . SER A 26 ? 0.2327 0.1782 0.3115 0.0217  -0.0014 0.0133  26 SER A N   
245 C CA  . SER A 26 ? 0.2966 0.2382 0.3966 0.0288  -0.0101 0.0208  26 SER A CA  
246 C C   . SER A 26 ? 0.8182 0.7652 0.9488 0.0382  -0.0030 0.0146  26 SER A C   
247 O O   . SER A 26 ? 0.4146 0.3700 0.5462 0.0382  0.0097  0.0050  26 SER A O   
248 C CB  . SER A 26 ? 0.3369 0.2853 0.4324 0.0265  -0.0229 0.0314  26 SER A CB  
249 O OG  . SER A 26 ? 0.3640 0.3305 0.4657 0.0267  -0.0204 0.0282  26 SER A OG  
250 N N   . GLY B 1  ? 0.1613 0.1522 0.1900 0.0069  -0.0136 -0.0513 1  GLY B N   
251 C CA  . GLY B 1  ? 0.1599 0.1503 0.1906 0.0113  -0.0104 -0.0482 1  GLY B CA  
252 C C   . GLY B 1  ? 0.1409 0.1429 0.1667 0.0121  -0.0060 -0.0435 1  GLY B C   
253 O O   . GLY B 1  ? 0.1322 0.1379 0.1552 0.0084  -0.0060 -0.0371 1  GLY B O   
254 N N   . ASN B 2  ? 0.1370 0.1445 0.1637 0.0164  -0.0013 -0.0478 2  ASN B N   
255 C CA  . ASN B 2  ? 0.1340 0.1514 0.1581 0.0158  0.0049  -0.0443 2  ASN B CA  
256 C C   . ASN B 2  ? 0.1260 0.1464 0.1570 0.0142  0.0025  -0.0362 2  ASN B C   
257 O O   . ASN B 2  ? 0.1179 0.1430 0.1434 0.0110  0.0048  -0.0312 2  ASN B O   
258 C CB  . ASN B 2  ? 0.1589 0.1822 0.1880 0.0193  0.0134  -0.0518 2  ASN B CB  
259 C CG  . ASN B 2  ? 0.2369 0.2553 0.2498 0.0205  0.0185  -0.0594 2  ASN B CG  
260 O OD1 . ASN B 2  ? 0.2591 0.2715 0.2538 0.0187  0.0149  -0.0583 2  ASN B OD1 
261 N ND2 . ASN B 2  ? 0.2174 0.2376 0.2361 0.0244  0.0263  -0.0685 2  ASN B ND2 
262 N N   . ALA B 3  ? 0.1276 0.1428 0.1680 0.0172  -0.0029 -0.0351 3  ALA B N   
263 C CA  . ALA B 3  ? 0.1217 0.1361 0.1636 0.0171  -0.0070 -0.0283 3  ALA B CA  
264 C C   . ALA B 3  ? 0.1181 0.1268 0.1483 0.0115  -0.0072 -0.0208 3  ALA B C   
265 O O   . ALA B 3  ? 0.1110 0.1240 0.1379 0.0093  -0.0062 -0.0162 3  ALA B O   
266 C CB  . ALA B 3  ? 0.1482 0.1523 0.1960 0.0233  -0.0151 -0.0288 3  ALA B CB  
267 N N   . ASP B 4  ? 0.1169 0.1167 0.1439 0.0089  -0.0077 -0.0209 4  ASP B N   
268 C CA  . ASP B 4  ? 0.1204 0.1168 0.1428 0.0031  -0.0060 -0.0161 4  ASP B CA  
269 C C   . ASP B 4  ? 0.0964 0.1051 0.1175 0.0008  -0.0039 -0.0168 4  ASP B C   
270 O O   . ASP B 4  ? 0.0976 0.1085 0.1166 -0.0018 -0.0024 -0.0122 4  ASP B O   
271 C CB  . ASP B 4  ? 0.1577 0.1444 0.1837 -0.0002 -0.0061 -0.0191 4  ASP B CB  
272 C CG  . ASP B 4  ? 0.2835 0.2682 0.3122 -0.0074 -0.0023 -0.0168 4  ASP B CG  
273 O OD1 . ASP B 4  ? 0.3142 0.2954 0.3372 -0.0096 0.0014  -0.0101 4  ASP B OD1 
274 O OD2 . ASP B 4  ? 0.3196 0.3059 0.3579 -0.0108 -0.0028 -0.0228 4  ASP B OD2 
275 N N   . GLU B 5  ? 0.0929 0.1071 0.1124 0.0025  -0.0039 -0.0225 5  GLU B N   
276 C CA  . GLU B 5  ? 0.0904 0.1108 0.1031 0.0019  -0.0037 -0.0226 5  GLU B CA  
277 C C   . GLU B 5  ? 0.0934 0.1186 0.1026 0.0021  -0.0001 -0.0175 5  GLU B C   
278 O O   . GLU B 5  ? 0.0904 0.1176 0.0959 0.0007  -0.0004 -0.0142 5  GLU B O   
279 C CB  . GLU B 5  ? 0.1066 0.1258 0.1105 0.0046  -0.0049 -0.0296 5  GLU B CB  
280 C CG  . GLU B 5  ? 0.1241 0.1389 0.1336 0.0038  -0.0108 -0.0362 5  GLU B CG  
281 C CD  . GLU B 5  ? 0.1337 0.1511 0.1518 0.0004  -0.0156 -0.0362 5  GLU B CD  
282 O OE1 . GLU B 5  ? 0.1440 0.1657 0.1573 0.0011  -0.0176 -0.0338 5  GLU B OE1 
283 O OE2 . GLU B 5  ? 0.1609 0.1755 0.1931 -0.0035 -0.0164 -0.0384 5  GLU B OE2 
284 C C   A 6FL B 6  ? 0.0900 0.1204 0.1062 0.0017  0.0025  -0.0095 6  6FL B C   
285 C C   B 6FL B 6  ? 0.0694 0.0997 0.0857 0.0018  0.0025  -0.0093 6  6FL B C   
286 N N   A 6FL B 6  ? 0.0807 0.1079 0.0943 0.0040  0.0028  -0.0181 6  6FL B N   
287 N N   B 6FL B 6  ? 0.0746 0.1018 0.0882 0.0039  0.0029  -0.0180 6  6FL B N   
288 O O   A 6FL B 6  ? 0.0894 0.1219 0.1025 0.0000  0.0038  -0.0063 6  6FL B O   
289 O O   B 6FL B 6  ? 0.0599 0.0924 0.0737 0.0000  0.0036  -0.0062 6  6FL B O   
290 C CA  A 6FL B 6  ? 0.0820 0.1141 0.0971 0.0032  0.0060  -0.0150 6  6FL B CA  
291 C CA  B 6FL B 6  ? 0.0719 0.1042 0.0870 0.0031  0.0061  -0.0148 6  6FL B CA  
292 C CB  A 6FL B 6  ? 0.0872 0.1238 0.1140 0.0057  0.0088  -0.0196 6  6FL B CB  
293 C CB  B 6FL B 6  ? 0.0760 0.1132 0.1036 0.0055  0.0087  -0.0190 6  6FL B CB  
294 C CG  A 6FL B 6  ? 0.1315 0.1747 0.1626 0.0034  0.0149  -0.0190 6  6FL B CG  
295 C CG  B 6FL B 6  ? 0.0957 0.1355 0.1222 0.0063  0.0170  -0.0250 6  6FL B CG  
296 F FAC A 6FL B 6  ? 0.1600 0.2082 0.1970 0.0046  0.0300  -0.0298 6  6FL B FAC 
297 F FAC B 6FL B 6  ? 0.1295 0.1745 0.1853 0.0129  0.0103  -0.0321 6  6FL B FAC 
298 F FAD A 6FL B 6  ? 0.2200 0.2653 0.2451 -0.0017 0.0336  -0.0203 6  6FL B FAD 
299 F FAD B 6FL B 6  ? 0.1332 0.1881 0.1908 0.0063  0.0238  -0.0309 6  6FL B FAD 
300 F FAE A 6FL B 6  ? 0.2299 0.2655 0.2349 0.0024  0.0250  -0.0210 6  6FL B FAE 
301 F FAE B 6FL B 6  ? 0.1374 0.1862 0.1845 0.0102  0.0281  -0.0383 6  6FL B FAE 
302 F FAF A 6FL B 6  ? 0.2296 0.2841 0.2845 0.0018  0.0185  -0.0220 6  6FL B FAF 
303 F FAF B 6FL B 6  ? 0.1478 0.1859 0.1571 0.0031  0.0351  -0.0277 6  6FL B FAF 
304 F FAG A 6FL B 6  ? 0.1392 0.1911 0.2020 0.0097  0.0107  -0.0284 6  6FL B FAG 
305 F FAG B 6FL B 6  ? 0.1605 0.2015 0.1772 0.0002  0.0259  -0.0183 6  6FL B FAG 
306 F FAH A 6FL B 6  ? 0.1952 0.2388 0.2417 0.0066  0.0023  -0.0173 6  6FL B FAH 
307 F FAH B 6FL B 6  ? 0.1495 0.1802 0.1443 0.0032  0.0203  -0.0202 6  6FL B FAH 
308 C CD1 A 6FL B 6  ? 0.1557 0.1994 0.1804 0.0021  0.0262  -0.0224 6  6FL B CD1 
309 C CD1 B 6FL B 6  ? 0.1203 0.1680 0.1674 0.0089  0.0199  -0.0315 6  6FL B CD1 
310 C CD2 A 6FL B 6  ? 0.1559 0.2049 0.2059 0.0055  0.0113  -0.0217 6  6FL B CD2 
311 C CD2 B 6FL B 6  ? 0.1472 0.1851 0.1588 0.0030  0.0248  -0.0225 6  6FL B CD2 
312 N N   . TYR B 7  ? 0.0765 0.0999 0.0940 0.0026  -0.0013 -0.0083 7  TYR B N   
313 C CA  . TYR B 7  ? 0.0777 0.0948 0.0900 0.0014  -0.0029 -0.0032 7  TYR B CA  
314 C C   . TYR B 7  ? 0.0761 0.0951 0.0852 -0.0024 0.0002  -0.0011 7  TYR B C   
315 O O   . TYR B 7  ? 0.0761 0.0953 0.0816 -0.0032 0.0010  0.0016  7  TYR B O   
316 C CB  . TYR B 7  ? 0.0986 0.1020 0.1066 0.0023  -0.0052 -0.0017 7  TYR B CB  
317 C CG  . TYR B 7  ? 0.1028 0.0930 0.0981 0.0013  -0.0051 0.0039  7  TYR B CG  
318 C CD1 . TYR B 7  ? 0.1199 0.0990 0.1063 0.0063  -0.0119 0.0058  7  TYR B CD1 
319 C CD2 . TYR B 7  ? 0.1099 0.0971 0.1012 -0.0040 0.0017  0.0063  7  TYR B CD2 
320 C CE1 . TYR B 7  ? 0.1321 0.0931 0.0985 0.0061  -0.0117 0.0112  7  TYR B CE1 
321 C CE2 . TYR B 7  ? 0.1304 0.1026 0.1062 -0.0053 0.0052  0.0112  7  TYR B CE2 
322 C CZ  . TYR B 7  ? 0.1439 0.1010 0.1035 -0.0002 -0.0014 0.0143  7  TYR B CZ  
323 O OH  . TYR B 7  ? 0.1833 0.1207 0.1201 -0.0012 0.0025  0.0194  7  TYR B OH  
324 N N   . LYS B 8  ? 0.0684 0.0893 0.0808 -0.0039 0.0008  -0.0039 8  LYS B N   
325 C CA  . LYS B 8  ? 0.0654 0.0903 0.0807 -0.0061 0.0017  -0.0044 8  LYS B CA  
326 C C   . LYS B 8  ? 0.0587 0.0886 0.0698 -0.0044 0.0008  -0.0032 8  LYS B C   
327 O O   . LYS B 8  ? 0.0640 0.0953 0.0763 -0.0051 0.0016  -0.0017 8  LYS B O   
328 C CB  . LYS B 8  ? 0.0736 0.1004 0.0960 -0.0068 -0.0010 -0.0100 8  LYS B CB  
329 C CG  . LYS B 8  ? 0.0928 0.1129 0.1224 -0.0102 0.0011  -0.0116 8  LYS B CG  
330 C CD  . LYS B 8  ? 0.1342 0.1580 0.1741 -0.0108 -0.0037 -0.0196 8  LYS B CD  
331 C CE  . LYS B 8  ? 0.1356 0.1516 0.1847 -0.0148 -0.0019 -0.0229 8  LYS B CE  
332 N NZ  . LYS B 8  ? 0.1304 0.1506 0.1883 -0.0140 -0.0094 -0.0325 8  LYS B NZ  
333 N N   . GLU B 9  ? 0.0611 0.0919 0.0666 -0.0024 0.0005  -0.0041 9  GLU B N   
334 C CA  . GLU B 9  ? 0.0633 0.0940 0.0617 -0.0016 0.0015  -0.0019 9  GLU B CA  
335 C C   . GLU B 9  ? 0.0647 0.0959 0.0654 -0.0030 0.0037  0.0013  9  GLU B C   
336 O O   . GLU B 9  ? 0.0746 0.1044 0.0726 -0.0031 0.0036  0.0035  9  GLU B O   
337 C CB  . GLU B 9  ? 0.0851 0.1131 0.0741 -0.0006 0.0045  -0.0034 9  GLU B CB  
338 C CG  . GLU B 9  ? 0.1103 0.1347 0.0910 0.0020  0.0004  -0.0075 9  GLU B CG  
339 C CD  . GLU B 9  ? 0.1180 0.1399 0.0942 0.0044  -0.0074 -0.0079 9  GLU B CD  
340 O OE1 . GLU B 9  ? 0.1417 0.1589 0.1090 0.0057  -0.0077 -0.0040 9  GLU B OE1 
341 O OE2 . GLU B 9  ? 0.1646 0.1887 0.1476 0.0055  -0.0139 -0.0131 9  GLU B OE2 
342 N N   . LEU B 10 ? 0.0622 0.0941 0.0681 -0.0032 0.0040  0.0010  10 LEU B N   
343 C CA  . LEU B 10 ? 0.0585 0.0898 0.0663 -0.0037 0.0030  0.0023  10 LEU B CA  
344 C C   . LEU B 10 ? 0.0612 0.0886 0.0641 -0.0041 0.0024  0.0044  10 LEU B C   
345 O O   . LEU B 10 ? 0.0682 0.0947 0.0696 -0.0045 0.0026  0.0052  10 LEU B O   
346 C CB  . LEU B 10 ? 0.0682 0.0992 0.0816 -0.0017 -0.0005 0.0002  10 LEU B CB  
347 C CG  . LEU B 10 ? 0.0786 0.1159 0.1031 -0.0009 0.0013  -0.0042 10 LEU B CG  
348 C CD1 . LEU B 10 ? 0.1223 0.1598 0.1565 0.0027  -0.0056 -0.0076 10 LEU B CD1 
349 C CD2 . LEU B 10 ? 0.1060 0.1479 0.1348 -0.0041 0.0081  -0.0050 10 LEU B CD2 
350 N N   . GLU B 11 ? 0.0625 0.0865 0.0640 -0.0045 0.0032  0.0046  11 GLU B N   
351 C CA  . GLU B 11 ? 0.0663 0.0866 0.0647 -0.0058 0.0063  0.0056  11 GLU B CA  
352 C C   . GLU B 11 ? 0.0630 0.0891 0.0671 -0.0057 0.0072  0.0041  11 GLU B C   
353 O O   . GLU B 11 ? 0.0700 0.0947 0.0728 -0.0056 0.0094  0.0040  11 GLU B O   
354 C CB  . GLU B 11 ? 0.0807 0.0949 0.0782 -0.0079 0.0100  0.0058  11 GLU B CB  
355 C CG  . GLU B 11 ? 0.1084 0.1145 0.0982 -0.0099 0.0168  0.0071  11 GLU B CG  
356 C CD  . GLU B 11 ? 0.1229 0.1163 0.1058 -0.0132 0.0237  0.0090  11 GLU B CD  
357 O OE1 . GLU B 11 ? 0.1292 0.1203 0.1158 -0.0139 0.0220  0.0090  11 GLU B OE1 
358 O OE2 . GLU B 11 ? 0.1534 0.1363 0.1246 -0.0151 0.0319  0.0105  11 GLU B OE2 
359 N N   . ASP B 12 ? 0.0620 0.0929 0.0706 -0.0046 0.0044  0.0024  12 ASP B N   
360 C CA  . ASP B 12 ? 0.0625 0.0959 0.0742 -0.0023 0.0017  0.0010  12 ASP B CA  
361 C C   . ASP B 12 ? 0.0661 0.0953 0.0708 -0.0012 0.0014  0.0038  12 ASP B C   
362 O O   . ASP B 12 ? 0.0666 0.0952 0.0738 0.0007  0.0005  0.0030  12 ASP B O   
363 C CB  . ASP B 12 ? 0.0777 0.1119 0.0884 0.0002  -0.0040 -0.0012 12 ASP B CB  
364 C CG  . ASP B 12 ? 0.1057 0.1451 0.1288 -0.0001 -0.0065 -0.0067 12 ASP B CG  
365 O OD1 . ASP B 12 ? 0.1004 0.1425 0.1341 -0.0038 -0.0010 -0.0080 12 ASP B OD1 
366 O OD2 . ASP B 12 ? 0.1192 0.1585 0.1405 0.0031  -0.0139 -0.0101 12 ASP B OD2 
367 C C   . 6FL B 13 ? 0.0654 0.0866 0.0632 -0.0037 0.0036  0.0069  13 6FL B C   
368 N N   . 6FL B 13 ? 0.0644 0.0911 0.0634 -0.0025 0.0024  0.0060  13 6FL B N   
369 O O   . 6FL B 13 ? 0.0716 0.0886 0.0684 -0.0029 0.0033  0.0068  13 6FL B O   
370 C CA  . 6FL B 13 ? 0.0704 0.0924 0.0661 -0.0031 0.0034  0.0079  13 6FL B CA  
371 C CB  . 6FL B 13 ? 0.0802 0.1014 0.0754 -0.0058 0.0066  0.0085  13 6FL B CB  
372 C CG  . 6FL B 13 ? 0.0963 0.1166 0.0855 -0.0055 0.0091  0.0088  13 6FL B CG  
373 F FAC . 6FL B 13 ? 0.0970 0.1267 0.1037 -0.0090 0.0134  0.0044  13 6FL B FAC 
374 F FAD . 6FL B 13 ? 0.1160 0.1340 0.1133 -0.0122 0.0188  0.0088  13 6FL B FAD 
375 F FAE . 6FL B 13 ? 0.1161 0.1347 0.1027 -0.0095 0.0210  0.0076  13 6FL B FAE 
376 F FAF . 6FL B 13 ? 0.1500 0.1505 0.1165 -0.0050 0.0124  0.0147  13 6FL B FAF 
377 F FAG . 6FL B 13 ? 0.1251 0.1355 0.1006 0.0007  0.0012  0.0107  13 6FL B FAG 
378 F FAH . 6FL B 13 ? 0.1504 0.1587 0.1158 -0.0017 0.0082  0.0103  13 6FL B FAH 
379 C CD1 . 6FL B 13 ? 0.0897 0.1116 0.0843 -0.0091 0.0156  0.0076  13 6FL B CD1 
380 C CD2 . 6FL B 13 ? 0.1145 0.1249 0.0890 -0.0029 0.0077  0.0113  13 6FL B CD2 
381 N N   . GLN B 14 ? 0.0685 0.0905 0.0659 -0.0043 0.0038  0.0059  14 GLN B N   
382 C CA  . GLN B 14 ? 0.0704 0.0872 0.0624 -0.0039 0.0036  0.0046  14 GLN B CA  
383 C C   . GLN B 14 ? 0.0765 0.0922 0.0684 -0.0029 0.0075  0.0033  14 GLN B C   
384 O O   . GLN B 14 ? 0.0840 0.0953 0.0722 -0.0019 0.0078  0.0014  14 GLN B O   
385 C CB  . GLN B 14 ? 0.0841 0.0967 0.0695 -0.0037 0.0028  0.0050  14 GLN B CB  
386 C CG  . GLN B 14 ? 0.1032 0.1050 0.0744 -0.0023 0.0018  0.0042  14 GLN B CG  
387 C CD  . GLN B 14 ? 0.1135 0.1051 0.0719 -0.0014 0.0015  0.0063  14 GLN B CD  
388 O OE1 . GLN B 14 ? 0.1504 0.1444 0.1141 -0.0019 0.0014  0.0078  14 GLN B OE1 
389 N NE2 . GLN B 14 ? 0.1391 0.1159 0.0772 0.0003  0.0015  0.0065  14 GLN B NE2 
390 N N   A GLU B 15 ? 0.0792 0.1001 0.0783 -0.0028 0.0101  0.0025  15 GLU B N   
391 N N   B GLU B 15 ? 0.0670 0.0879 0.0659 -0.0029 0.0101  0.0025  15 GLU B N   
392 C CA  A GLU B 15 ? 0.0891 0.1131 0.0967 -0.0017 0.0142  -0.0012 15 GLU B CA  
393 C CA  B GLU B 15 ? 0.0674 0.0909 0.0741 -0.0018 0.0142  -0.0010 15 GLU B CA  
394 C C   A GLU B 15 ? 0.0892 0.1134 0.1012 0.0020  0.0099  -0.0023 15 GLU B C   
395 C C   B GLU B 15 ? 0.0734 0.0974 0.0850 0.0020  0.0098  -0.0023 15 GLU B C   
396 O O   A GLU B 15 ? 0.0889 0.1121 0.1043 0.0038  0.0127  -0.0059 15 GLU B O   
397 O O   B GLU B 15 ? 0.0776 0.1003 0.0924 0.0038  0.0126  -0.0057 15 GLU B O   
398 C CB  A GLU B 15 ? 0.0988 0.1307 0.1200 -0.0026 0.0155  -0.0037 15 GLU B CB  
399 C CB  B GLU B 15 ? 0.0686 0.0993 0.0879 -0.0031 0.0165  -0.0033 15 GLU B CB  
400 C CG  A GLU B 15 ? 0.1901 0.2191 0.2100 -0.0070 0.0238  -0.0037 15 GLU B CG  
401 C CG  B GLU B 15 ? 0.0978 0.1360 0.1350 -0.0018 0.0200  -0.0095 15 GLU B CG  
402 C CD  A GLU B 15 ? 0.4475 0.4840 0.4849 -0.0095 0.0258  -0.0074 15 GLU B CD  
403 C CD  B GLU B 15 ? 0.1839 0.2313 0.2400 -0.0035 0.0202  -0.0139 15 GLU B CD  
404 O OE1 A GLU B 15 ? 0.5124 0.5591 0.5677 -0.0068 0.0208  -0.0126 15 GLU B OE1 
405 O OE1 B GLU B 15 ? 0.1610 0.2077 0.2136 -0.0049 0.0161  -0.0118 15 GLU B OE1 
406 O OE2 A GLU B 15 ? 0.3335 0.3641 0.3670 -0.0137 0.0313  -0.0058 15 GLU B OE2 
407 O OE2 B GLU B 15 ? 0.2193 0.2750 0.2964 -0.0033 0.0245  -0.0210 15 GLU B OE2 
408 N N   . ARG B 16 ? 0.0749 0.0977 0.0846 0.0032  0.0038  0.0005  16 ARG B N   
409 C CA  . ARG B 16 ? 0.0856 0.1027 0.0942 0.0070  -0.0007 0.0009  16 ARG B CA  
410 C C   . ARG B 16 ? 0.0842 0.0936 0.0872 0.0057  0.0010  0.0015  16 ARG B C   
411 O O   . ARG B 16 ? 0.0989 0.1033 0.1040 0.0090  -0.0003 -0.0007 16 ARG B O   
412 C CB  . ARG B 16 ? 0.0914 0.1032 0.0917 0.0082  -0.0054 0.0048  16 ARG B CB  
413 C CG  . ARG B 16 ? 0.1108 0.1286 0.1179 0.0118  -0.0108 0.0017  16 ARG B CG  
414 C CD  . ARG B 16 ? 0.1268 0.1372 0.1198 0.0136  -0.0158 0.0047  16 ARG B CD  
415 N NE  . ARG B 16 ? 0.1376 0.1318 0.1153 0.0177  -0.0200 0.0086  16 ARG B NE  
416 C CZ  . ARG B 16 ? 0.1623 0.1428 0.1189 0.0191  -0.0221 0.0129  16 ARG B CZ  
417 N NH1 . ARG B 16 ? 0.1658 0.1490 0.1162 0.0175  -0.0210 0.0123  16 ARG B NH1 
418 N NH2 . ARG B 16 ? 0.2154 0.1762 0.1541 0.0224  -0.0247 0.0179  16 ARG B NH2 
419 N N   . LEU B 17 ? 0.0838 0.0922 0.0817 0.0016  0.0027  0.0028  17 LEU B N   
420 C CA  . LEU B 17 ? 0.0882 0.0900 0.0832 0.0002  0.0023  0.0011  17 LEU B CA  
421 C C   . LEU B 17 ? 0.1004 0.1004 0.0931 0.0025  0.0047  -0.0036 17 LEU B C   
422 O O   . LEU B 17 ? 0.1062 0.0995 0.0982 0.0041  0.0038  -0.0066 17 LEU B O   
423 C CB  . LEU B 17 ? 0.0849 0.0880 0.0795 -0.0034 0.0010  0.0013  17 LEU B CB  
424 C CG  . LEU B 17 ? 0.0837 0.0868 0.0825 -0.0068 0.0021  0.0041  17 LEU B CG  
425 C CD1 . LEU B 17 ? 0.0982 0.1079 0.1029 -0.0092 0.0014  0.0026  17 LEU B CD1 
426 C CD2 . LEU B 17 ? 0.1159 0.1101 0.1170 -0.0091 0.0027  0.0040  17 LEU B CD2 
427 N N   . ARG B 18 ? 0.0937 0.0977 0.0842 0.0024  0.0090  -0.0047 18 ARG B N   
428 C CA  . ARG B 18 ? 0.1008 0.1008 0.0858 0.0038  0.0152  -0.0092 18 ARG B CA  
429 C C   . ARG B 18 ? 0.1076 0.1108 0.1054 0.0076  0.0173  -0.0135 18 ARG B C   
430 O O   . ARG B 18 ? 0.1188 0.1160 0.1136 0.0098  0.0195  -0.0183 18 ARG B O   
431 C CB  . ARG B 18 ? 0.1171 0.1184 0.0975 0.0016  0.0224  -0.0085 18 ARG B CB  
432 C CG  . ARG B 18 ? 0.1485 0.1419 0.1179 0.0018  0.0327  -0.0126 18 ARG B CG  
433 C CD  . ARG B 18 ? 0.1774 0.1688 0.1420 -0.0019 0.0431  -0.0110 18 ARG B CD  
434 N NE  . ARG B 18 ? 0.1897 0.1721 0.1371 -0.0031 0.0375  -0.0053 18 ARG B NE  
435 C CZ  . ARG B 18 ? 0.1991 0.1875 0.1551 -0.0049 0.0337  -0.0015 18 ARG B CZ  
436 N NH1 . ARG B 18 ? 0.2253 0.2049 0.1670 -0.0045 0.0275  0.0024  18 ARG B NH1 
437 N NH2 . ARG B 18 ? 0.1882 0.1909 0.1672 -0.0059 0.0343  -0.0028 18 ARG B NH2 
438 N N   . LYS B 19 ? 0.0963 0.1081 0.1088 0.0093  0.0150  -0.0128 19 LYS B N   
439 C CA  . LYS B 19 ? 0.1070 0.1221 0.1348 0.0149  0.0133  -0.0178 19 LYS B CA  
440 C C   . LYS B 19 ? 0.1232 0.1272 0.1463 0.0184  0.0067  -0.0170 19 LYS B C   
441 O O   . LYS B 19 ? 0.1302 0.1319 0.1606 0.0232  0.0074  -0.0228 19 LYS B O   
442 C CB  . LYS B 19 ? 0.1183 0.1425 0.1603 0.0172  0.0077  -0.0177 19 LYS B CB  
443 C CG  . LYS B 19 ? 0.1443 0.1801 0.1987 0.0138  0.0155  -0.0214 19 LYS B CG  
444 C CD  . LYS B 19 ? 0.1952 0.2398 0.2639 0.0156  0.0077  -0.0228 19 LYS B CD  
445 C CE  . LYS B 19 ? 0.2139 0.2697 0.2994 0.0107  0.0168  -0.0277 19 LYS B CE  
446 N NZ  . LYS B 19 ? 0.2157 0.2798 0.3158 0.0121  0.0075  -0.0305 19 LYS B NZ  
447 C C   . 6FL B 20 ? 0.1486 0.1254 0.1526 0.0159  0.0002  -0.0141 20 6FL B C   
448 N N   . 6FL B 20 ? 0.1189 0.1150 0.1312 0.0156  0.0016  -0.0104 20 6FL B N   
449 O O   . 6FL B 20 ? 0.1751 0.1418 0.1807 0.0194  -0.0020 -0.0169 20 6FL B O   
450 C CA  . 6FL B 20 ? 0.1311 0.1136 0.1388 0.0170  -0.0027 -0.0090 20 6FL B CA  
451 C CB  . 6FL B 20 ? 0.1560 0.1313 0.1546 0.0123  -0.0045 -0.0016 20 6FL B CB  
452 C CG  . 6FL B 20 ? 0.1948 0.1704 0.1901 0.0145  -0.0081 0.0035  20 6FL B CG  
453 F FAC . 6FL B 20 ? 0.2359 0.2035 0.2132 0.0099  -0.0072 0.0136  20 6FL B FAC 
454 F FAD . 6FL B 20 ? 0.2055 0.1796 0.1939 0.0025  -0.0013 0.0085  20 6FL B FAD 
455 F FAE . 6FL B 20 ? 0.2509 0.2004 0.2280 0.0084  -0.0059 0.0132  20 6FL B FAE 
456 F FAF . 6FL B 20 ? 0.2480 0.2023 0.2423 0.0253  -0.0172 0.0023  20 6FL B FAF 
457 F FAG . 6FL B 20 ? 0.2309 0.2130 0.2438 0.0275  -0.0161 -0.0048 20 6FL B FAG 
458 F FAH . 6FL B 20 ? 0.2551 0.2164 0.2413 0.0256  -0.0209 0.0075  20 6FL B FAH 
459 C CD1 . 6FL B 20 ? 0.2120 0.1788 0.1961 0.0087  -0.0057 0.0101  20 6FL B CD1 
460 C CD2 . 6FL B 20 ? 0.2222 0.1906 0.2193 0.0233  -0.0156 0.0025  20 6FL B CD2 
461 N N   . ARG B 21 ? 0.1358 0.1159 0.1326 0.0120  0.0040  -0.0158 21 ARG B N   
462 C CA  . ARG B 21 ? 0.1493 0.1216 0.1377 0.0121  0.0050  -0.0218 21 ARG B CA  
463 C C   . ARG B 21 ? 0.1690 0.1413 0.1605 0.0173  0.0111  -0.0291 21 ARG B C   
464 O O   . ARG B 21 ? 0.1802 0.1431 0.1691 0.0198  0.0104  -0.0350 21 ARG B O   
465 C CB  . ARG B 21 ? 0.1491 0.1221 0.1250 0.0086  0.0052  -0.0217 21 ARG B CB  
466 C CG  . ARG B 21 ? 0.1529 0.1258 0.1312 0.0041  -0.0016 -0.0183 21 ARG B CG  
467 C CD  . ARG B 21 ? 0.1810 0.1553 0.1496 0.0028  -0.0044 -0.0183 21 ARG B CD  
468 N NE  . ARG B 21 ? 0.2161 0.1796 0.1676 0.0052  -0.0065 -0.0247 21 ARG B NE  
469 C CZ  . ARG B 21 ? 0.2105 0.1681 0.1423 0.0073  -0.0026 -0.0251 21 ARG B CZ  
470 N NH1 . ARG B 21 ? 0.2074 0.1706 0.1388 0.0063  0.0034  -0.0195 21 ARG B NH1 
471 N NH2 . ARG B 21 ? 0.2669 0.2102 0.1769 0.0103  -0.0043 -0.0310 21 ARG B NH2 
472 N N   . LYS B 22 ? 0.1684 0.1517 0.1688 0.0187  0.0176  -0.0300 22 LYS B N   
473 C CA  . LYS B 22 ? 0.1895 0.1767 0.2008 0.0234  0.0257  -0.0384 22 LYS B CA  
474 C C   . LYS B 22 ? 0.2239 0.2078 0.2499 0.0302  0.0184  -0.0414 22 LYS B C   
475 O O   . LYS B 22 ? 0.2412 0.2206 0.2709 0.0348  0.0221  -0.0497 22 LYS B O   
476 C CB  . LYS B 22 ? 0.2085 0.2103 0.2348 0.0223  0.0333  -0.0393 22 LYS B CB  
477 C CG  . LYS B 22 ? 0.2971 0.2978 0.3085 0.0165  0.0444  -0.0380 22 LYS B CG  
478 C CD  . LYS B 22 ? 0.4177 0.4315 0.4489 0.0147  0.0561  -0.0420 22 LYS B CD  
479 C CE  . LYS B 22 ? 0.5664 0.5915 0.6120 0.0127  0.0492  -0.0371 22 LYS B CE  
480 N NZ  . LYS B 22 ? 0.6813 0.7001 0.7068 0.0065  0.0506  -0.0293 22 LYS B NZ  
481 N N   . LYS B 23 ? 0.2155 0.1986 0.2467 0.0316  0.0082  -0.0347 23 LYS B N   
482 C CA  . LYS B 23 ? 0.2419 0.2160 0.2811 0.0390  -0.0009 -0.0353 23 LYS B CA  
483 C C   . LYS B 23 ? 0.2906 0.2465 0.3185 0.0383  -0.0033 -0.0356 23 LYS B C   
484 O O   . LYS B 23 ? 0.2894 0.2366 0.3244 0.0454  -0.0066 -0.0410 23 LYS B O   
485 C CB  . LYS B 23 ? 0.2772 0.2492 0.3153 0.0403  -0.0106 -0.0269 23 LYS B CB  
486 C CG  . LYS B 23 ? 0.3910 0.3801 0.4452 0.0432  -0.0117 -0.0298 23 LYS B CG  
487 C CD  . LYS B 23 ? 0.5243 0.5070 0.5757 0.0486  -0.0249 -0.0243 23 LYS B CD  
488 C CE  . LYS B 23 ? 0.6145 0.6147 0.6840 0.0513  -0.0283 -0.0289 23 LYS B CE  
489 N NZ  . LYS B 23 ? 0.7024 0.7167 0.8033 0.0584  -0.0279 -0.0418 23 LYS B NZ  
490 N N   . LEU B 24 ? 0.2680 0.2184 0.2814 0.0303  -0.0023 -0.0316 24 LEU B N   
491 C CA  . LEU B 24 ? 0.2745 0.2091 0.2809 0.0280  -0.0049 -0.0336 24 LEU B CA  
492 C C   . LEU B 24 ? 0.3067 0.2382 0.3117 0.0316  -0.0009 -0.0449 24 LEU B C   
493 O O   . LEU B 24 ? 0.3112 0.2286 0.3171 0.0345  -0.0041 -0.0495 24 LEU B O   
494 C CB  . LEU B 24 ? 0.2715 0.2053 0.2694 0.0187  -0.0058 -0.0295 24 LEU B CB  
495 C CG  . LEU B 24 ? 0.3321 0.2607 0.3304 0.0134  -0.0083 -0.0200 24 LEU B CG  
496 C CD1 . LEU B 24 ? 0.3360 0.2705 0.3333 0.0053  -0.0078 -0.0192 24 LEU B CD1 
497 C CD2 . LEU B 24 ? 0.3889 0.2968 0.3876 0.0133  -0.0111 -0.0186 24 LEU B CD2 
498 N N   . ARG B 25 ? 0.2631 0.2054 0.2637 0.0315  0.0075  -0.0495 25 ARG B N   
499 C CA  . ARG B 25 ? 0.2917 0.2297 0.2852 0.0349  0.0149  -0.0605 25 ARG B CA  
500 C C   . ARG B 25 ? 0.3678 0.3054 0.3786 0.0435  0.0170  -0.0685 25 ARG B C   
501 O O   . ARG B 25 ? 0.3768 0.3033 0.3832 0.0471  0.0184  -0.0776 25 ARG B O   
502 C CB  . ARG B 25 ? 0.2830 0.2297 0.2661 0.0325  0.0261  -0.0616 25 ARG B CB  
503 C CG  . ARG B 25 ? 0.2856 0.2272 0.2461 0.0265  0.0230  -0.0572 25 ARG B CG  
504 C CD  . ARG B 25 ? 0.2945 0.2418 0.2443 0.0239  0.0332  -0.0547 25 ARG B CD  
505 N NE  . ARG B 25 ? 0.3087 0.2506 0.2471 0.0265  0.0481  -0.0631 25 ARG B NE  
506 C CZ  . ARG B 25 ? 0.3764 0.3030 0.2820 0.0258  0.0531  -0.0660 25 ARG B CZ  
507 N NH1 . ARG B 25 ? 0.3422 0.2588 0.2261 0.0238  0.0415  -0.0616 25 ARG B NH1 
508 N NH2 . ARG B 25 ? 0.3800 0.2998 0.2735 0.0278  0.0699  -0.0738 25 ARG B NH2 
509 N N   . SER B 26 ? 0.3248 0.2740 0.3563 0.0478  0.0157  -0.0662 26 SER B N   
510 C CA  . SER B 26 ? 0.6244 0.5752 0.6778 0.0579  0.0152  -0.0749 26 SER B CA  
511 C C   . SER B 26 ? 0.9616 0.8977 1.0196 0.0634  0.0004  -0.0701 26 SER B C   
512 O O   . SER B 26 ? 0.4834 0.4134 0.5552 0.0730  -0.0032 -0.0777 26 SER B O   
513 C CB  . SER B 26 ? 0.6564 0.6287 0.7335 0.0607  0.0214  -0.0788 26 SER B CB  
514 O OG  . SER B 26 ? 0.7760 0.7567 0.8501 0.0571  0.0393  -0.0862 26 SER B OG  
# 
